data_1ZFP
# 
_entry.id   1ZFP 
# 
_audit_conform.dict_name       mmcif_pdbx.dic 
_audit_conform.dict_version    5.381 
_audit_conform.dict_location   http://mmcif.pdb.org/dictionaries/ascii/mmcif_pdbx.dic 
# 
loop_
_database_2.database_id 
_database_2.database_code 
_database_2.pdbx_database_accession 
_database_2.pdbx_DOI 
PDB   1ZFP         pdb_00001zfp 10.2210/pdb1zfp/pdb 
WWPDB D_1000177474 ?            ?                   
# 
_pdbx_database_status.status_code                     REL 
_pdbx_database_status.entry_id                        1ZFP 
_pdbx_database_status.recvd_initial_deposition_date   1998-03-26 
_pdbx_database_status.deposit_site                    ? 
_pdbx_database_status.process_site                    BNL 
_pdbx_database_status.SG_entry                        . 
_pdbx_database_status.pdb_format_compatible           Y 
_pdbx_database_status.status_code_mr                  ? 
_pdbx_database_status.status_code_sf                  ? 
_pdbx_database_status.status_code_cs                  ? 
_pdbx_database_status.methods_development_category    ? 
_pdbx_database_status.status_code_nmr_data            ? 
# 
_audit_author.name           'Rahuel, J.' 
_audit_author.pdbx_ordinal   1 
# 
_citation.id                        primary 
_citation.title                     'Structural basis for the high affinity of amino-aromatic SH2 phosphopeptide ligands.' 
_citation.journal_abbrev            J.Mol.Biol. 
_citation.journal_volume            279 
_citation.page_first                1013 
_citation.page_last                 1022 
_citation.year                      1998 
_citation.journal_id_ASTM           JMOBAK 
_citation.country                   UK 
_citation.journal_id_ISSN           0022-2836 
_citation.journal_id_CSD            0070 
_citation.book_publisher            ? 
_citation.pdbx_database_id_PubMed   9642078 
_citation.pdbx_database_id_DOI      10.1006/jmbi.1998.1790 
# 
loop_
_citation_author.citation_id 
_citation_author.name 
_citation_author.ordinal 
_citation_author.identifier_ORCID 
primary 'Rahuel, J.'            1 ? 
primary 'Garcia-Echeverria, C.' 2 ? 
primary 'Furet, P.'             3 ? 
primary 'Strauss, A.'           4 ? 
primary 'Caravatti, G.'         5 ? 
primary 'Fretz, H.'             6 ? 
primary 'Schoepfer, J.'         7 ? 
primary 'Gay, B.'               8 ? 
# 
_cell.entry_id           1ZFP 
_cell.length_a           49.900 
_cell.length_b           113.700 
_cell.length_c           46.600 
_cell.angle_alpha        90.00 
_cell.angle_beta         90.00 
_cell.angle_gamma        90.00 
_cell.Z_PDB              8 
_cell.pdbx_unique_axis   ? 
# 
_symmetry.entry_id                         1ZFP 
_symmetry.space_group_name_H-M             'C 2 2 21' 
_symmetry.pdbx_full_space_group_name_H-M   ? 
_symmetry.cell_setting                     ? 
_symmetry.Int_Tables_number                20 
# 
loop_
_entity.id 
_entity.type 
_entity.src_method 
_entity.pdbx_description 
_entity.formula_weight 
_entity.pdbx_number_of_molecules 
_entity.pdbx_ec 
_entity.pdbx_mutation 
_entity.pdbx_fragment 
_entity.details 
1 polymer     man 'GROWTH FACTOR RECEPTOR BINDING PROTEIN'           11443.959 1   ? ? SH2       ? 
2 polymer     man 'EPIDERMAL GROWTH FACTOR RECEPTOR-DERIVED PEPTIDE' 862.800   1   ? ? 1067-1071 ? 
3 non-polymer syn 'ZINC ION'                                         65.409    1   ? ? ?         ? 
4 water       nat water                                              18.015    101 ? ? ?         ? 
# 
loop_
_entity_name_com.entity_id 
_entity_name_com.name 
1 GRB2-SH2                                                                 
2 '2-ABZ-GLU-TYR(PO3H2)-ILE-ASN-GLN-NH2, WITH 2-ABZ BEING 2-AMINO-BENZOYL' 
# 
loop_
_entity_poly.entity_id 
_entity_poly.type 
_entity_poly.nstd_linkage 
_entity_poly.nstd_monomer 
_entity_poly.pdbx_seq_one_letter_code 
_entity_poly.pdbx_seq_one_letter_code_can 
_entity_poly.pdbx_strand_id 
_entity_poly.pdbx_target_identifier 
1 'polypeptide(L)' no no  
;KPHPWFFGKIPRAKAEEMLSKQRHDGAFLIRESESAPGDFSLSVKFGNDVQHFKVLRDGAGKYFLWVVKFNSLNELVDYH
RSTSVSRNQQIFLRDIEQ
;
;KPHPWFFGKIPRAKAEEMLSKQRHDGAFLIRESESAPGDFSLSVKFGNDVQHFKVLRDGAGKYFLWVVKFNSLNELVDYH
RSTSVSRNQQIFLRDIEQ
;
E ? 
2 'polypeptide(L)' no yes '(BE2)E(PTR)INQ(NH2)'                                                                                 
XEYINQX                                                                                               I ? 
# 
loop_
_entity_poly_seq.entity_id 
_entity_poly_seq.num 
_entity_poly_seq.mon_id 
_entity_poly_seq.hetero 
1 1  LYS n 
1 2  PRO n 
1 3  HIS n 
1 4  PRO n 
1 5  TRP n 
1 6  PHE n 
1 7  PHE n 
1 8  GLY n 
1 9  LYS n 
1 10 ILE n 
1 11 PRO n 
1 12 ARG n 
1 13 ALA n 
1 14 LYS n 
1 15 ALA n 
1 16 GLU n 
1 17 GLU n 
1 18 MET n 
1 19 LEU n 
1 20 SER n 
1 21 LYS n 
1 22 GLN n 
1 23 ARG n 
1 24 HIS n 
1 25 ASP n 
1 26 GLY n 
1 27 ALA n 
1 28 PHE n 
1 29 LEU n 
1 30 ILE n 
1 31 ARG n 
1 32 GLU n 
1 33 SER n 
1 34 GLU n 
1 35 SER n 
1 36 ALA n 
1 37 PRO n 
1 38 GLY n 
1 39 ASP n 
1 40 PHE n 
1 41 SER n 
1 42 LEU n 
1 43 SER n 
1 44 VAL n 
1 45 LYS n 
1 46 PHE n 
1 47 GLY n 
1 48 ASN n 
1 49 ASP n 
1 50 VAL n 
1 51 GLN n 
1 52 HIS n 
1 53 PHE n 
1 54 LYS n 
1 55 VAL n 
1 56 LEU n 
1 57 ARG n 
1 58 ASP n 
1 59 GLY n 
1 60 ALA n 
1 61 GLY n 
1 62 LYS n 
1 63 TYR n 
1 64 PHE n 
1 65 LEU n 
1 66 TRP n 
1 67 VAL n 
1 68 VAL n 
1 69 LYS n 
1 70 PHE n 
1 71 ASN n 
1 72 SER n 
1 73 LEU n 
1 74 ASN n 
1 75 GLU n 
1 76 LEU n 
1 77 VAL n 
1 78 ASP n 
1 79 TYR n 
1 80 HIS n 
1 81 ARG n 
1 82 SER n 
1 83 THR n 
1 84 SER n 
1 85 VAL n 
1 86 SER n 
1 87 ARG n 
1 88 ASN n 
1 89 GLN n 
1 90 GLN n 
1 91 ILE n 
1 92 PHE n 
1 93 LEU n 
1 94 ARG n 
1 95 ASP n 
1 96 ILE n 
1 97 GLU n 
1 98 GLN n 
2 1  BE2 n 
2 2  GLU n 
2 3  PTR n 
2 4  ILE n 
2 5  ASN n 
2 6  GLN n 
2 7  NH2 n 
# 
_entity_src_gen.entity_id                          1 
_entity_src_gen.pdbx_src_id                        1 
_entity_src_gen.pdbx_alt_source_flag               sample 
_entity_src_gen.pdbx_seq_type                      ? 
_entity_src_gen.pdbx_beg_seq_num                   ? 
_entity_src_gen.pdbx_end_seq_num                   ? 
_entity_src_gen.gene_src_common_name               human 
_entity_src_gen.gene_src_genus                     Homo 
_entity_src_gen.pdbx_gene_src_gene                 'THE PROTEIN WAS EXPRESSED AS A' 
_entity_src_gen.gene_src_species                   ? 
_entity_src_gen.gene_src_strain                    ? 
_entity_src_gen.gene_src_tissue                    ? 
_entity_src_gen.gene_src_tissue_fraction           ? 
_entity_src_gen.gene_src_details                   ? 
_entity_src_gen.pdbx_gene_src_fragment             ? 
_entity_src_gen.pdbx_gene_src_scientific_name      'Homo sapiens' 
_entity_src_gen.pdbx_gene_src_ncbi_taxonomy_id     9606 
_entity_src_gen.pdbx_gene_src_variant              ? 
_entity_src_gen.pdbx_gene_src_cell_line            ? 
_entity_src_gen.pdbx_gene_src_atcc                 ? 
_entity_src_gen.pdbx_gene_src_organ                ? 
_entity_src_gen.pdbx_gene_src_organelle            ? 
_entity_src_gen.pdbx_gene_src_cell                 ? 
_entity_src_gen.pdbx_gene_src_cellular_location    ? 
_entity_src_gen.host_org_common_name               ? 
_entity_src_gen.pdbx_host_org_scientific_name      'Escherichia coli' 
_entity_src_gen.pdbx_host_org_ncbi_taxonomy_id     562 
_entity_src_gen.host_org_genus                     Escherichia 
_entity_src_gen.pdbx_host_org_gene                 
'THE PROTEIN WAS EXPRESSED AS A FUSION PROTEIN WITH GLUTATHIONE-S-TRANSFERASE (GST) AND CLEAVED USING FACTOR X' 
_entity_src_gen.pdbx_host_org_organ                ? 
_entity_src_gen.host_org_species                   ? 
_entity_src_gen.pdbx_host_org_tissue               ? 
_entity_src_gen.pdbx_host_org_tissue_fraction      ? 
_entity_src_gen.pdbx_host_org_strain               ? 
_entity_src_gen.pdbx_host_org_variant              ? 
_entity_src_gen.pdbx_host_org_cell_line            ? 
_entity_src_gen.pdbx_host_org_atcc                 ? 
_entity_src_gen.pdbx_host_org_culture_collection   ? 
_entity_src_gen.pdbx_host_org_cell                 ? 
_entity_src_gen.pdbx_host_org_organelle            ? 
_entity_src_gen.pdbx_host_org_cellular_location    ? 
_entity_src_gen.pdbx_host_org_vector_type          ? 
_entity_src_gen.pdbx_host_org_vector               ? 
_entity_src_gen.host_org_details                   ? 
_entity_src_gen.expression_system_id               ? 
_entity_src_gen.plasmid_name                       ? 
_entity_src_gen.plasmid_details                    ? 
_entity_src_gen.pdbx_description                   ? 
# 
loop_
_struct_ref.id 
_struct_ref.db_name 
_struct_ref.db_code 
_struct_ref.entity_id 
_struct_ref.pdbx_db_accession 
_struct_ref.pdbx_align_begin 
_struct_ref.pdbx_seq_one_letter_code 
_struct_ref.pdbx_db_isoform 
1 UNP GRB2_HUMAN 1 P29354 1 
;MEAIAKYDFKATADDELSFKRGDILKVLNEECDQNWYKAELNGKDGFIPKNYIEMKPHPWFFGKIPRAKAEEMLSKQRHD
GAFLIRESESAPGDFSLSVKFGNDVQHFKVLRDGAGKYFLWVVKFNSLNELVDYHRSTSVSRNQQIFLRDIEQVPQQPTY
VQALFDFDPQEDGELGFRRGDFIHVMDNSDPNWWKGACHGQTGMFPRNYVTPVNRNV
;
? 
2 PDB 1ZFP       2 1ZFP   ? ? ? 
# 
loop_
_struct_ref_seq.align_id 
_struct_ref_seq.ref_id 
_struct_ref_seq.pdbx_PDB_id_code 
_struct_ref_seq.pdbx_strand_id 
_struct_ref_seq.seq_align_beg 
_struct_ref_seq.pdbx_seq_align_beg_ins_code 
_struct_ref_seq.seq_align_end 
_struct_ref_seq.pdbx_seq_align_end_ins_code 
_struct_ref_seq.pdbx_db_accession 
_struct_ref_seq.db_align_beg 
_struct_ref_seq.pdbx_db_align_beg_ins_code 
_struct_ref_seq.db_align_end 
_struct_ref_seq.pdbx_db_align_end_ins_code 
_struct_ref_seq.pdbx_auth_seq_align_beg 
_struct_ref_seq.pdbx_auth_seq_align_end 
1 1 1ZFP E 1 ? 98 ? P29354 56 ? 153 ? 56 153 
2 2 1ZFP I 1 ? 7  ? 1ZFP   1  ? 7   ? 1  7   
# 
loop_
_chem_comp.id 
_chem_comp.type 
_chem_comp.mon_nstd_flag 
_chem_comp.name 
_chem_comp.pdbx_synonyms 
_chem_comp.formula 
_chem_comp.formula_weight 
ALA 'L-peptide linking' y ALANINE               ?                 'C3 H7 N O2'     89.093  
ARG 'L-peptide linking' y ARGININE              ?                 'C6 H15 N4 O2 1' 175.209 
ASN 'L-peptide linking' y ASPARAGINE            ?                 'C4 H8 N2 O3'    132.118 
ASP 'L-peptide linking' y 'ASPARTIC ACID'       ?                 'C4 H7 N O4'     133.103 
BE2 'L-peptide linking' . '2-AMINOBENZOIC ACID' ?                 'C7 H7 N O2'     137.136 
GLN 'L-peptide linking' y GLUTAMINE             ?                 'C5 H10 N2 O3'   146.144 
GLU 'L-peptide linking' y 'GLUTAMIC ACID'       ?                 'C5 H9 N O4'     147.129 
GLY 'peptide linking'   y GLYCINE               ?                 'C2 H5 N O2'     75.067  
HIS 'L-peptide linking' y HISTIDINE             ?                 'C6 H10 N3 O2 1' 156.162 
HOH non-polymer         . WATER                 ?                 'H2 O'           18.015  
ILE 'L-peptide linking' y ISOLEUCINE            ?                 'C6 H13 N O2'    131.173 
LEU 'L-peptide linking' y LEUCINE               ?                 'C6 H13 N O2'    131.173 
LYS 'L-peptide linking' y LYSINE                ?                 'C6 H15 N2 O2 1' 147.195 
MET 'L-peptide linking' y METHIONINE            ?                 'C5 H11 N O2 S'  149.211 
NH2 non-polymer         . 'AMINO GROUP'         ?                 'H2 N'           16.023  
PHE 'L-peptide linking' y PHENYLALANINE         ?                 'C9 H11 N O2'    165.189 
PRO 'L-peptide linking' y PROLINE               ?                 'C5 H9 N O2'     115.130 
PTR 'L-peptide linking' n O-PHOSPHOTYROSINE     PHOSPHONOTYROSINE 'C9 H12 N O6 P'  261.168 
SER 'L-peptide linking' y SERINE                ?                 'C3 H7 N O3'     105.093 
THR 'L-peptide linking' y THREONINE             ?                 'C4 H9 N O3'     119.119 
TRP 'L-peptide linking' y TRYPTOPHAN            ?                 'C11 H12 N2 O2'  204.225 
TYR 'L-peptide linking' y TYROSINE              ?                 'C9 H11 N O3'    181.189 
VAL 'L-peptide linking' y VALINE                ?                 'C5 H11 N O2'    117.146 
ZN  non-polymer         . 'ZINC ION'            ?                 'Zn 2'           65.409  
# 
_exptl.entry_id          1ZFP 
_exptl.method            'X-RAY DIFFRACTION' 
_exptl.crystals_number   1 
# 
_exptl_crystal.id                    1 
_exptl_crystal.density_meas          ? 
_exptl_crystal.density_Matthews      2.73 
_exptl_crystal.density_percent_sol   55 
_exptl_crystal.description           'THE MODEL WAS SUBSTANTIALLY TRUNCATED' 
# 
_exptl_crystal_grow.crystal_id      1 
_exptl_crystal_grow.method          ? 
_exptl_crystal_grow.temp            ? 
_exptl_crystal_grow.temp_details    ? 
_exptl_crystal_grow.pH              7.5 
_exptl_crystal_grow.pdbx_pH_range   ? 
_exptl_crystal_grow.pdbx_details    'pH 7.5' 
# 
_diffrn.id                     1 
_diffrn.ambient_temp           293 
_diffrn.ambient_temp_details   ? 
_diffrn.crystal_id             1 
# 
_diffrn_detector.diffrn_id              1 
_diffrn_detector.detector               DIFFRACTOMETER 
_diffrn_detector.type                   'ENRAF-NONIUS FAST' 
_diffrn_detector.pdbx_collection_date   1994-10-21 
_diffrn_detector.details                ? 
# 
_diffrn_radiation.diffrn_id                        1 
_diffrn_radiation.wavelength_id                    1 
_diffrn_radiation.pdbx_monochromatic_or_laue_m_l   M 
_diffrn_radiation.monochromator                    YES 
_diffrn_radiation.pdbx_diffrn_protocol             ? 
_diffrn_radiation.pdbx_scattering_type             x-ray 
# 
_diffrn_radiation_wavelength.id           1 
_diffrn_radiation_wavelength.wavelength   1.5418 
_diffrn_radiation_wavelength.wt           1.0 
# 
_diffrn_source.diffrn_id                   1 
_diffrn_source.source                      'ROTATING ANODE' 
_diffrn_source.type                        'ENRAF-NONIUS FR571' 
_diffrn_source.pdbx_synchrotron_site       ? 
_diffrn_source.pdbx_synchrotron_beamline   ? 
_diffrn_source.pdbx_wavelength             1.5418 
_diffrn_source.pdbx_wavelength_list        ? 
# 
_reflns.entry_id                     1ZFP 
_reflns.observed_criterion_sigma_I   ? 
_reflns.observed_criterion_sigma_F   ? 
_reflns.d_resolution_low             30.0 
_reflns.d_resolution_high            1.80 
_reflns.number_obs                   12572 
_reflns.number_all                   ? 
_reflns.percent_possible_obs         99 
_reflns.pdbx_Rmerge_I_obs            0.0930000 
_reflns.pdbx_Rsym_value              ? 
_reflns.pdbx_netI_over_sigmaI        4.6 
_reflns.B_iso_Wilson_estimate        ? 
_reflns.pdbx_redundancy              5.6 
_reflns.pdbx_diffrn_id               1 
_reflns.pdbx_ordinal                 1 
# 
_reflns_shell.d_res_high             1.80 
_reflns_shell.d_res_low              1.85 
_reflns_shell.percent_possible_all   98 
_reflns_shell.Rmerge_I_obs           0.4400000 
_reflns_shell.pdbx_Rsym_value        ? 
_reflns_shell.meanI_over_sigI_obs    1.7 
_reflns_shell.pdbx_redundancy        4.2 
_reflns_shell.pdbx_diffrn_id         ? 
_reflns_shell.pdbx_ordinal           1 
# 
_refine.entry_id                                 1ZFP 
_refine.ls_number_reflns_obs                     12205 
_refine.ls_number_reflns_all                     12205 
_refine.pdbx_ls_sigma_I                          ? 
_refine.pdbx_ls_sigma_F                          0.0 
_refine.pdbx_data_cutoff_high_absF               ? 
_refine.pdbx_data_cutoff_low_absF                ? 
_refine.pdbx_data_cutoff_high_rms_absF           ? 
_refine.ls_d_res_low                             6.0 
_refine.ls_d_res_high                            1.8 
_refine.ls_percent_reflns_obs                    99.3 
_refine.ls_R_factor_obs                          ? 
_refine.ls_R_factor_all                          0.1770000 
_refine.ls_R_factor_R_work                       ? 
_refine.ls_R_factor_R_free                       ? 
_refine.ls_R_factor_R_free_error                 ? 
_refine.ls_R_factor_R_free_error_details         ? 
_refine.ls_percent_reflns_R_free                 ? 
_refine.ls_number_reflns_R_free                  ? 
_refine.ls_number_parameters                     ? 
_refine.ls_number_restraints                     ? 
_refine.occupancy_min                            ? 
_refine.occupancy_max                            ? 
_refine.B_iso_mean                               ? 
_refine.aniso_B[1][1]                            ? 
_refine.aniso_B[2][2]                            ? 
_refine.aniso_B[3][3]                            ? 
_refine.aniso_B[1][2]                            ? 
_refine.aniso_B[1][3]                            ? 
_refine.aniso_B[2][3]                            ? 
_refine.solvent_model_details                    ? 
_refine.solvent_model_param_ksol                 ? 
_refine.solvent_model_param_bsol                 ? 
_refine.pdbx_ls_cross_valid_method               ? 
_refine.details                                  ? 
_refine.pdbx_starting_model                      '1LCJ (LCK-SH2)' 
_refine.pdbx_method_to_determine_struct          'MOLECULAR REPLACEMENT' 
_refine.pdbx_isotropic_thermal_model             ? 
_refine.pdbx_stereochemistry_target_values       ? 
_refine.pdbx_stereochem_target_val_spec_case     ? 
_refine.pdbx_R_Free_selection_details            ? 
_refine.pdbx_overall_ESU_R                       ? 
_refine.pdbx_overall_ESU_R_Free                  ? 
_refine.overall_SU_ML                            ? 
_refine.overall_SU_B                             ? 
_refine.pdbx_refine_id                           'X-RAY DIFFRACTION' 
_refine.pdbx_diffrn_id                           1 
_refine.pdbx_TLS_residual_ADP_flag               ? 
_refine.correlation_coeff_Fo_to_Fc               ? 
_refine.correlation_coeff_Fo_to_Fc_free          ? 
_refine.pdbx_solvent_vdw_probe_radii             ? 
_refine.pdbx_solvent_ion_probe_radii             ? 
_refine.pdbx_solvent_shrinkage_radii             ? 
_refine.pdbx_overall_phase_error                 ? 
_refine.overall_SU_R_Cruickshank_DPI             ? 
_refine.pdbx_overall_SU_R_free_Cruickshank_DPI   ? 
_refine.pdbx_overall_SU_R_Blow_DPI               ? 
_refine.pdbx_overall_SU_R_free_Blow_DPI          ? 
# 
_refine_hist.pdbx_refine_id                   'X-RAY DIFFRACTION' 
_refine_hist.cycle_id                         LAST 
_refine_hist.pdbx_number_atoms_protein        807 
_refine_hist.pdbx_number_atoms_nucleic_acid   0 
_refine_hist.pdbx_number_atoms_ligand         1 
_refine_hist.number_atoms_solvent             101 
_refine_hist.number_atoms_total               909 
_refine_hist.d_res_high                       1.8 
_refine_hist.d_res_low                        6.0 
# 
loop_
_refine_ls_restr.type 
_refine_ls_restr.dev_ideal 
_refine_ls_restr.dev_ideal_target 
_refine_ls_restr.weight 
_refine_ls_restr.number 
_refine_ls_restr.pdbx_refine_id 
_refine_ls_restr.pdbx_restraint_function 
t_bond_d           0.011  ? ? 890  'X-RAY DIFFRACTION' ? 
t_angle_deg        1.425  ? ? 1191 'X-RAY DIFFRACTION' ? 
t_dihedral_angle_d 22.481 ? ? 512  'X-RAY DIFFRACTION' ? 
t_incorr_chiral_ct 0      ? ? ?    'X-RAY DIFFRACTION' ? 
t_pseud_angle      ?      ? ? ?    'X-RAY DIFFRACTION' ? 
t_trig_c_planes    0.002  ? ? 22   'X-RAY DIFFRACTION' ? 
t_gen_planes       0.010  ? ? 128  'X-RAY DIFFRACTION' ? 
t_it               ?      ? ? ?    'X-RAY DIFFRACTION' ? 
t_nbd              0.050  ? ? 7    'X-RAY DIFFRACTION' ? 
# 
_pdbx_refine.entry_id                                    1ZFP 
_pdbx_refine.R_factor_all_no_cutoff                      0.1770000 
_pdbx_refine.R_factor_obs_no_cutoff                      ? 
_pdbx_refine.free_R_factor_no_cutoff                     ? 
_pdbx_refine.free_R_val_test_set_size_perc_no_cutoff     ? 
_pdbx_refine.free_R_val_test_set_ct_no_cutoff            ? 
_pdbx_refine.R_factor_all_4sig_cutoff                    ? 
_pdbx_refine.R_factor_obs_4sig_cutoff                    ? 
_pdbx_refine.free_R_factor_4sig_cutoff                   ? 
_pdbx_refine.free_R_val_test_set_size_perc_4sig_cutoff   ? 
_pdbx_refine.free_R_val_test_set_ct_4sig_cutoff          ? 
_pdbx_refine.number_reflns_obs_4sig_cutoff               ? 
_pdbx_refine.pdbx_refine_id                              'X-RAY DIFFRACTION' 
_pdbx_refine.free_R_error_no_cutoff                      ? 
# 
_struct.entry_id                  1ZFP 
_struct.title                     'GROWTH FACTOR RECEPTOR BINDING PROTEIN SH2 DOMAIN COMPLEXED WITH A PHOSPHOTYROSYL PENTAPEPTIDE' 
_struct.pdbx_model_details        ? 
_struct.pdbx_CASP_flag            ? 
_struct.pdbx_model_type_details   ? 
# 
_struct_keywords.entry_id        1ZFP 
_struct_keywords.pdbx_keywords   'COMPLEX (SIGNAL TRANSDUCTION/PEPTIDE)' 
_struct_keywords.text            
;SIGNAL TRANSDUCTION, SH2 DOMAIN, PHOSPHOTYROSYL PEPTIDE, COMPLEX (SIGNAL TRANSDUCTION-PEPTIDE), COMPLEX (SIGNAL TRANSDUCTION-PEPTIDE) complex
;
# 
loop_
_struct_asym.id 
_struct_asym.pdbx_blank_PDB_chainid_flag 
_struct_asym.pdbx_modified 
_struct_asym.entity_id 
_struct_asym.details 
A N N 1 ? 
B N N 2 ? 
C N N 3 ? 
D N N 4 ? 
E N N 4 ? 
# 
_struct_biol.id   1 
# 
loop_
_struct_conf.conf_type_id 
_struct_conf.id 
_struct_conf.pdbx_PDB_helix_id 
_struct_conf.beg_label_comp_id 
_struct_conf.beg_label_asym_id 
_struct_conf.beg_label_seq_id 
_struct_conf.pdbx_beg_PDB_ins_code 
_struct_conf.end_label_comp_id 
_struct_conf.end_label_asym_id 
_struct_conf.end_label_seq_id 
_struct_conf.pdbx_end_PDB_ins_code 
_struct_conf.beg_auth_comp_id 
_struct_conf.beg_auth_asym_id 
_struct_conf.beg_auth_seq_id 
_struct_conf.end_auth_comp_id 
_struct_conf.end_auth_asym_id 
_struct_conf.end_auth_seq_id 
_struct_conf.pdbx_PDB_helix_class 
_struct_conf.details 
_struct_conf.pdbx_PDB_helix_length 
HELX_P HELX_P1 1 PRO A 11 ? SER A 20 ? PRO E 66  SER E 75  1 ? 10 
HELX_P HELX_P2 2 SER A 72 ? THR A 83 ? SER E 127 THR E 138 1 ? 12 
# 
_struct_conf_type.id          HELX_P 
_struct_conf_type.criteria    ? 
_struct_conf_type.reference   ? 
# 
loop_
_struct_conn.id 
_struct_conn.conn_type_id 
_struct_conn.pdbx_leaving_atom_flag 
_struct_conn.pdbx_PDB_id 
_struct_conn.ptnr1_label_asym_id 
_struct_conn.ptnr1_label_comp_id 
_struct_conn.ptnr1_label_seq_id 
_struct_conn.ptnr1_label_atom_id 
_struct_conn.pdbx_ptnr1_label_alt_id 
_struct_conn.pdbx_ptnr1_PDB_ins_code 
_struct_conn.pdbx_ptnr1_standard_comp_id 
_struct_conn.ptnr1_symmetry 
_struct_conn.ptnr2_label_asym_id 
_struct_conn.ptnr2_label_comp_id 
_struct_conn.ptnr2_label_seq_id 
_struct_conn.ptnr2_label_atom_id 
_struct_conn.pdbx_ptnr2_label_alt_id 
_struct_conn.pdbx_ptnr2_PDB_ins_code 
_struct_conn.ptnr1_auth_asym_id 
_struct_conn.ptnr1_auth_comp_id 
_struct_conn.ptnr1_auth_seq_id 
_struct_conn.ptnr2_auth_asym_id 
_struct_conn.ptnr2_auth_comp_id 
_struct_conn.ptnr2_auth_seq_id 
_struct_conn.ptnr2_symmetry 
_struct_conn.pdbx_ptnr3_label_atom_id 
_struct_conn.pdbx_ptnr3_label_seq_id 
_struct_conn.pdbx_ptnr3_label_comp_id 
_struct_conn.pdbx_ptnr3_label_asym_id 
_struct_conn.pdbx_ptnr3_label_alt_id 
_struct_conn.pdbx_ptnr3_PDB_ins_code 
_struct_conn.details 
_struct_conn.pdbx_dist_value 
_struct_conn.pdbx_value_order 
_struct_conn.pdbx_role 
covale1 covale both ? B BE2 1 C  ? ? ? 1_555 B GLU 2  N   ? ? I BE2 1 I GLU 2   1_555 ? ? ? ? ? ? ? 1.334 ? ? 
covale2 covale both ? B GLU 2 C  ? ? ? 1_555 B PTR 3  N   ? ? I GLU 2 I PTR 3   1_555 ? ? ? ? ? ? ? 1.330 ? ? 
covale3 covale both ? B PTR 3 C  ? ? ? 1_555 B ILE 4  N   ? ? I PTR 3 I ILE 4   1_555 ? ? ? ? ? ? ? 1.342 ? ? 
covale4 covale both ? B GLN 6 C  ? ? ? 1_555 B NH2 7  N   ? ? I GLN 6 I NH2 7   1_555 ? ? ? ? ? ? ? 1.315 ? ? 
metalc1 metalc ?    ? C ZN  . ZN ? ? ? 1_555 A HIS 24 NE2 ? ? E ZN  1 E HIS 79  1_555 ? ? ? ? ? ? ? 2.246 ? ? 
metalc2 metalc ?    ? C ZN  . ZN ? ? ? 1_555 A GLU 97 OE2 ? ? E ZN  1 E GLU 152 1_555 ? ? ? ? ? ? ? 2.257 ? ? 
metalc3 metalc ?    ? C ZN  . ZN ? ? ? 1_555 A GLU 97 OE1 ? ? E ZN  1 E GLU 152 1_555 ? ? ? ? ? ? ? 2.471 ? ? 
# 
loop_
_struct_conn_type.id 
_struct_conn_type.criteria 
_struct_conn_type.reference 
covale ? ? 
metalc ? ? 
# 
loop_
_struct_sheet.id 
_struct_sheet.type 
_struct_sheet.number_strands 
_struct_sheet.details 
A ? 4 ? 
B ? 4 ? 
# 
loop_
_struct_sheet_order.sheet_id 
_struct_sheet_order.range_id_1 
_struct_sheet_order.range_id_2 
_struct_sheet_order.offset 
_struct_sheet_order.sense 
A 1 2 ? parallel      
A 2 3 ? anti-parallel 
A 3 4 ? anti-parallel 
B 1 2 ? anti-parallel 
B 2 3 ? anti-parallel 
B 3 4 ? parallel      
# 
loop_
_struct_sheet_range.sheet_id 
_struct_sheet_range.id 
_struct_sheet_range.beg_label_comp_id 
_struct_sheet_range.beg_label_asym_id 
_struct_sheet_range.beg_label_seq_id 
_struct_sheet_range.pdbx_beg_PDB_ins_code 
_struct_sheet_range.end_label_comp_id 
_struct_sheet_range.end_label_asym_id 
_struct_sheet_range.end_label_seq_id 
_struct_sheet_range.pdbx_end_PDB_ins_code 
_struct_sheet_range.beg_auth_comp_id 
_struct_sheet_range.beg_auth_asym_id 
_struct_sheet_range.beg_auth_seq_id 
_struct_sheet_range.end_auth_comp_id 
_struct_sheet_range.end_auth_asym_id 
_struct_sheet_range.end_auth_seq_id 
A 1 TRP A 5  ? PHE A 7  ? TRP E 60  PHE E 62  
A 2 ALA A 27 ? SER A 33 ? ALA E 82  SER E 88  
A 3 ASP A 39 ? PHE A 46 ? ASP E 94  PHE E 101 
A 4 ASP A 49 ? VAL A 55 ? ASP E 104 VAL E 110 
B 1 LEU A 56 ? ASP A 58 ? LEU E 111 ASP E 113 
B 2 LYS A 62 ? LEU A 65 ? LYS E 117 LEU E 120 
B 3 VAL A 68 ? PHE A 70 ? VAL E 123 PHE E 125 
B 4 LEU A 93 ? GLU A 97 ? LEU E 148 GLU E 152 
# 
_struct_site.id                   AC1 
_struct_site.pdbx_evidence_code   Software 
_struct_site.pdbx_auth_asym_id    E 
_struct_site.pdbx_auth_comp_id    ZN 
_struct_site.pdbx_auth_seq_id     1 
_struct_site.pdbx_auth_ins_code   ? 
_struct_site.pdbx_num_residues    2 
_struct_site.details              'BINDING SITE FOR RESIDUE ZN E 1' 
# 
loop_
_struct_site_gen.id 
_struct_site_gen.site_id 
_struct_site_gen.pdbx_num_res 
_struct_site_gen.label_comp_id 
_struct_site_gen.label_asym_id 
_struct_site_gen.label_seq_id 
_struct_site_gen.pdbx_auth_ins_code 
_struct_site_gen.auth_comp_id 
_struct_site_gen.auth_asym_id 
_struct_site_gen.auth_seq_id 
_struct_site_gen.label_atom_id 
_struct_site_gen.label_alt_id 
_struct_site_gen.symmetry 
_struct_site_gen.details 
1 AC1 2 HIS A 24 ? HIS E 79  . ? 1_555 ? 
2 AC1 2 GLU A 97 ? GLU E 152 . ? 1_555 ? 
# 
_atom_sites.entry_id                    1ZFP 
_atom_sites.fract_transf_matrix[1][1]   0.00063204 
_atom_sites.fract_transf_matrix[1][2]   -0.00394324 
_atom_sites.fract_transf_matrix[1][3]   -0.01963805 
_atom_sites.fract_transf_matrix[2][1]   -0.00011726 
_atom_sites.fract_transf_matrix[2][2]   0.00862139 
_atom_sites.fract_transf_matrix[2][3]   -0.00173491 
_atom_sites.fract_transf_matrix[3][1]   0.02144642 
_atom_sites.fract_transf_matrix[3][2]   0.00041387 
_atom_sites.fract_transf_matrix[3][3]   0.00060714 
_atom_sites.fract_transf_vector[1]      0.817624 
_atom_sites.fract_transf_vector[2]      0.339833 
_atom_sites.fract_transf_vector[3]      1.598824 
# 
loop_
_atom_type.symbol 
C  
N  
O  
P  
S  
ZN 
# 
loop_
_atom_site.group_PDB 
_atom_site.id 
_atom_site.type_symbol 
_atom_site.label_atom_id 
_atom_site.label_alt_id 
_atom_site.label_comp_id 
_atom_site.label_asym_id 
_atom_site.label_entity_id 
_atom_site.label_seq_id 
_atom_site.pdbx_PDB_ins_code 
_atom_site.Cartn_x 
_atom_site.Cartn_y 
_atom_site.Cartn_z 
_atom_site.occupancy 
_atom_site.B_iso_or_equiv 
_atom_site.pdbx_formal_charge 
_atom_site.auth_seq_id 
_atom_site.auth_comp_id 
_atom_site.auth_asym_id 
_atom_site.auth_atom_id 
_atom_site.pdbx_PDB_model_num 
ATOM   1   N  N   . LYS A 1 1  ? 3.429   8.021   -18.659 1.00 58.61  ? 56  LYS E N   1 
ATOM   2   C  CA  . LYS A 1 1  ? 4.009   8.568   -17.427 1.00 100.00 ? 56  LYS E CA  1 
ATOM   3   C  C   . LYS A 1 1  ? 4.210   7.472   -16.380 1.00 44.88  ? 56  LYS E C   1 
ATOM   4   O  O   . LYS A 1 1  ? 3.362   6.577   -16.242 1.00 41.17  ? 56  LYS E O   1 
ATOM   5   C  CB  . LYS A 1 1  ? 3.119   9.675   -16.865 1.00 41.80  ? 56  LYS E CB  1 
ATOM   6   N  N   . PRO A 1 2  ? 5.335   7.514   -15.659 1.00 34.18  ? 57  PRO E N   1 
ATOM   7   C  CA  . PRO A 1 2  ? 5.586   6.503   -14.638 1.00 27.44  ? 57  PRO E CA  1 
ATOM   8   C  C   . PRO A 1 2  ? 4.605   6.743   -13.486 1.00 41.56  ? 57  PRO E C   1 
ATOM   9   O  O   . PRO A 1 2  ? 4.023   7.825   -13.371 1.00 26.97  ? 57  PRO E O   1 
ATOM   10  C  CB  . PRO A 1 2  ? 7.020   6.807   -14.192 1.00 29.28  ? 57  PRO E CB  1 
ATOM   11  C  CG  . PRO A 1 2  ? 7.168   8.250   -14.427 1.00 25.98  ? 57  PRO E CG  1 
ATOM   12  C  CD  . PRO A 1 2  ? 6.437   8.490   -15.721 1.00 25.61  ? 57  PRO E CD  1 
ATOM   13  N  N   . HIS A 1 3  ? 4.406   5.733   -12.651 1.00 25.00  ? 58  HIS E N   1 
ATOM   14  C  CA  . HIS A 1 3  ? 3.479   5.865   -11.532 1.00 24.35  ? 58  HIS E CA  1 
ATOM   15  C  C   . HIS A 1 3  ? 4.100   6.636   -10.374 1.00 23.01  ? 58  HIS E C   1 
ATOM   16  O  O   . HIS A 1 3  ? 5.265   6.446   -10.055 1.00 35.60  ? 58  HIS E O   1 
ATOM   17  C  CB  . HIS A 1 3  ? 2.974   4.490   -11.095 1.00 17.25  ? 58  HIS E CB  1 
ATOM   18  C  CG  . HIS A 1 3  ? 2.158   3.803   -12.142 1.00 25.87  ? 58  HIS E CG  1 
ATOM   19  N  ND1 . HIS A 1 3  ? 0.937   4.286   -12.564 1.00 25.84  ? 58  HIS E ND1 1 
ATOM   20  C  CD2 . HIS A 1 3  ? 2.400   2.695   -12.882 1.00 27.51  ? 58  HIS E CD2 1 
ATOM   21  C  CE1 . HIS A 1 3  ? 0.459   3.501   -13.511 1.00 29.17  ? 58  HIS E CE1 1 
ATOM   22  N  NE2 . HIS A 1 3  ? 1.326   2.528   -13.723 1.00 28.46  ? 58  HIS E NE2 1 
ATOM   23  N  N   . PRO A 1 4  ? 3.317   7.521   -9.754  1.00 22.61  ? 59  PRO E N   1 
ATOM   24  C  CA  . PRO A 1 4  ? 3.799   8.334   -8.639  1.00 21.95  ? 59  PRO E CA  1 
ATOM   25  C  C   . PRO A 1 4  ? 3.769   7.610   -7.281  1.00 27.22  ? 59  PRO E C   1 
ATOM   26  O  O   . PRO A 1 4  ? 4.131   8.181   -6.258  1.00 34.46  ? 59  PRO E O   1 
ATOM   27  C  CB  . PRO A 1 4  ? 2.808   9.486   -8.621  1.00 25.38  ? 59  PRO E CB  1 
ATOM   28  C  CG  . PRO A 1 4  ? 1.533   8.842   -9.035  1.00 28.34  ? 59  PRO E CG  1 
ATOM   29  C  CD  . PRO A 1 4  ? 1.938   7.877   -10.125 1.00 26.81  ? 59  PRO E CD  1 
ATOM   30  N  N   . TRP A 1 5  ? 3.340   6.354   -7.278  1.00 21.49  ? 60  TRP E N   1 
ATOM   31  C  CA  . TRP A 1 5  ? 3.236   5.606   -6.034  1.00 15.93  ? 60  TRP E CA  1 
ATOM   32  C  C   . TRP A 1 5  ? 4.312   4.558   -5.763  1.00 22.57  ? 60  TRP E C   1 
ATOM   33  O  O   . TRP A 1 5  ? 4.305   3.926   -4.713  1.00 19.23  ? 60  TRP E O   1 
ATOM   34  C  CB  . TRP A 1 5  ? 1.855   4.986   -5.922  1.00 21.50  ? 60  TRP E CB  1 
ATOM   35  C  CG  . TRP A 1 5  ? 1.359   4.324   -7.192  1.00 15.34  ? 60  TRP E CG  1 
ATOM   36  C  CD1 . TRP A 1 5  ? 0.466   4.834   -8.083  1.00 18.50  ? 60  TRP E CD1 1 
ATOM   37  C  CD2 . TRP A 1 5  ? 1.692   3.005   -7.668  1.00 14.95  ? 60  TRP E CD2 1 
ATOM   38  N  NE1 . TRP A 1 5  ? 0.222   3.925   -9.087  1.00 20.06  ? 60  TRP E NE1 1 
ATOM   39  C  CE2 . TRP A 1 5  ? 0.957   2.791   -8.852  1.00 15.08  ? 60  TRP E CE2 1 
ATOM   40  C  CE3 . TRP A 1 5  ? 2.530   1.980   -7.197  1.00 19.70  ? 60  TRP E CE3 1 
ATOM   41  C  CZ2 . TRP A 1 5  ? 1.035   1.596   -9.583  1.00 16.72  ? 60  TRP E CZ2 1 
ATOM   42  C  CZ3 . TRP A 1 5  ? 2.614   0.792   -7.926  1.00 17.37  ? 60  TRP E CZ3 1 
ATOM   43  C  CH2 . TRP A 1 5  ? 1.867   0.611   -9.104  1.00 16.74  ? 60  TRP E CH2 1 
ATOM   44  N  N   . PHE A 1 6  ? 5.219   4.352   -6.708  1.00 16.66  ? 61  PHE E N   1 
ATOM   45  C  CA  . PHE A 1 6  ? 6.281   3.360   -6.501  1.00 14.71  ? 61  PHE E CA  1 
ATOM   46  C  C   . PHE A 1 6  ? 7.542   4.014   -5.946  1.00 17.98  ? 61  PHE E C   1 
ATOM   47  O  O   . PHE A 1 6  ? 8.257   4.724   -6.680  1.00 19.99  ? 61  PHE E O   1 
ATOM   48  C  CB  . PHE A 1 6  ? 6.600   2.596   -7.787  1.00 16.14  ? 61  PHE E CB  1 
ATOM   49  C  CG  . PHE A 1 6  ? 7.480   1.408   -7.550  1.00 28.32  ? 61  PHE E CG  1 
ATOM   50  C  CD1 . PHE A 1 6  ? 6.929   0.215   -7.078  1.00 23.07  ? 61  PHE E CD1 1 
ATOM   51  C  CD2 . PHE A 1 6  ? 8.862   1.514   -7.642  1.00 21.81  ? 61  PHE E CD2 1 
ATOM   52  C  CE1 . PHE A 1 6  ? 7.745   -0.882  -6.855  1.00 28.89  ? 61  PHE E CE1 1 
ATOM   53  C  CE2 . PHE A 1 6  ? 9.683   0.432   -7.368  1.00 25.85  ? 61  PHE E CE2 1 
ATOM   54  C  CZ  . PHE A 1 6  ? 9.123   -0.780  -7.006  1.00 24.03  ? 61  PHE E CZ  1 
ATOM   55  N  N   . PHE A 1 7  ? 7.815   3.777   -4.656  1.00 17.81  ? 62  PHE E N   1 
ATOM   56  C  CA  . PHE A 1 7  ? 8.969   4.378   -3.977  1.00 17.79  ? 62  PHE E CA  1 
ATOM   57  C  C   . PHE A 1 7  ? 10.185  3.496   -3.799  1.00 25.83  ? 62  PHE E C   1 
ATOM   58  O  O   . PHE A 1 7  ? 11.171  3.922   -3.222  1.00 21.46  ? 62  PHE E O   1 
ATOM   59  C  CB  . PHE A 1 7  ? 8.558   4.984   -2.632  1.00 14.39  ? 62  PHE E CB  1 
ATOM   60  C  CG  . PHE A 1 7  ? 7.933   6.333   -2.752  1.00 20.63  ? 62  PHE E CG  1 
ATOM   61  C  CD1 . PHE A 1 7  ? 6.736   6.503   -3.434  1.00 19.91  ? 62  PHE E CD1 1 
ATOM   62  C  CD2 . PHE A 1 7  ? 8.554   7.446   -2.214  1.00 35.85  ? 62  PHE E CD2 1 
ATOM   63  C  CE1 . PHE A 1 7  ? 6.163   7.773   -3.570  1.00 25.15  ? 62  PHE E CE1 1 
ATOM   64  C  CE2 . PHE A 1 7  ? 7.989   8.717   -2.350  1.00 32.69  ? 62  PHE E CE2 1 
ATOM   65  C  CZ  . PHE A 1 7  ? 6.794   8.875   -3.025  1.00 28.75  ? 62  PHE E CZ  1 
ATOM   66  N  N   . GLY A 1 8  ? 10.122  2.263   -4.271  1.00 19.66  ? 63  GLY E N   1 
ATOM   67  C  CA  . GLY A 1 8  ? 11.260  1.380   -4.142  1.00 16.63  ? 63  GLY E CA  1 
ATOM   68  C  C   . GLY A 1 8  ? 11.588  1.046   -2.700  1.00 21.33  ? 63  GLY E C   1 
ATOM   69  O  O   . GLY A 1 8  ? 10.709  0.976   -1.846  1.00 18.33  ? 63  GLY E O   1 
ATOM   70  N  N   . LYS A 1 9  ? 12.865  0.823   -2.436  1.00 18.00  ? 64  LYS E N   1 
ATOM   71  C  CA  . LYS A 1 9  ? 13.301  0.443   -1.119  1.00 17.10  ? 64  LYS E CA  1 
ATOM   72  C  C   . LYS A 1 9  ? 13.521  1.598   -0.134  1.00 29.65  ? 64  LYS E C   1 
ATOM   73  O  O   . LYS A 1 9  ? 14.596  2.170   -0.061  1.00 31.77  ? 64  LYS E O   1 
ATOM   74  C  CB  . LYS A 1 9  ? 14.545  -0.447  -1.216  1.00 19.69  ? 64  LYS E CB  1 
ATOM   75  C  CG  . LYS A 1 9  ? 14.811  -1.239  0.022   1.00 25.71  ? 64  LYS E CG  1 
ATOM   76  C  CD  . LYS A 1 9  ? 15.848  -2.293  -0.225  1.00 32.19  ? 64  LYS E CD  1 
ATOM   77  C  CE  . LYS A 1 9  ? 15.950  -3.235  0.945   1.00 35.52  ? 64  LYS E CE  1 
ATOM   78  N  NZ  . LYS A 1 9  ? 16.909  -4.337  0.667   1.00 42.97  ? 64  LYS E NZ  1 
ATOM   79  N  N   . ILE A 1 10 ? 12.492  1.918   0.628   1.00 28.41  ? 65  ILE E N   1 
ATOM   80  C  CA  . ILE A 1 10 ? 12.582  2.970   1.632   1.00 28.23  ? 65  ILE E CA  1 
ATOM   81  C  C   . ILE A 1 10 ? 12.132  2.366   2.934   1.00 25.35  ? 65  ILE E C   1 
ATOM   82  O  O   . ILE A 1 10 ? 11.207  1.560   2.952   1.00 31.23  ? 65  ILE E O   1 
ATOM   83  C  CB  . ILE A 1 10 ? 11.688  4.182   1.301   1.00 30.58  ? 65  ILE E CB  1 
ATOM   84  C  CG1 . ILE A 1 10 ? 10.228  3.755   1.086   1.00 29.02  ? 65  ILE E CG1 1 
ATOM   85  C  CG2 . ILE A 1 10 ? 12.245  4.942   0.099   1.00 51.68  ? 65  ILE E CG2 1 
ATOM   86  C  CD1 . ILE A 1 10 ? 9.301   4.894   0.917   1.00 49.46  ? 65  ILE E CD1 1 
ATOM   87  N  N   . PRO A 1 11 ? 12.789  2.725   4.030   1.00 21.90  ? 66  PRO E N   1 
ATOM   88  C  CA  . PRO A 1 11 ? 12.408  2.154   5.309   1.00 22.79  ? 66  PRO E CA  1 
ATOM   89  C  C   . PRO A 1 11 ? 10.991  2.550   5.738   1.00 23.80  ? 66  PRO E C   1 
ATOM   90  O  O   . PRO A 1 11 ? 10.494  3.639   5.414   1.00 24.78  ? 66  PRO E O   1 
ATOM   91  C  CB  . PRO A 1 11 ? 13.471  2.686   6.271   1.00 34.10  ? 66  PRO E CB  1 
ATOM   92  C  CG  . PRO A 1 11 ? 14.021  3.868   5.611   1.00 31.93  ? 66  PRO E CG  1 
ATOM   93  C  CD  . PRO A 1 11 ? 13.968  3.592   4.155   1.00 21.83  ? 66  PRO E CD  1 
ATOM   94  N  N   . ARG A 1 12 ? 10.340  1.632   6.441   1.00 26.78  ? 67  ARG E N   1 
ATOM   95  C  CA  . ARG A 1 12 ? 8.988   1.824   6.923   1.00 22.75  ? 67  ARG E CA  1 
ATOM   96  C  C   . ARG A 1 12 ? 8.815   3.164   7.658   1.00 18.10  ? 67  ARG E C   1 
ATOM   97  O  O   . ARG A 1 12 ? 7.823   3.847   7.475   1.00 24.31  ? 67  ARG E O   1 
ATOM   98  C  CB  . ARG A 1 12 ? 8.579   0.632   7.818   1.00 22.02  ? 67  ARG E CB  1 
ATOM   99  C  CG  . ARG A 1 12 ? 7.366   0.883   8.688   1.00 28.20  ? 67  ARG E CG  1 
ATOM   100 C  CD  . ARG A 1 12 ? 7.163   -0.213  9.753   1.00 28.86  ? 67  ARG E CD  1 
ATOM   101 N  NE  . ARG A 1 12 ? 6.455   -1.365  9.224   1.00 39.08  ? 67  ARG E NE  1 
ATOM   102 C  CZ  . ARG A 1 12 ? 5.260   -1.779  9.636   1.00 25.37  ? 67  ARG E CZ  1 
ATOM   103 N  NH1 . ARG A 1 12 ? 4.611   -1.140  10.609  1.00 21.27  ? 67  ARG E NH1 1 
ATOM   104 N  NH2 . ARG A 1 12 ? 4.716   -2.843  9.067   1.00 27.34  ? 67  ARG E NH2 1 
ATOM   105 N  N   . ALA A 1 13 ? 9.791   3.535   8.477   1.00 20.88  ? 68  ALA E N   1 
ATOM   106 C  CA  . ALA A 1 13 ? 9.713   4.792   9.239   1.00 21.34  ? 68  ALA E CA  1 
ATOM   107 C  C   . ALA A 1 13 ? 9.709   6.011   8.341   1.00 35.20  ? 68  ALA E C   1 
ATOM   108 O  O   . ALA A 1 13 ? 9.011   6.998   8.609   1.00 31.93  ? 68  ALA E O   1 
ATOM   109 C  CB  . ALA A 1 13 ? 10.850  4.880   10.238  1.00 22.21  ? 68  ALA E CB  1 
ATOM   110 N  N   . LYS A 1 14 ? 10.496  5.949   7.269   1.00 24.31  ? 69  LYS E N   1 
ATOM   111 C  CA  . LYS A 1 14 ? 10.574  7.058   6.316   1.00 24.24  ? 69  LYS E CA  1 
ATOM   112 C  C   . LYS A 1 14 ? 9.253   7.186   5.591   1.00 33.96  ? 69  LYS E C   1 
ATOM   113 O  O   . LYS A 1 14 ? 8.776   8.290   5.329   1.00 30.92  ? 69  LYS E O   1 
ATOM   114 C  CB  . LYS A 1 14 ? 11.710  6.847   5.302   1.00 32.72  ? 69  LYS E CB  1 
ATOM   115 C  CG  . LYS A 1 14 ? 13.086  6.691   5.931   1.00 65.89  ? 69  LYS E CG  1 
ATOM   116 C  CD  . LYS A 1 14 ? 13.492  7.916   6.741   1.00 71.09  ? 69  LYS E CD  1 
ATOM   117 C  CE  . LYS A 1 14 ? 14.873  7.730   7.364   1.00 100.00 ? 69  LYS E CE  1 
ATOM   118 N  NZ  . LYS A 1 14 ? 15.278  8.919   8.180   1.00 100.00 ? 69  LYS E NZ  1 
ATOM   119 N  N   . ALA A 1 15 ? 8.652   6.047   5.263   1.00 23.22  ? 70  ALA E N   1 
ATOM   120 C  CA  . ALA A 1 15 ? 7.361   6.044   4.588   1.00 21.90  ? 70  ALA E CA  1 
ATOM   121 C  C   . ALA A 1 15 ? 6.312   6.708   5.495   1.00 17.00  ? 70  ALA E C   1 
ATOM   122 O  O   . ALA A 1 15 ? 5.466   7.484   5.032   1.00 20.84  ? 70  ALA E O   1 
ATOM   123 C  CB  . ALA A 1 15 ? 6.938   4.612   4.249   1.00 23.15  ? 70  ALA E CB  1 
ATOM   124 N  N   . GLU A 1 16 ? 6.359   6.382   6.781   1.00 21.37  ? 71  GLU E N   1 
ATOM   125 C  CA  . GLU A 1 16 ? 5.405   6.945   7.743   1.00 29.82  ? 71  GLU E CA  1 
ATOM   126 C  C   . GLU A 1 16 ? 5.590   8.444   7.865   1.00 35.11  ? 71  GLU E C   1 
ATOM   127 O  O   . GLU A 1 16 ? 4.624   9.219   7.825   1.00 28.70  ? 71  GLU E O   1 
ATOM   128 C  CB  . GLU A 1 16 ? 5.562   6.282   9.107   1.00 21.88  ? 71  GLU E CB  1 
ATOM   129 C  CG  . GLU A 1 16 ? 5.187   4.839   9.097   1.00 26.88  ? 71  GLU E CG  1 
ATOM   130 C  CD  . GLU A 1 16 ? 5.196   4.232   10.466  1.00 42.04  ? 71  GLU E CD  1 
ATOM   131 O  OE1 . GLU A 1 16 ? 6.047   4.630   11.298  1.00 44.26  ? 71  GLU E OE1 1 
ATOM   132 O  OE2 . GLU A 1 16 ? 4.342   3.353   10.706  1.00 37.64  ? 71  GLU E OE2 1 
ATOM   133 N  N   . GLU A 1 17 ? 6.846   8.843   7.992   1.00 25.80  ? 72  GLU E N   1 
ATOM   134 C  CA  . GLU A 1 17 ? 7.228   10.241  8.108   1.00 26.82  ? 72  GLU E CA  1 
ATOM   135 C  C   . GLU A 1 17 ? 6.641   11.021  6.925   1.00 35.02  ? 72  GLU E C   1 
ATOM   136 O  O   . GLU A 1 17 ? 5.962   12.023  7.104   1.00 34.73  ? 72  GLU E O   1 
ATOM   137 C  CB  . GLU A 1 17 ? 8.750   10.311  8.082   1.00 35.21  ? 72  GLU E CB  1 
ATOM   138 C  CG  . GLU A 1 17 ? 9.364   11.635  8.414   1.00 70.69  ? 72  GLU E CG  1 
ATOM   139 C  CD  . GLU A 1 17 ? 10.886  11.562  8.408   1.00 92.43  ? 72  GLU E CD  1 
ATOM   140 O  OE1 . GLU A 1 17 ? 11.442  10.676  9.100   1.00 82.89  ? 72  GLU E OE1 1 
ATOM   141 O  OE2 . GLU A 1 17 ? 11.520  12.377  7.705   1.00 72.32  ? 72  GLU E OE2 1 
ATOM   142 N  N   . MET A 1 18 ? 6.885   10.529  5.721   1.00 24.41  ? 73  MET E N   1 
ATOM   143 C  CA  . MET A 1 18 ? 6.385   11.173  4.527   1.00 22.13  ? 73  MET E CA  1 
ATOM   144 C  C   . MET A 1 18 ? 4.854   11.183  4.427   1.00 33.35  ? 73  MET E C   1 
ATOM   145 O  O   . MET A 1 18 ? 4.251   12.222  4.153   1.00 32.91  ? 73  MET E O   1 
ATOM   146 C  CB  . MET A 1 18 ? 6.983   10.521  3.287   1.00 27.21  ? 73  MET E CB  1 
ATOM   147 C  CG  . MET A 1 18 ? 6.952   11.397  2.063   1.00 57.31  ? 73  MET E CG  1 
ATOM   148 S  SD  . MET A 1 18 ? 7.162   10.479  0.563   1.00 83.72  ? 73  MET E SD  1 
ATOM   149 C  CE  . MET A 1 18 ? 5.422   10.231  0.069   1.00 74.26  ? 73  MET E CE  1 
ATOM   150 N  N   . LEU A 1 19 ? 4.228   10.032  4.659   1.00 23.33  ? 74  LEU E N   1 
ATOM   151 C  CA  . LEU A 1 19 ? 2.775   9.942   4.561   1.00 18.18  ? 74  LEU E CA  1 
ATOM   152 C  C   . LEU A 1 19 ? 2.060   10.768  5.624   1.00 28.85  ? 74  LEU E C   1 
ATOM   153 O  O   . LEU A 1 19 ? 0.958   11.262  5.402   1.00 29.00  ? 74  LEU E O   1 
ATOM   154 C  CB  . LEU A 1 19 ? 2.307   8.491   4.584   1.00 21.12  ? 74  LEU E CB  1 
ATOM   155 C  CG  . LEU A 1 19 ? 2.651   7.682   3.321   1.00 27.51  ? 74  LEU E CG  1 
ATOM   156 C  CD1 . LEU A 1 19 ? 2.276   6.209   3.504   1.00 23.29  ? 74  LEU E CD1 1 
ATOM   157 C  CD2 . LEU A 1 19 ? 1.961   8.275   2.087   1.00 19.68  ? 74  LEU E CD2 1 
ATOM   158 N  N   . SER A 1 20 ? 2.688   10.928  6.775   1.00 28.01  ? 75  SER E N   1 
ATOM   159 C  CA  . SER A 1 20 ? 2.072   11.707  7.840   1.00 44.33  ? 75  SER E CA  1 
ATOM   160 C  C   . SER A 1 20 ? 1.914   13.183  7.422   1.00 30.50  ? 75  SER E C   1 
ATOM   161 O  O   . SER A 1 20 ? 0.964   13.854  7.812   1.00 50.03  ? 75  SER E O   1 
ATOM   162 C  CB  . SER A 1 20 ? 2.860   11.566  9.153   1.00 32.73  ? 75  SER E CB  1 
ATOM   163 O  OG  . SER A 1 20 ? 4.155   12.127  9.039   1.00 55.78  ? 75  SER E OG  1 
ATOM   164 N  N   . LYS A 1 21 ? 2.839   13.668  6.609   1.00 30.30  ? 76  LYS E N   1 
ATOM   165 C  CA  . LYS A 1 21 ? 2.787   15.045  6.146   1.00 38.50  ? 76  LYS E CA  1 
ATOM   166 C  C   . LYS A 1 21 ? 1.757   15.265  5.028   1.00 65.90  ? 76  LYS E C   1 
ATOM   167 O  O   . LYS A 1 21 ? 1.500   16.396  4.632   1.00 38.95  ? 76  LYS E O   1 
ATOM   168 C  CB  . LYS A 1 21 ? 4.173   15.527  5.702   1.00 40.39  ? 76  LYS E CB  1 
ATOM   169 C  CG  . LYS A 1 21 ? 5.230   15.488  6.806   1.00 44.31  ? 76  LYS E CG  1 
ATOM   170 C  CD  . LYS A 1 21 ? 6.520   16.172  6.369   1.00 78.91  ? 76  LYS E CD  1 
ATOM   171 C  CE  . LYS A 1 21 ? 7.198   15.441  5.212   1.00 100.00 ? 76  LYS E CE  1 
ATOM   172 N  NZ  . LYS A 1 21 ? 7.923   14.211  5.660   1.00 100.00 ? 76  LYS E NZ  1 
ATOM   173 N  N   . GLN A 1 22 ? 1.184   14.186  4.514   1.00 32.23  ? 77  GLN E N   1 
ATOM   174 C  CA  . GLN A 1 22 ? 0.192   14.302  3.455   1.00 24.46  ? 77  GLN E CA  1 
ATOM   175 C  C   . GLN A 1 22 ? -1.115  14.849  4.026   1.00 30.81  ? 77  GLN E C   1 
ATOM   176 O  O   . GLN A 1 22 ? -1.417  14.643  5.193   1.00 32.82  ? 77  GLN E O   1 
ATOM   177 C  CB  . GLN A 1 22 ? -0.001  12.968  2.750   1.00 25.76  ? 77  GLN E CB  1 
ATOM   178 C  CG  . GLN A 1 22 ? 1.189   12.611  1.883   1.00 20.33  ? 77  GLN E CG  1 
ATOM   179 C  CD  . GLN A 1 22 ? 1.236   13.420  0.602   1.00 24.08  ? 77  GLN E CD  1 
ATOM   180 O  OE1 . GLN A 1 22 ? 0.267   13.459  -0.158  1.00 31.32  ? 77  GLN E OE1 1 
ATOM   181 N  NE2 . GLN A 1 22 ? 2.371   14.053  0.343   1.00 32.50  ? 77  GLN E NE2 1 
ATOM   182 N  N   . ARG A 1 23 ? -1.874  15.564  3.198   1.00 32.88  ? 78  ARG E N   1 
ATOM   183 C  CA  . ARG A 1 23 ? -3.108  16.199  3.637   1.00 29.94  ? 78  ARG E CA  1 
ATOM   184 C  C   . ARG A 1 23 ? -4.407  15.406  3.471   1.00 43.39  ? 78  ARG E C   1 
ATOM   185 O  O   . ARG A 1 23 ? -5.429  15.785  4.025   1.00 36.49  ? 78  ARG E O   1 
ATOM   186 C  CB  . ARG A 1 23 ? -3.241  17.618  3.004   1.00 35.67  ? 78  ARG E CB  1 
ATOM   187 C  CG  . ARG A 1 23 ? -1.955  18.528  3.151   1.00 69.38  ? 78  ARG E CG  1 
ATOM   188 C  CD  . ARG A 1 23 ? -2.227  20.067  2.934   1.00 100.00 ? 78  ARG E CD  1 
ATOM   189 N  NE  . ARG A 1 23 ? -1.137  20.744  2.189   1.00 100.00 ? 78  ARG E NE  1 
ATOM   190 C  CZ  . ARG A 1 23 ? -1.057  22.069  1.977   1.00 100.00 ? 78  ARG E CZ  1 
ATOM   191 N  NH1 . ARG A 1 23 ? -1.986  22.881  2.468   1.00 100.00 ? 78  ARG E NH1 1 
ATOM   192 N  NH2 . ARG A 1 23 ? -0.043  22.587  1.278   1.00 49.25  ? 78  ARG E NH2 1 
ATOM   193 N  N   . HIS A 1 24 ? -4.370  14.304  2.723   1.00 26.52  ? 79  HIS E N   1 
ATOM   194 C  CA  . HIS A 1 24 ? -5.591  13.510  2.493   1.00 25.92  ? 79  HIS E CA  1 
ATOM   195 C  C   . HIS A 1 24 ? -5.534  12.074  2.956   1.00 39.58  ? 79  HIS E C   1 
ATOM   196 O  O   . HIS A 1 24 ? -4.507  11.413  2.821   1.00 26.87  ? 79  HIS E O   1 
ATOM   197 C  CB  . HIS A 1 24 ? -5.919  13.486  1.009   1.00 29.80  ? 79  HIS E CB  1 
ATOM   198 C  CG  . HIS A 1 24 ? -6.065  14.840  0.425   1.00 40.34  ? 79  HIS E CG  1 
ATOM   199 N  ND1 . HIS A 1 24 ? -7.220  15.571  0.553   1.00 38.42  ? 79  HIS E ND1 1 
ATOM   200 C  CD2 . HIS A 1 24 ? -5.196  15.617  -0.263  1.00 24.15  ? 79  HIS E CD2 1 
ATOM   201 C  CE1 . HIS A 1 24 ? -7.037  16.762  0.010   1.00 30.89  ? 79  HIS E CE1 1 
ATOM   202 N  NE2 . HIS A 1 24 ? -5.836  16.802  -0.514  1.00 33.17  ? 79  HIS E NE2 1 
ATOM   203 N  N   . ASP A 1 25 ? -6.668  11.572  3.442   1.00 27.01  ? 80  ASP E N   1 
ATOM   204 C  CA  . ASP A 1 25 ? -6.762  10.178  3.868   1.00 23.89  ? 80  ASP E CA  1 
ATOM   205 C  C   . ASP A 1 25 ? -6.700  9.373   2.583   1.00 23.57  ? 80  ASP E C   1 
ATOM   206 O  O   . ASP A 1 25 ? -7.268  9.776   1.566   1.00 23.37  ? 80  ASP E O   1 
ATOM   207 C  CB  . ASP A 1 25 ? -8.104  9.911   4.556   1.00 22.36  ? 80  ASP E CB  1 
ATOM   208 C  CG  . ASP A 1 25 ? -8.119  10.351  6.003   1.00 22.29  ? 80  ASP E CG  1 
ATOM   209 O  OD1 . ASP A 1 25 ? -7.035  10.607  6.568   1.00 29.89  ? 80  ASP E OD1 1 
ATOM   210 O  OD2 . ASP A 1 25 ? -9.224  10.463  6.567   1.00 44.07  ? 80  ASP E OD2 1 
ATOM   211 N  N   . GLY A 1 26 ? -6.007  8.246   2.605   1.00 20.41  ? 81  GLY E N   1 
ATOM   212 C  CA  . GLY A 1 26 ? -5.925  7.443   1.403   1.00 15.68  ? 81  GLY E CA  1 
ATOM   213 C  C   . GLY A 1 26 ? -4.624  7.656   0.650   1.00 19.52  ? 81  GLY E C   1 
ATOM   214 O  O   . GLY A 1 26 ? -4.304  6.881   -0.241  1.00 21.25  ? 81  GLY E O   1 
ATOM   215 N  N   . ALA A 1 27 ? -3.873  8.713   0.996   1.00 18.48  ? 82  ALA E N   1 
ATOM   216 C  CA  . ALA A 1 27 ? -2.577  8.985   0.342   1.00 18.14  ? 82  ALA E CA  1 
ATOM   217 C  C   . ALA A 1 27 ? -1.719  7.727   0.618   1.00 22.09  ? 82  ALA E C   1 
ATOM   218 O  O   . ALA A 1 27 ? -1.606  7.274   1.764   1.00 19.25  ? 82  ALA E O   1 
ATOM   219 C  CB  . ALA A 1 27 ? -1.920  10.237  0.941   1.00 16.58  ? 82  ALA E CB  1 
ATOM   220 N  N   . PHE A 1 28 ? -1.128  7.161   -0.422  1.00 20.01  ? 83  PHE E N   1 
ATOM   221 C  CA  . PHE A 1 28 ? -0.386  5.919   -0.249  1.00 17.28  ? 83  PHE E CA  1 
ATOM   222 C  C   . PHE A 1 28 ? 0.862   5.795   -1.107  1.00 19.37  ? 83  PHE E C   1 
ATOM   223 O  O   . PHE A 1 28 ? 1.121   6.601   -2.015  1.00 16.19  ? 83  PHE E O   1 
ATOM   224 C  CB  . PHE A 1 28 ? -1.320  4.764   -0.667  1.00 13.59  ? 83  PHE E CB  1 
ATOM   225 C  CG  . PHE A 1 28 ? -1.450  4.620   -2.161  1.00 18.48  ? 83  PHE E CG  1 
ATOM   226 C  CD1 . PHE A 1 28 ? -2.193  5.542   -2.899  1.00 19.68  ? 83  PHE E CD1 1 
ATOM   227 C  CD2 . PHE A 1 28 ? -0.752  3.631   -2.843  1.00 18.86  ? 83  PHE E CD2 1 
ATOM   228 C  CE1 . PHE A 1 28 ? -2.274  5.451   -4.285  1.00 23.63  ? 83  PHE E CE1 1 
ATOM   229 C  CE2 . PHE A 1 28 ? -0.828  3.535   -4.239  1.00 18.08  ? 83  PHE E CE2 1 
ATOM   230 C  CZ  . PHE A 1 28 ? -1.591  4.442   -4.956  1.00 20.91  ? 83  PHE E CZ  1 
ATOM   231 N  N   . LEU A 1 29 ? 1.593   4.720   -0.864  1.00 18.51  ? 84  LEU E N   1 
ATOM   232 C  CA  . LEU A 1 29 ? 2.771   4.402   -1.644  1.00 20.24  ? 84  LEU E CA  1 
ATOM   233 C  C   . LEU A 1 29 ? 3.037   2.907   -1.516  1.00 18.47  ? 84  LEU E C   1 
ATOM   234 O  O   . LEU A 1 29 ? 2.616   2.277   -0.545  1.00 17.80  ? 84  LEU E O   1 
ATOM   235 C  CB  . LEU A 1 29 ? 3.996   5.234   -1.190  1.00 18.09  ? 84  LEU E CB  1 
ATOM   236 C  CG  . LEU A 1 29 ? 4.561   5.175   0.248   1.00 26.20  ? 84  LEU E CG  1 
ATOM   237 C  CD1 . LEU A 1 29 ? 5.385   3.900   0.456   1.00 19.13  ? 84  LEU E CD1 1 
ATOM   238 C  CD2 . LEU A 1 29 ? 5.408   6.416   0.563   1.00 21.94  ? 84  LEU E CD2 1 
ATOM   239 N  N   . ILE A 1 30 ? 3.680   2.346   -2.524  1.00 15.67  ? 85  ILE E N   1 
ATOM   240 C  CA  . ILE A 1 30 ? 4.064   0.948   -2.504  1.00 19.68  ? 85  ILE E CA  1 
ATOM   241 C  C   . ILE A 1 30 ? 5.579   1.011   -2.305  1.00 19.58  ? 85  ILE E C   1 
ATOM   242 O  O   . ILE A 1 30 ? 6.265   1.791   -2.987  1.00 15.54  ? 85  ILE E O   1 
ATOM   243 C  CB  . ILE A 1 30 ? 3.810   0.249   -3.870  1.00 21.63  ? 85  ILE E CB  1 
ATOM   244 C  CG1 . ILE A 1 30 ? 2.308   0.132   -4.173  1.00 24.80  ? 85  ILE E CG1 1 
ATOM   245 C  CG2 . ILE A 1 30 ? 4.501   -1.123  -3.904  1.00 21.69  ? 85  ILE E CG2 1 
ATOM   246 C  CD1 . ILE A 1 30 ? 1.578   -0.796  -3.272  1.00 25.36  ? 85  ILE E CD1 1 
ATOM   247 N  N   . ARG A 1 31 ? 6.096   0.218   -1.371  1.00 13.93  ? 86  ARG E N   1 
ATOM   248 C  CA  . ARG A 1 31 ? 7.539   0.176   -1.116  1.00 15.50  ? 86  ARG E CA  1 
ATOM   249 C  C   . ARG A 1 31 ? 7.998   -1.282  -1.093  1.00 20.83  ? 86  ARG E C   1 
ATOM   250 O  O   . ARG A 1 31 ? 7.188   -2.209  -0.916  1.00 15.94  ? 86  ARG E O   1 
ATOM   251 C  CB  . ARG A 1 31 ? 7.893   0.863   0.218   1.00 11.84  ? 86  ARG E CB  1 
ATOM   252 C  CG  . ARG A 1 31 ? 7.126   0.292   1.409   1.00 15.25  ? 86  ARG E CG  1 
ATOM   253 C  CD  . ARG A 1 31 ? 7.443   0.999   2.712   1.00 15.08  ? 86  ARG E CD  1 
ATOM   254 N  NE  . ARG A 1 31 ? 6.534   0.535   3.752   1.00 15.01  ? 86  ARG E NE  1 
ATOM   255 C  CZ  . ARG A 1 31 ? 6.734   -0.545  4.499   1.00 22.94  ? 86  ARG E CZ  1 
ATOM   256 N  NH1 . ARG A 1 31 ? 7.840   -1.281  4.344   1.00 17.48  ? 86  ARG E NH1 1 
ATOM   257 N  NH2 . ARG A 1 31 ? 5.828   -0.888  5.408   1.00 20.98  ? 86  ARG E NH2 1 
ATOM   258 N  N   . GLU A 1 32 ? 9.294   -1.479  -1.298  1.00 17.78  ? 87  GLU E N   1 
ATOM   259 C  CA  . GLU A 1 32 ? 9.885   -2.806  -1.274  1.00 16.28  ? 87  GLU E CA  1 
ATOM   260 C  C   . GLU A 1 32 ? 10.335  -3.023  0.165   1.00 17.40  ? 87  GLU E C   1 
ATOM   261 O  O   . GLU A 1 32 ? 11.111  -2.249  0.714   1.00 19.67  ? 87  GLU E O   1 
ATOM   262 C  CB  . GLU A 1 32 ? 11.039  -2.871  -2.258  1.00 12.53  ? 87  GLU E CB  1 
ATOM   263 C  CG  . GLU A 1 32 ? 10.590  -2.520  -3.687  1.00 13.08  ? 87  GLU E CG  1 
ATOM   264 C  CD  . GLU A 1 32 ? 11.642  -2.845  -4.729  1.00 16.16  ? 87  GLU E CD  1 
ATOM   265 O  OE1 . GLU A 1 32 ? 11.725  -4.015  -5.142  1.00 15.12  ? 87  GLU E OE1 1 
ATOM   266 O  OE2 . GLU A 1 32 ? 12.392  -1.937  -5.140  1.00 17.97  ? 87  GLU E OE2 1 
ATOM   267 N  N   . SER A 1 33 ? 9.774   -4.041  0.788   1.00 19.98  ? 88  SER E N   1 
ATOM   268 C  CA  . SER A 1 33 ? 10.036  -4.353  2.180   1.00 17.31  ? 88  SER E CA  1 
ATOM   269 C  C   . SER A 1 33 ? 11.484  -4.673  2.537   1.00 21.91  ? 88  SER E C   1 
ATOM   270 O  O   . SER A 1 33 ? 12.214  -5.269  1.752   1.00 18.58  ? 88  SER E O   1 
ATOM   271 C  CB  . SER A 1 33 ? 9.146   -5.533  2.602   1.00 18.48  ? 88  SER E CB  1 
ATOM   272 O  OG  . SER A 1 33 ? 9.300   -5.841  3.982   1.00 21.61  ? 88  SER E OG  1 
ATOM   273 N  N   . GLU A 1 34 ? 11.879  -4.309  3.751   1.00 18.36  ? 89  GLU E N   1 
ATOM   274 C  CA  . GLU A 1 34 ? 13.205  -4.634  4.241   1.00 20.35  ? 89  GLU E CA  1 
ATOM   275 C  C   . GLU A 1 34 ? 13.106  -5.950  5.025   1.00 22.32  ? 89  GLU E C   1 
ATOM   276 O  O   . GLU A 1 34 ? 14.114  -6.499  5.455   1.00 33.26  ? 89  GLU E O   1 
ATOM   277 C  CB  . GLU A 1 34 ? 13.732  -3.520  5.150   1.00 23.28  ? 89  GLU E CB  1 
ATOM   278 C  CG  . GLU A 1 34 ? 13.994  -2.251  4.408   1.00 28.30  ? 89  GLU E CG  1 
ATOM   279 C  CD  . GLU A 1 34 ? 14.724  -1.240  5.228   1.00 40.01  ? 89  GLU E CD  1 
ATOM   280 O  OE1 . GLU A 1 34 ? 14.221  -0.894  6.311   1.00 38.00  ? 89  GLU E OE1 1 
ATOM   281 O  OE2 . GLU A 1 34 ? 15.799  -0.781  4.786   1.00 47.09  ? 89  GLU E OE2 1 
ATOM   282 N  N   . SER A 1 35 ? 11.876  -6.436  5.216   1.00 19.50  ? 90  SER E N   1 
ATOM   283 C  CA  . SER A 1 35 ? 11.622  -7.675  5.970   1.00 21.64  ? 90  SER E CA  1 
ATOM   284 C  C   . SER A 1 35 ? 11.900  -8.970  5.246   1.00 18.36  ? 90  SER E C   1 
ATOM   285 O  O   . SER A 1 35 ? 12.012  -10.020 5.881   1.00 24.33  ? 90  SER E O   1 
ATOM   286 C  CB  . SER A 1 35 ? 10.182  -7.712  6.465   1.00 23.41  ? 90  SER E CB  1 
ATOM   287 O  OG  . SER A 1 35 ? 9.978   -6.752  7.472   1.00 29.75  ? 90  SER E OG  1 
ATOM   288 N  N   . ALA A 1 36 ? 11.947  -8.927  3.919   1.00 17.01  ? 91  ALA E N   1 
ATOM   289 C  CA  . ALA A 1 36 ? 12.181  -10.141 3.129   1.00 18.88  ? 91  ALA E CA  1 
ATOM   290 C  C   . ALA A 1 36 ? 12.584  -9.732  1.735   1.00 25.05  ? 91  ALA E C   1 
ATOM   291 O  O   . ALA A 1 36 ? 12.191  -8.665  1.276   1.00 23.40  ? 91  ALA E O   1 
ATOM   292 C  CB  . ALA A 1 36 ? 10.913  -10.999 3.083   1.00 19.31  ? 91  ALA E CB  1 
ATOM   293 N  N   . PRO A 1 37 ? 13.372  -10.563 1.051   1.00 17.15  ? 92  PRO E N   1 
ATOM   294 C  CA  . PRO A 1 37 ? 13.773  -10.211 -0.309  1.00 16.52  ? 92  PRO E CA  1 
ATOM   295 C  C   . PRO A 1 37 ? 12.576  -10.267 -1.274  1.00 19.68  ? 92  PRO E C   1 
ATOM   296 O  O   . PRO A 1 37 ? 11.739  -11.185 -1.209  1.00 18.97  ? 92  PRO E O   1 
ATOM   297 C  CB  . PRO A 1 37 ? 14.790  -11.300 -0.662  1.00 16.60  ? 92  PRO E CB  1 
ATOM   298 C  CG  . PRO A 1 37 ? 15.282  -11.786 0.659   1.00 18.70  ? 92  PRO E CG  1 
ATOM   299 C  CD  . PRO A 1 37 ? 14.073  -11.768 1.521   1.00 15.69  ? 92  PRO E CD  1 
ATOM   300 N  N   . GLY A 1 38 ? 12.508  -9.285  -2.170  1.00 15.99  ? 93  GLY E N   1 
ATOM   301 C  CA  . GLY A 1 38 ? 11.465  -9.224  -3.190  1.00 13.85  ? 93  GLY E CA  1 
ATOM   302 C  C   . GLY A 1 38 ? 10.023  -9.132  -2.709  1.00 15.69  ? 93  GLY E C   1 
ATOM   303 O  O   . GLY A 1 38 ? 9.128   -9.621  -3.369  1.00 24.14  ? 93  GLY E O   1 
ATOM   304 N  N   . ASP A 1 39 ? 9.803   -8.512  -1.566  1.00 16.75  ? 94  ASP E N   1 
ATOM   305 C  CA  . ASP A 1 39 ? 8.458   -8.360  -1.047  1.00 14.99  ? 94  ASP E CA  1 
ATOM   306 C  C   . ASP A 1 39 ? 8.036   -6.910  -1.125  1.00 20.39  ? 94  ASP E C   1 
ATOM   307 O  O   . ASP A 1 39 ? 8.877   -6.008  -1.097  1.00 19.52  ? 94  ASP E O   1 
ATOM   308 C  CB  . ASP A 1 39 ? 8.344   -8.861  0.396   1.00 16.43  ? 94  ASP E CB  1 
ATOM   309 C  CG  . ASP A 1 39 ? 7.665   -10.218 0.489   1.00 31.12  ? 94  ASP E CG  1 
ATOM   310 O  OD1 . ASP A 1 39 ? 7.494   -10.881 -0.562  1.00 43.51  ? 94  ASP E OD1 1 
ATOM   311 O  OD2 . ASP A 1 39 ? 7.304   -10.613 1.610   1.00 43.26  ? 94  ASP E OD2 1 
ATOM   312 N  N   . PHE A 1 40 ? 6.727   -6.700  -1.227  1.00 15.16  ? 95  PHE E N   1 
ATOM   313 C  CA  . PHE A 1 40 ? 6.145   -5.361  -1.305  1.00 14.62  ? 95  PHE E CA  1 
ATOM   314 C  C   . PHE A 1 40 ? 5.222   -5.087  -0.143  1.00 20.28  ? 95  PHE E C   1 
ATOM   315 O  O   . PHE A 1 40 ? 4.584   -6.002  0.404   1.00 17.03  ? 95  PHE E O   1 
ATOM   316 C  CB  . PHE A 1 40 ? 5.354   -5.185  -2.615  1.00 12.50  ? 95  PHE E CB  1 
ATOM   317 C  CG  . PHE A 1 40 ? 6.190   -5.369  -3.864  1.00 14.42  ? 95  PHE E CG  1 
ATOM   318 C  CD1 . PHE A 1 40 ? 6.988   -4.334  -4.343  1.00 17.19  ? 95  PHE E CD1 1 
ATOM   319 C  CD2 . PHE A 1 40 ? 6.179   -6.578  -4.560  1.00 16.02  ? 95  PHE E CD2 1 
ATOM   320 C  CE1 . PHE A 1 40 ? 7.762   -4.501  -5.489  1.00 13.24  ? 95  PHE E CE1 1 
ATOM   321 C  CE2 . PHE A 1 40 ? 6.954   -6.749  -5.711  1.00 16.32  ? 95  PHE E CE2 1 
ATOM   322 C  CZ  . PHE A 1 40 ? 7.743   -5.713  -6.168  1.00 14.08  ? 95  PHE E CZ  1 
ATOM   323 N  N   . SER A 1 41 ? 5.123   -3.814  0.213   1.00 17.71  ? 96  SER E N   1 
ATOM   324 C  CA  . SER A 1 41 ? 4.229   -3.371  1.267   1.00 16.91  ? 96  SER E CA  1 
ATOM   325 C  C   . SER A 1 41 ? 3.505   -2.116  0.774   1.00 21.85  ? 96  SER E C   1 
ATOM   326 O  O   . SER A 1 41 ? 4.061   -1.311  0.009   1.00 15.54  ? 96  SER E O   1 
ATOM   327 C  CB  . SER A 1 41 ? 4.996   -3.050  2.549   1.00 15.70  ? 96  SER E CB  1 
ATOM   328 O  OG  . SER A 1 41 ? 5.524   -4.224  3.125   1.00 24.19  ? 96  SER E OG  1 
ATOM   329 N  N   . LEU A 1 42 ? 2.261   -1.971  1.202   1.00 16.18  ? 97  LEU E N   1 
ATOM   330 C  CA  . LEU A 1 42 ? 1.447   -0.811  0.854   1.00 15.91  ? 97  LEU E CA  1 
ATOM   331 C  C   . LEU A 1 42 ? 1.282   -0.012  2.138   1.00 16.23  ? 97  LEU E C   1 
ATOM   332 O  O   . LEU A 1 42 ? 0.888   -0.565  3.161   1.00 16.43  ? 97  LEU E O   1 
ATOM   333 C  CB  . LEU A 1 42 ? 0.081   -1.263  0.327   1.00 16.27  ? 97  LEU E CB  1 
ATOM   334 C  CG  . LEU A 1 42 ? -1.046  -0.242  0.168   1.00 22.03  ? 97  LEU E CG  1 
ATOM   335 C  CD1 . LEU A 1 42 ? -0.681  0.756   -0.862  1.00 28.69  ? 97  LEU E CD1 1 
ATOM   336 C  CD2 . LEU A 1 42 ? -2.326  -0.967  -0.239  1.00 29.68  ? 97  LEU E CD2 1 
ATOM   337 N  N   . SER A 1 43 ? 1.639   1.271   2.098   1.00 15.09  ? 98  SER E N   1 
ATOM   338 C  CA  . SER A 1 43 ? 1.521   2.140   3.270   1.00 16.97  ? 98  SER E CA  1 
ATOM   339 C  C   . SER A 1 43 ? 0.495   3.223   2.916   1.00 22.62  ? 98  SER E C   1 
ATOM   340 O  O   . SER A 1 43 ? 0.551   3.794   1.831   1.00 16.41  ? 98  SER E O   1 
ATOM   341 C  CB  . SER A 1 43 ? 2.881   2.723   3.644   1.00 15.55  ? 98  SER E CB  1 
ATOM   342 O  OG  . SER A 1 43 ? 3.778   1.679   4.001   1.00 20.14  ? 98  SER E OG  1 
ATOM   343 N  N   . VAL A 1 44 ? -0.475  3.450   3.811   1.00 18.32  ? 99  VAL E N   1 
ATOM   344 C  CA  . VAL A 1 44 ? -1.557  4.398   3.545   1.00 22.76  ? 99  VAL E CA  1 
ATOM   345 C  C   . VAL A 1 44 ? -1.840  5.293   4.733   1.00 20.66  ? 99  VAL E C   1 
ATOM   346 O  O   . VAL A 1 44 ? -1.877  4.834   5.876   1.00 19.13  ? 99  VAL E O   1 
ATOM   347 C  CB  . VAL A 1 44 ? -2.889  3.645   3.242   1.00 21.88  ? 99  VAL E CB  1 
ATOM   348 C  CG1 . VAL A 1 44 ? -3.902  4.592   2.597   1.00 26.57  ? 99  VAL E CG1 1 
ATOM   349 C  CG2 . VAL A 1 44 ? -2.649  2.435   2.378   1.00 31.46  ? 99  VAL E CG2 1 
ATOM   350 N  N   . LYS A 1 45 ? -2.065  6.575   4.458   1.00 22.38  ? 100 LYS E N   1 
ATOM   351 C  CA  . LYS A 1 45 ? -2.383  7.508   5.517   1.00 24.40  ? 100 LYS E CA  1 
ATOM   352 C  C   . LYS A 1 45 ? -3.854  7.389   5.829   1.00 20.26  ? 100 LYS E C   1 
ATOM   353 O  O   . LYS A 1 45 ? -4.691  7.396   4.928   1.00 19.20  ? 100 LYS E O   1 
ATOM   354 C  CB  . LYS A 1 45 ? -2.102  8.950   5.098   1.00 27.52  ? 100 LYS E CB  1 
ATOM   355 C  CG  . LYS A 1 45 ? -2.659  9.977   6.097   1.00 25.36  ? 100 LYS E CG  1 
ATOM   356 C  CD  . LYS A 1 45 ? -2.327  11.402  5.689   1.00 70.45  ? 100 LYS E CD  1 
ATOM   357 C  CE  . LYS A 1 45 ? -2.818  12.405  6.736   1.00 52.49  ? 100 LYS E CE  1 
ATOM   358 N  NZ  . LYS A 1 45 ? -4.316  12.395  6.856   1.00 70.82  ? 100 LYS E NZ  1 
ATOM   359 N  N   . PHE A 1 46 ? -4.181  7.293   7.104   1.00 24.19  ? 101 PHE E N   1 
ATOM   360 C  CA  . PHE A 1 46 ? -5.563  7.248   7.497   1.00 27.33  ? 101 PHE E CA  1 
ATOM   361 C  C   . PHE A 1 46 ? -5.687  7.917   8.840   1.00 39.79  ? 101 PHE E C   1 
ATOM   362 O  O   . PHE A 1 46 ? -5.171  7.425   9.836   1.00 30.05  ? 101 PHE E O   1 
ATOM   363 C  CB  . PHE A 1 46 ? -6.135  5.838   7.526   1.00 27.16  ? 101 PHE E CB  1 
ATOM   364 C  CG  . PHE A 1 46 ? -7.619  5.812   7.738   1.00 30.87  ? 101 PHE E CG  1 
ATOM   365 C  CD1 . PHE A 1 46 ? -8.473  6.293   6.760   1.00 53.94  ? 101 PHE E CD1 1 
ATOM   366 C  CD2 . PHE A 1 46 ? -8.161  5.370   8.928   1.00 32.05  ? 101 PHE E CD2 1 
ATOM   367 C  CE1 . PHE A 1 46 ? -9.842  6.300   6.953   1.00 51.05  ? 101 PHE E CE1 1 
ATOM   368 C  CE2 . PHE A 1 46 ? -9.527  5.373   9.123   1.00 34.82  ? 101 PHE E CE2 1 
ATOM   369 C  CZ  . PHE A 1 46 ? -10.368 5.841   8.131   1.00 37.59  ? 101 PHE E CZ  1 
ATOM   370 N  N   . GLY A 1 47 ? -6.352  9.066   8.865   1.00 37.16  ? 102 GLY E N   1 
ATOM   371 C  CA  . GLY A 1 47 ? -6.496  9.798   10.106  1.00 28.37  ? 102 GLY E CA  1 
ATOM   372 C  C   . GLY A 1 47 ? -5.096  10.217  10.500  1.00 32.27  ? 102 GLY E C   1 
ATOM   373 O  O   . GLY A 1 47 ? -4.293  10.579  9.641   1.00 44.62  ? 102 GLY E O   1 
ATOM   374 N  N   . ASN A 1 48 ? -4.785  10.151  11.788  1.00 39.19  ? 103 ASN E N   1 
ATOM   375 C  CA  . ASN A 1 48 ? -3.458  10.538  12.251  1.00 39.58  ? 103 ASN E CA  1 
ATOM   376 C  C   . ASN A 1 48 ? -2.437  9.421   12.253  1.00 68.58  ? 103 ASN E C   1 
ATOM   377 O  O   . ASN A 1 48 ? -1.344  9.574   12.794  1.00 49.66  ? 103 ASN E O   1 
ATOM   378 C  CB  . ASN A 1 48 ? -3.531  11.198  13.612  1.00 55.23  ? 103 ASN E CB  1 
ATOM   379 C  CG  . ASN A 1 48 ? -4.062  12.593  13.535  1.00 98.40  ? 103 ASN E CG  1 
ATOM   380 O  OD1 . ASN A 1 48 ? -3.618  13.388  12.706  1.00 78.39  ? 103 ASN E OD1 1 
ATOM   381 N  ND2 . ASN A 1 48 ? -5.037  12.905  14.379  1.00 100.00 ? 103 ASN E ND2 1 
ATOM   382 N  N   . ASP A 1 49 ? -2.779  8.297   11.645  1.00 39.86  ? 104 ASP E N   1 
ATOM   383 C  CA  . ASP A 1 49 ? -1.843  7.192   11.592  1.00 41.28  ? 104 ASP E CA  1 
ATOM   384 C  C   . ASP A 1 49 ? -1.587  6.722   10.168  1.00 24.73  ? 104 ASP E C   1 
ATOM   385 O  O   . ASP A 1 49 ? -2.227  7.192   9.214   1.00 26.20  ? 104 ASP E O   1 
ATOM   386 C  CB  . ASP A 1 49 ? -2.253  6.033   12.528  1.00 40.06  ? 104 ASP E CB  1 
ATOM   387 C  CG  . ASP A 1 49 ? -3.614  5.438   12.188  1.00 100.00 ? 104 ASP E CG  1 
ATOM   388 O  OD1 . ASP A 1 49 ? -3.769  4.896   11.078  1.00 100.00 ? 104 ASP E OD1 1 
ATOM   389 O  OD2 . ASP A 1 49 ? -4.524  5.514   13.041  1.00 100.00 ? 104 ASP E OD2 1 
ATOM   390 N  N   . VAL A 1 50 ? -0.620  5.824   10.031  1.00 24.73  ? 105 VAL E N   1 
ATOM   391 C  CA  . VAL A 1 50 ? -0.261  5.262   8.749   1.00 31.18  ? 105 VAL E CA  1 
ATOM   392 C  C   . VAL A 1 50 ? -0.444  3.763   8.906   1.00 24.41  ? 105 VAL E C   1 
ATOM   393 O  O   . VAL A 1 50 ? 0.076   3.166   9.838   1.00 30.52  ? 105 VAL E O   1 
ATOM   394 C  CB  . VAL A 1 50 ? 1.214   5.591   8.379   1.00 28.18  ? 105 VAL E CB  1 
ATOM   395 C  CG1 . VAL A 1 50 ? 1.676   4.749   7.184   1.00 23.41  ? 105 VAL E CG1 1 
ATOM   396 C  CG2 . VAL A 1 50 ? 1.359   7.078   8.074   1.00 25.10  ? 105 VAL E CG2 1 
ATOM   397 N  N   . GLN A 1 51 ? -1.248  3.179   8.031   1.00 19.05  ? 106 GLN E N   1 
ATOM   398 C  CA  . GLN A 1 51 ? -1.512  1.754   8.076   1.00 19.21  ? 106 GLN E CA  1 
ATOM   399 C  C   . GLN A 1 51 ? -0.648  1.067   7.028   1.00 22.25  ? 106 GLN E C   1 
ATOM   400 O  O   . GLN A 1 51 ? -0.412  1.617   5.954   1.00 20.65  ? 106 GLN E O   1 
ATOM   401 C  CB  . GLN A 1 51 ? -2.993  1.478   7.815   1.00 16.14  ? 106 GLN E CB  1 
ATOM   402 C  CG  . GLN A 1 51 ? -3.922  2.165   8.800   1.00 18.50  ? 106 GLN E CG  1 
ATOM   403 C  CD  . GLN A 1 51 ? -5.332  1.605   8.753   1.00 27.49  ? 106 GLN E CD  1 
ATOM   404 O  OE1 . GLN A 1 51 ? -5.645  0.753   7.925   1.00 25.67  ? 106 GLN E OE1 1 
ATOM   405 N  NE2 . GLN A 1 51 ? -6.183  2.078   9.651   1.00 23.18  ? 106 GLN E NE2 1 
ATOM   406 N  N   . HIS A 1 52 ? -0.157  -0.126  7.363   1.00 17.95  ? 107 HIS E N   1 
ATOM   407 C  CA  . HIS A 1 52 ? 0.684   -0.890  6.451   1.00 15.55  ? 107 HIS E CA  1 
ATOM   408 C  C   . HIS A 1 52 ? 0.028   -2.212  6.109   1.00 16.29  ? 107 HIS E C   1 
ATOM   409 O  O   . HIS A 1 52 ? -0.479  -2.901  6.984   1.00 17.71  ? 107 HIS E O   1 
ATOM   410 C  CB  . HIS A 1 52 ? 2.047   -1.153  7.088   1.00 16.61  ? 107 HIS E CB  1 
ATOM   411 C  CG  . HIS A 1 52 ? 2.781   0.092   7.485   1.00 20.45  ? 107 HIS E CG  1 
ATOM   412 N  ND1 . HIS A 1 52 ? 3.591   0.787   6.613   1.00 15.60  ? 107 HIS E ND1 1 
ATOM   413 C  CD2 . HIS A 1 52 ? 2.826   0.766   8.660   1.00 16.31  ? 107 HIS E CD2 1 
ATOM   414 C  CE1 . HIS A 1 52 ? 4.107   1.832   7.234   1.00 16.78  ? 107 HIS E CE1 1 
ATOM   415 N  NE2 . HIS A 1 52 ? 3.655   1.846   8.475   1.00 18.33  ? 107 HIS E NE2 1 
ATOM   416 N  N   . PHE A 1 53 ? 0.063   -2.573  4.835   1.00 12.76  ? 108 PHE E N   1 
ATOM   417 C  CA  . PHE A 1 53 ? -0.511  -3.829  4.374   1.00 14.56  ? 108 PHE E CA  1 
ATOM   418 C  C   . PHE A 1 53 ? 0.584   -4.594  3.668   1.00 19.76  ? 108 PHE E C   1 
ATOM   419 O  O   . PHE A 1 53 ? 1.325   -4.024  2.865   1.00 18.42  ? 108 PHE E O   1 
ATOM   420 C  CB  . PHE A 1 53 ? -1.653  -3.578  3.372   1.00 16.42  ? 108 PHE E CB  1 
ATOM   421 C  CG  . PHE A 1 53 ? -2.854  -2.917  3.977   1.00 17.97  ? 108 PHE E CG  1 
ATOM   422 C  CD1 . PHE A 1 53 ? -2.845  -1.562  4.260   1.00 18.30  ? 108 PHE E CD1 1 
ATOM   423 C  CD2 . PHE A 1 53 ? -3.990  -3.651  4.265   1.00 18.62  ? 108 PHE E CD2 1 
ATOM   424 C  CE1 . PHE A 1 53 ? -3.957  -0.949  4.822   1.00 22.54  ? 108 PHE E CE1 1 
ATOM   425 C  CE2 . PHE A 1 53 ? -5.096  -3.048  4.828   1.00 26.75  ? 108 PHE E CE2 1 
ATOM   426 C  CZ  . PHE A 1 53 ? -5.077  -1.698  5.115   1.00 24.76  ? 108 PHE E CZ  1 
ATOM   427 N  N   . LYS A 1 54 ? 0.690   -5.876  3.976   1.00 13.80  ? 109 LYS E N   1 
ATOM   428 C  CA  . LYS A 1 54 ? 1.679   -6.738  3.353   1.00 12.93  ? 109 LYS E CA  1 
ATOM   429 C  C   . LYS A 1 54 ? 1.084   -7.255  2.043   1.00 15.02  ? 109 LYS E C   1 
ATOM   430 O  O   . LYS A 1 54 ? -0.034  -7.758  2.021   1.00 18.84  ? 109 LYS E O   1 
ATOM   431 C  CB  . LYS A 1 54 ? 2.006   -7.915  4.308   1.00 24.89  ? 109 LYS E CB  1 
ATOM   432 C  CG  . LYS A 1 54 ? 2.891   -9.010  3.724   1.00 46.41  ? 109 LYS E CG  1 
ATOM   433 C  CD  . LYS A 1 54 ? 4.109   -8.437  3.012   1.00 77.32  ? 109 LYS E CD  1 
ATOM   434 C  CE  . LYS A 1 54 ? 4.930   -7.540  3.920   1.00 37.49  ? 109 LYS E CE  1 
ATOM   435 N  NZ  . LYS A 1 54 ? 5.904   -6.778  3.110   1.00 23.29  ? 109 LYS E NZ  1 
ATOM   436 N  N   . VAL A 1 55 ? 1.812   -7.112  0.948   1.00 14.49  ? 110 VAL E N   1 
ATOM   437 C  CA  . VAL A 1 55 ? 1.312   -7.611  -0.327  1.00 15.65  ? 110 VAL E CA  1 
ATOM   438 C  C   . VAL A 1 55 ? 1.723   -9.095  -0.420  1.00 26.82  ? 110 VAL E C   1 
ATOM   439 O  O   . VAL A 1 55 ? 2.913   -9.424  -0.480  1.00 20.09  ? 110 VAL E O   1 
ATOM   440 C  CB  . VAL A 1 55 ? 1.843   -6.796  -1.531  1.00 20.30  ? 110 VAL E CB  1 
ATOM   441 C  CG1 . VAL A 1 55 ? 1.312   -7.375  -2.846  1.00 20.95  ? 110 VAL E CG1 1 
ATOM   442 C  CG2 . VAL A 1 55 ? 1.425   -5.338  -1.400  1.00 16.91  ? 110 VAL E CG2 1 
ATOM   443 N  N   . LEU A 1 56 ? 0.732   -9.974  -0.370  1.00 16.83  ? 111 LEU E N   1 
ATOM   444 C  CA  . LEU A 1 56 ? 0.963   -11.406 -0.415  1.00 15.78  ? 111 LEU E CA  1 
ATOM   445 C  C   . LEU A 1 56 ? 0.996   -11.891 -1.857  1.00 22.20  ? 111 LEU E C   1 
ATOM   446 O  O   . LEU A 1 56 ? 0.457   -11.245 -2.744  1.00 19.88  ? 111 LEU E O   1 
ATOM   447 C  CB  . LEU A 1 56 ? -0.164  -12.154 0.328   1.00 20.07  ? 111 LEU E CB  1 
ATOM   448 C  CG  . LEU A 1 56 ? -0.349  -12.035 1.848   1.00 38.12  ? 111 LEU E CG  1 
ATOM   449 C  CD1 . LEU A 1 56 ? 0.947   -11.764 2.568   1.00 24.63  ? 111 LEU E CD1 1 
ATOM   450 C  CD2 . LEU A 1 56 ? -1.433  -11.062 2.244   1.00 34.98  ? 111 LEU E CD2 1 
ATOM   451 N  N   . ARG A 1 57 ? 1.596   -13.055 -2.071  1.00 18.13  ? 112 ARG E N   1 
ATOM   452 C  CA  . ARG A 1 57 ? 1.680   -13.665 -3.397  1.00 21.63  ? 112 ARG E CA  1 
ATOM   453 C  C   . ARG A 1 57 ? 1.235   -15.117 -3.254  1.00 31.79  ? 112 ARG E C   1 
ATOM   454 O  O   . ARG A 1 57 ? 1.579   -15.769 -2.276  1.00 28.00  ? 112 ARG E O   1 
ATOM   455 C  CB  . ARG A 1 57 ? 3.128   -13.693 -3.871  1.00 22.17  ? 112 ARG E CB  1 
ATOM   456 C  CG  . ARG A 1 57 ? 3.662   -12.475 -4.583  1.00 35.88  ? 112 ARG E CG  1 
ATOM   457 C  CD  . ARG A 1 57 ? 5.036   -12.877 -5.127  1.00 42.51  ? 112 ARG E CD  1 
ATOM   458 N  NE  . ARG A 1 57 ? 5.858   -11.804 -5.682  1.00 68.03  ? 112 ARG E NE  1 
ATOM   459 C  CZ  . ARG A 1 57 ? 6.532   -10.908 -4.960  1.00 100.00 ? 112 ARG E CZ  1 
ATOM   460 N  NH1 . ARG A 1 57 ? 6.459   -10.912 -3.629  1.00 30.79  ? 112 ARG E NH1 1 
ATOM   461 N  NH2 . ARG A 1 57 ? 7.284   -10.002 -5.573  1.00 58.70  ? 112 ARG E NH2 1 
ATOM   462 N  N   . ASP A 1 58 ? 0.478   -15.627 -4.222  1.00 22.70  ? 113 ASP E N   1 
ATOM   463 C  CA  . ASP A 1 58 ? 0.059   -17.031 -4.172  1.00 19.61  ? 113 ASP E CA  1 
ATOM   464 C  C   . ASP A 1 58 ? 0.942   -17.858 -5.092  1.00 20.70  ? 113 ASP E C   1 
ATOM   465 O  O   . ASP A 1 58 ? 1.854   -17.324 -5.724  1.00 21.22  ? 113 ASP E O   1 
ATOM   466 C  CB  . ASP A 1 58 ? -1.427  -17.217 -4.479  1.00 21.18  ? 113 ASP E CB  1 
ATOM   467 C  CG  . ASP A 1 58 ? -1.782  -16.966 -5.946  1.00 23.88  ? 113 ASP E CG  1 
ATOM   468 O  OD1 . ASP A 1 58 ? -0.896  -16.851 -6.820  1.00 22.11  ? 113 ASP E OD1 1 
ATOM   469 O  OD2 . ASP A 1 58 ? -2.995  -16.899 -6.221  1.00 27.36  ? 113 ASP E OD2 1 
ATOM   470 N  N   . GLY A 1 59 ? 0.638   -19.140 -5.219  1.00 24.21  ? 114 GLY E N   1 
ATOM   471 C  CA  . GLY A 1 59 ? 1.440   -20.041 -6.050  1.00 18.42  ? 114 GLY E CA  1 
ATOM   472 C  C   . GLY A 1 59 ? 1.503   -19.699 -7.517  1.00 21.59  ? 114 GLY E C   1 
ATOM   473 O  O   . GLY A 1 59 ? 2.522   -19.930 -8.163  1.00 26.44  ? 114 GLY E O   1 
ATOM   474 N  N   . ALA A 1 60 ? 0.409   -19.158 -8.052  1.00 21.89  ? 115 ALA E N   1 
ATOM   475 C  CA  . ALA A 1 60 ? 0.344   -18.788 -9.467  1.00 23.19  ? 115 ALA E CA  1 
ATOM   476 C  C   . ALA A 1 60 ? 1.103   -17.482 -9.731  1.00 19.93  ? 115 ALA E C   1 
ATOM   477 O  O   . ALA A 1 60 ? 1.342   -17.124 -10.878 1.00 21.38  ? 115 ALA E O   1 
ATOM   478 C  CB  . ALA A 1 60 ? -1.108  -18.673 -9.921  1.00 19.10  ? 115 ALA E CB  1 
ATOM   479 N  N   . GLY A 1 61 ? 1.500   -16.798 -8.650  1.00 22.38  ? 116 GLY E N   1 
ATOM   480 C  CA  . GLY A 1 61 ? 2.240   -15.543 -8.751  1.00 15.32  ? 116 GLY E CA  1 
ATOM   481 C  C   . GLY A 1 61 ? 1.345   -14.291 -8.628  1.00 20.10  ? 116 GLY E C   1 
ATOM   482 O  O   . GLY A 1 61 ? 1.807   -13.181 -8.854  1.00 18.07  ? 116 GLY E O   1 
ATOM   483 N  N   . LYS A 1 62 ? 0.073   -14.474 -8.277  1.00 16.36  ? 117 LYS E N   1 
ATOM   484 C  CA  . LYS A 1 62 ? -0.838  -13.338 -8.144  1.00 13.67  ? 117 LYS E CA  1 
ATOM   485 C  C   . LYS A 1 62 ? -0.604  -12.616 -6.828  1.00 20.33  ? 117 LYS E C   1 
ATOM   486 O  O   . LYS A 1 62 ? -0.157  -13.227 -5.851  1.00 18.80  ? 117 LYS E O   1 
ATOM   487 C  CB  . LYS A 1 62 ? -2.292  -13.807 -8.192  1.00 20.86  ? 117 LYS E CB  1 
ATOM   488 C  CG  . LYS A 1 62 ? -2.769  -14.344 -9.532  1.00 22.23  ? 117 LYS E CG  1 
ATOM   489 C  CD  . LYS A 1 62 ? -4.252  -14.666 -9.460  1.00 23.79  ? 117 LYS E CD  1 
ATOM   490 C  CE  . LYS A 1 62 ? -4.783  -15.227 -10.776 1.00 16.39  ? 117 LYS E CE  1 
ATOM   491 N  NZ  . LYS A 1 62 ? -5.351  -14.196 -11.669 1.00 17.09  ? 117 LYS E NZ  1 
ATOM   492 N  N   . TYR A 1 63 ? -0.915  -11.314 -6.805  1.00 15.21  ? 118 TYR E N   1 
ATOM   493 C  CA  . TYR A 1 63 ? -0.775  -10.497 -5.597  1.00 12.97  ? 118 TYR E CA  1 
ATOM   494 C  C   . TYR A 1 63 ? -2.127  -10.375 -4.942  1.00 20.91  ? 118 TYR E C   1 
ATOM   495 O  O   . TYR A 1 63 ? -3.144  -10.369 -5.624  1.00 19.32  ? 118 TYR E O   1 
ATOM   496 C  CB  . TYR A 1 63 ? -0.333  -9.074  -5.960  1.00 15.24  ? 118 TYR E CB  1 
ATOM   497 C  CG  . TYR A 1 63 ? 1.014   -8.964  -6.622  1.00 17.74  ? 118 TYR E CG  1 
ATOM   498 C  CD1 . TYR A 1 63 ? 2.190   -9.227  -5.913  1.00 16.01  ? 118 TYR E CD1 1 
ATOM   499 C  CD2 . TYR A 1 63 ? 1.121   -8.571  -7.955  1.00 15.93  ? 118 TYR E CD2 1 
ATOM   500 C  CE1 . TYR A 1 63 ? 3.435   -9.109  -6.518  1.00 20.11  ? 118 TYR E CE1 1 
ATOM   501 C  CE2 . TYR A 1 63 ? 2.370   -8.446  -8.579  1.00 18.05  ? 118 TYR E CE2 1 
ATOM   502 C  CZ  . TYR A 1 63 ? 3.520   -8.708  -7.851  1.00 17.95  ? 118 TYR E CZ  1 
ATOM   503 O  OH  . TYR A 1 63 ? 4.755   -8.590  -8.455  1.00 22.08  ? 118 TYR E OH  1 
ATOM   504 N  N   . PHE A 1 64 ? -2.139  -10.216 -3.626  1.00 16.97  ? 119 PHE E N   1 
ATOM   505 C  CA  . PHE A 1 64 ? -3.378  -10.030 -2.902  1.00 16.16  ? 119 PHE E CA  1 
ATOM   506 C  C   . PHE A 1 64 ? -3.142  -9.455  -1.507  1.00 15.87  ? 119 PHE E C   1 
ATOM   507 O  O   . PHE A 1 64 ? -2.036  -9.533  -0.962  1.00 18.35  ? 119 PHE E O   1 
ATOM   508 C  CB  . PHE A 1 64 ? -4.220  -11.321 -2.862  1.00 14.56  ? 119 PHE E CB  1 
ATOM   509 C  CG  . PHE A 1 64 ? -3.624  -12.417 -2.026  1.00 16.38  ? 119 PHE E CG  1 
ATOM   510 C  CD1 . PHE A 1 64 ? -2.661  -13.268 -2.559  1.00 19.50  ? 119 PHE E CD1 1 
ATOM   511 C  CD2 . PHE A 1 64 ? -4.053  -12.625 -0.714  1.00 19.73  ? 119 PHE E CD2 1 
ATOM   512 C  CE1 . PHE A 1 64 ? -2.115  -14.300 -1.793  1.00 18.33  ? 119 PHE E CE1 1 
ATOM   513 C  CE2 . PHE A 1 64 ? -3.512  -13.653 0.059   1.00 24.97  ? 119 PHE E CE2 1 
ATOM   514 C  CZ  . PHE A 1 64 ? -2.546  -14.497 -0.484  1.00 20.98  ? 119 PHE E CZ  1 
ATOM   515 N  N   . LEU A 1 65 ? -4.185  -8.842  -0.961  1.00 14.15  ? 120 LEU E N   1 
ATOM   516 C  CA  . LEU A 1 65 ? -4.147  -8.251  0.368   1.00 14.45  ? 120 LEU E CA  1 
ATOM   517 C  C   . LEU A 1 65 ? -4.987  -9.106  1.322   1.00 21.28  ? 120 LEU E C   1 
ATOM   518 O  O   . LEU A 1 65 ? -4.587  -9.399  2.444   1.00 20.68  ? 120 LEU E O   1 
ATOM   519 C  CB  . LEU A 1 65 ? -4.756  -6.836  0.330   1.00 13.98  ? 120 LEU E CB  1 
ATOM   520 C  CG  . LEU A 1 65 ? -4.038  -5.698  -0.409  1.00 22.61  ? 120 LEU E CG  1 
ATOM   521 C  CD1 . LEU A 1 65 ? -4.658  -4.360  -0.095  1.00 17.15  ? 120 LEU E CD1 1 
ATOM   522 C  CD2 . LEU A 1 65 ? -2.565  -5.694  -0.124  1.00 18.86  ? 120 LEU E CD2 1 
ATOM   523 N  N   . TRP A 1 66 ? -6.170  -9.481  0.858   1.00 19.55  ? 121 TRP E N   1 
ATOM   524 C  CA  . TRP A 1 66 ? -7.091  -10.260 1.658   1.00 24.71  ? 121 TRP E CA  1 
ATOM   525 C  C   . TRP A 1 66 ? -7.509  -11.519 0.932   1.00 23.10  ? 121 TRP E C   1 
ATOM   526 O  O   . TRP A 1 66 ? -6.974  -12.587 1.184   1.00 28.47  ? 121 TRP E O   1 
ATOM   527 C  CB  . TRP A 1 66 ? -8.332  -9.430  1.988   1.00 20.93  ? 121 TRP E CB  1 
ATOM   528 C  CG  . TRP A 1 66 ? -8.036  -8.168  2.734   1.00 22.07  ? 121 TRP E CG  1 
ATOM   529 C  CD1 . TRP A 1 66 ? -8.012  -6.890  2.223   1.00 19.00  ? 121 TRP E CD1 1 
ATOM   530 C  CD2 . TRP A 1 66 ? -7.757  -8.047  4.131   1.00 17.45  ? 121 TRP E CD2 1 
ATOM   531 N  NE1 . TRP A 1 66 ? -7.714  -5.993  3.218   1.00 18.13  ? 121 TRP E NE1 1 
ATOM   532 C  CE2 . TRP A 1 66 ? -7.556  -6.675  4.400   1.00 23.21  ? 121 TRP E CE2 1 
ATOM   533 C  CE3 . TRP A 1 66 ? -7.648  -8.963  5.183   1.00 20.49  ? 121 TRP E CE3 1 
ATOM   534 C  CZ2 . TRP A 1 66 ? -7.267  -6.202  5.682   1.00 28.87  ? 121 TRP E CZ2 1 
ATOM   535 C  CZ3 . TRP A 1 66 ? -7.362  -8.487  6.457   1.00 16.56  ? 121 TRP E CZ3 1 
ATOM   536 C  CH2 . TRP A 1 66 ? -7.157  -7.125  6.695   1.00 16.77  ? 121 TRP E CH2 1 
ATOM   537 N  N   . VAL A 1 67 ? -8.446  -11.384 0.006   1.00 19.00  ? 122 VAL E N   1 
ATOM   538 C  CA  . VAL A 1 67 ? -8.947  -12.532 -0.741  1.00 21.69  ? 122 VAL E CA  1 
ATOM   539 C  C   . VAL A 1 67 ? -8.867  -12.361 -2.273  1.00 26.55  ? 122 VAL E C   1 
ATOM   540 O  O   . VAL A 1 67 ? -8.386  -13.248 -2.971  1.00 30.01  ? 122 VAL E O   1 
ATOM   541 C  CB  . VAL A 1 67 ? -10.401 -12.871 -0.299  1.00 29.21  ? 122 VAL E CB  1 
ATOM   542 C  CG1 . VAL A 1 67 ? -11.024 -13.884 -1.223  1.00 35.19  ? 122 VAL E CG1 1 
ATOM   543 C  CG2 . VAL A 1 67 ? -10.404 -13.391 1.126   1.00 32.95  ? 122 VAL E CG2 1 
ATOM   544 N  N   . VAL A 1 68 ? -9.337  -11.227 -2.785  1.00 19.77  ? 123 VAL E N   1 
ATOM   545 C  CA  . VAL A 1 68 ? -9.300  -10.945 -4.227  1.00 19.52  ? 123 VAL E CA  1 
ATOM   546 C  C   . VAL A 1 68 ? -7.838  -10.942 -4.690  1.00 20.84  ? 123 VAL E C   1 
ATOM   547 O  O   . VAL A 1 68 ? -6.967  -10.442 -3.988  1.00 22.12  ? 123 VAL E O   1 
ATOM   548 C  CB  . VAL A 1 68 ? -9.907  -9.561  -4.529  1.00 25.80  ? 123 VAL E CB  1 
ATOM   549 C  CG1 . VAL A 1 68 ? -9.847  -9.264  -6.012  1.00 28.71  ? 123 VAL E CG1 1 
ATOM   550 C  CG2 . VAL A 1 68 ? -11.330 -9.491  -4.026  1.00 35.54  ? 123 VAL E CG2 1 
ATOM   551 N  N   . LYS A 1 69 ? -7.581  -11.509 -5.867  1.00 17.53  ? 124 LYS E N   1 
ATOM   552 C  CA  . LYS A 1 69 ? -6.225  -11.601 -6.400  1.00 18.51  ? 124 LYS E CA  1 
ATOM   553 C  C   . LYS A 1 69 ? -6.029  -10.775 -7.654  1.00 21.78  ? 124 LYS E C   1 
ATOM   554 O  O   . LYS A 1 69 ? -6.958  -10.578 -8.424  1.00 19.99  ? 124 LYS E O   1 
ATOM   555 C  CB  . LYS A 1 69 ? -5.839  -13.065 -6.627  1.00 20.54  ? 124 LYS E CB  1 
ATOM   556 C  CG  . LYS A 1 69 ? -5.761  -13.859 -5.312  1.00 29.70  ? 124 LYS E CG  1 
ATOM   557 C  CD  . LYS A 1 69 ? -5.371  -15.293 -5.524  1.00 35.56  ? 124 LYS E CD  1 
ATOM   558 C  CE  . LYS A 1 69 ? -5.177  -15.985 -4.199  1.00 24.58  ? 124 LYS E CE  1 
ATOM   559 N  NZ  . LYS A 1 69 ? -4.826  -17.406 -4.412  1.00 39.04  ? 124 LYS E NZ  1 
ATOM   560 N  N   . PHE A 1 70 ? -4.801  -10.303 -7.853  1.00 17.85  ? 125 PHE E N   1 
ATOM   561 C  CA  . PHE A 1 70 ? -4.466  -9.458  -8.990  1.00 15.85  ? 125 PHE E CA  1 
ATOM   562 C  C   . PHE A 1 70 ? -3.215  -9.946  -9.701  1.00 13.46  ? 125 PHE E C   1 
ATOM   563 O  O   . PHE A 1 70 ? -2.307  -10.509 -9.077  1.00 18.11  ? 125 PHE E O   1 
ATOM   564 C  CB  . PHE A 1 70 ? -4.230  -8.030  -8.488  1.00 19.83  ? 125 PHE E CB  1 
ATOM   565 C  CG  . PHE A 1 70 ? -5.356  -7.493  -7.662  1.00 19.60  ? 125 PHE E CG  1 
ATOM   566 C  CD1 . PHE A 1 70 ? -6.488  -6.952  -8.276  1.00 19.60  ? 125 PHE E CD1 1 
ATOM   567 C  CD2 . PHE A 1 70 ? -5.296  -7.534  -6.270  1.00 19.67  ? 125 PHE E CD2 1 
ATOM   568 C  CE1 . PHE A 1 70 ? -7.542  -6.456  -7.511  1.00 22.45  ? 125 PHE E CE1 1 
ATOM   569 C  CE2 . PHE A 1 70 ? -6.338  -7.040  -5.503  1.00 27.59  ? 125 PHE E CE2 1 
ATOM   570 C  CZ  . PHE A 1 70 ? -7.474  -6.501  -6.137  1.00 21.91  ? 125 PHE E CZ  1 
ATOM   571 N  N   . ASN A 1 71 ? -3.158  -9.717  -11.007 1.00 14.72  ? 126 ASN E N   1 
ATOM   572 C  CA  . ASN A 1 71 ? -2.009  -10.148 -11.801 1.00 11.32  ? 126 ASN E CA  1 
ATOM   573 C  C   . ASN A 1 71 ? -0.847  -9.166  -11.773 1.00 19.05  ? 126 ASN E C   1 
ATOM   574 O  O   . ASN A 1 71 ? 0.211   -9.461  -12.287 1.00 17.22  ? 126 ASN E O   1 
ATOM   575 C  CB  . ASN A 1 71 ? -2.423  -10.458 -13.251 1.00 17.34  ? 126 ASN E CB  1 
ATOM   576 C  CG  . ASN A 1 71 ? -3.023  -11.868 -13.409 1.00 23.00  ? 126 ASN E CG  1 
ATOM   577 O  OD1 . ASN A 1 71 ? -3.383  -12.515 -12.429 1.00 24.14  ? 126 ASN E OD1 1 
ATOM   578 N  ND2 . ASN A 1 71 ? -3.137  -12.330 -14.650 1.00 22.48  ? 126 ASN E ND2 1 
ATOM   579 N  N   . SER A 1 72 ? -1.050  -8.002  -11.161 1.00 17.19  ? 127 SER E N   1 
ATOM   580 C  CA  . SER A 1 72 ? 0.001   -6.987  -11.073 1.00 11.98  ? 127 SER E CA  1 
ATOM   581 C  C   . SER A 1 72 ? -0.280  -6.007  -9.951  1.00 12.96  ? 127 SER E C   1 
ATOM   582 O  O   . SER A 1 72 ? -1.393  -5.923  -9.448  1.00 16.95  ? 127 SER E O   1 
ATOM   583 C  CB  . SER A 1 72 ? 0.095   -6.215  -12.391 1.00 16.62  ? 127 SER E CB  1 
ATOM   584 O  OG  . SER A 1 72 ? -1.115  -5.495  -12.651 1.00 18.18  ? 127 SER E OG  1 
ATOM   585 N  N   . LEU A 1 73 ? 0.743   -5.250  -9.566  1.00 15.79  ? 128 LEU E N   1 
ATOM   586 C  CA  . LEU A 1 73 ? 0.592   -4.234  -8.532  1.00 10.36  ? 128 LEU E CA  1 
ATOM   587 C  C   . LEU A 1 73 ? -0.287  -3.127  -9.095  1.00 12.15  ? 128 LEU E C   1 
ATOM   588 O  O   . LEU A 1 73 ? -1.073  -2.525  -8.371  1.00 14.65  ? 128 LEU E O   1 
ATOM   589 C  CB  . LEU A 1 73 ? 1.948   -3.649  -8.182  1.00 11.94  ? 128 LEU E CB  1 
ATOM   590 C  CG  . LEU A 1 73 ? 2.930   -4.618  -7.527  1.00 21.75  ? 128 LEU E CG  1 
ATOM   591 C  CD1 . LEU A 1 73 ? 4.249   -3.931  -7.348  1.00 19.42  ? 128 LEU E CD1 1 
ATOM   592 C  CD2 . LEU A 1 73 ? 2.388   -5.102  -6.166  1.00 18.33  ? 128 LEU E CD2 1 
ATOM   593 N  N   . ASN A 1 74 ? -0.133  -2.864  -10.394 1.00 14.81  ? 129 ASN E N   1 
ATOM   594 C  CA  . ASN A 1 74 ? -0.901  -1.807  -11.091 1.00 17.04  ? 129 ASN E CA  1 
ATOM   595 C  C   . ASN A 1 74 ? -2.406  -2.049  -10.942 1.00 18.25  ? 129 ASN E C   1 
ATOM   596 O  O   . ASN A 1 74 ? -3.162  -1.131  -10.622 1.00 18.44  ? 129 ASN E O   1 
ATOM   597 C  CB  . ASN A 1 74 ? -0.520  -1.786  -12.588 1.00 17.42  ? 129 ASN E CB  1 
ATOM   598 C  CG  . ASN A 1 74 ? -0.809  -0.439  -13.267 1.00 22.37  ? 129 ASN E CG  1 
ATOM   599 O  OD1 . ASN A 1 74 ? -0.172  -0.104  -14.260 1.00 19.85  ? 129 ASN E OD1 1 
ATOM   600 N  ND2 . ASN A 1 74 ? -1.779  0.324   -12.736 1.00 18.82  ? 129 ASN E ND2 1 
ATOM   601 N  N   . GLU A 1 75 ? -2.823  -3.295  -11.183 1.00 13.39  ? 130 GLU E N   1 
ATOM   602 C  CA  . GLU A 1 75 ? -4.225  -3.694  -11.070 1.00 14.06  ? 130 GLU E CA  1 
ATOM   603 C  C   . GLU A 1 75 ? -4.709  -3.643  -9.620  1.00 19.37  ? 130 GLU E C   1 
ATOM   604 O  O   . GLU A 1 75 ? -5.819  -3.197  -9.340  1.00 18.52  ? 130 GLU E O   1 
ATOM   605 C  CB  . GLU A 1 75 ? -4.419  -5.076  -11.670 1.00 14.58  ? 130 GLU E CB  1 
ATOM   606 C  CG  . GLU A 1 75 ? -4.265  -5.056  -13.187 1.00 17.54  ? 130 GLU E CG  1 
ATOM   607 C  CD  . GLU A 1 75 ? -4.098  -6.433  -13.784 1.00 28.28  ? 130 GLU E CD  1 
ATOM   608 O  OE1 . GLU A 1 75 ? -2.985  -6.998  -13.714 1.00 21.62  ? 130 GLU E OE1 1 
ATOM   609 O  OE2 . GLU A 1 75 ? -5.079  -6.948  -14.335 1.00 34.91  ? 130 GLU E OE2 1 
ATOM   610 N  N   . LEU A 1 76 ? -3.859  -4.064  -8.695  1.00 15.35  ? 131 LEU E N   1 
ATOM   611 C  CA  . LEU A 1 76 ? -4.208  -4.040  -7.277  1.00 16.50  ? 131 LEU E CA  1 
ATOM   612 C  C   . LEU A 1 76 ? -4.503  -2.601  -6.832  1.00 18.89  ? 131 LEU E C   1 
ATOM   613 O  O   . LEU A 1 76 ? -5.529  -2.326  -6.202  1.00 19.12  ? 131 LEU E O   1 
ATOM   614 C  CB  . LEU A 1 76 ? -3.057  -4.648  -6.438  1.00 14.40  ? 131 LEU E CB  1 
ATOM   615 C  CG  . LEU A 1 76 ? -3.231  -4.749  -4.906  1.00 19.10  ? 131 LEU E CG  1 
ATOM   616 C  CD1 . LEU A 1 76 ? -2.320  -5.837  -4.342  1.00 25.68  ? 131 LEU E CD1 1 
ATOM   617 C  CD2 . LEU A 1 76 ? -2.919  -3.407  -4.246  1.00 25.97  ? 131 LEU E CD2 1 
ATOM   618 N  N   . VAL A 1 77 ? -3.592  -1.692  -7.176  1.00 17.28  ? 132 VAL E N   1 
ATOM   619 C  CA  . VAL A 1 77 ? -3.722  -0.276  -6.831  1.00 17.45  ? 132 VAL E CA  1 
ATOM   620 C  C   . VAL A 1 77 ? -4.969  0.350   -7.465  1.00 19.37  ? 132 VAL E C   1 
ATOM   621 O  O   . VAL A 1 77 ? -5.780  0.953   -6.776  1.00 22.52  ? 132 VAL E O   1 
ATOM   622 C  CB  . VAL A 1 77 ? -2.454  0.515   -7.252  1.00 20.92  ? 132 VAL E CB  1 
ATOM   623 C  CG1 . VAL A 1 77 ? -2.731  2.014   -7.282  1.00 19.13  ? 132 VAL E CG1 1 
ATOM   624 C  CG2 . VAL A 1 77 ? -1.287  0.191   -6.296  1.00 19.19  ? 132 VAL E CG2 1 
ATOM   625 N  N   . ASP A 1 78 ? -5.132  0.174   -8.769  1.00 15.92  ? 133 ASP E N   1 
ATOM   626 C  CA  . ASP A 1 78 ? -6.281  0.744   -9.462  1.00 19.84  ? 133 ASP E CA  1 
ATOM   627 C  C   . ASP A 1 78 ? -7.596  0.254   -8.876  1.00 28.78  ? 133 ASP E C   1 
ATOM   628 O  O   . ASP A 1 78 ? -8.527  1.036   -8.710  1.00 23.74  ? 133 ASP E O   1 
ATOM   629 C  CB  . ASP A 1 78 ? -6.196  0.513   -10.966 1.00 19.30  ? 133 ASP E CB  1 
ATOM   630 C  CG  . ASP A 1 78 ? -5.129  1.383   -11.626 1.00 20.64  ? 133 ASP E CG  1 
ATOM   631 O  OD1 . ASP A 1 78 ? -4.647  2.327   -10.972 1.00 25.74  ? 133 ASP E OD1 1 
ATOM   632 O  OD2 . ASP A 1 78 ? -4.768  1.144   -12.777 1.00 25.61  ? 133 ASP E OD2 1 
ATOM   633 N  N   . TYR A 1 79 ? -7.659  -1.030  -8.530  1.00 22.56  ? 134 TYR E N   1 
ATOM   634 C  CA  . TYR A 1 79 ? -8.866  -1.600  -7.924  1.00 20.94  ? 134 TYR E CA  1 
ATOM   635 C  C   . TYR A 1 79 ? -9.209  -0.872  -6.624  1.00 21.86  ? 134 TYR E C   1 
ATOM   636 O  O   . TYR A 1 79 ? -10.360 -0.500  -6.393  1.00 21.18  ? 134 TYR E O   1 
ATOM   637 C  CB  . TYR A 1 79 ? -8.654  -3.077  -7.624  1.00 16.56  ? 134 TYR E CB  1 
ATOM   638 C  CG  . TYR A 1 79 ? -9.818  -3.773  -6.897  1.00 19.53  ? 134 TYR E CG  1 
ATOM   639 C  CD1 . TYR A 1 79 ? -10.936 -4.216  -7.596  1.00 30.92  ? 134 TYR E CD1 1 
ATOM   640 C  CD2 . TYR A 1 79 ? -9.744  -4.061  -5.537  1.00 20.76  ? 134 TYR E CD2 1 
ATOM   641 C  CE1 . TYR A 1 79 ? -11.977 -4.895  -6.948  1.00 21.50  ? 134 TYR E CE1 1 
ATOM   642 C  CE2 . TYR A 1 79 ? -10.765 -4.733  -4.888  1.00 23.23  ? 134 TYR E CE2 1 
ATOM   643 C  CZ  . TYR A 1 79 ? -11.879 -5.150  -5.601  1.00 32.02  ? 134 TYR E CZ  1 
ATOM   644 O  OH  . TYR A 1 79 ? -12.884 -5.811  -4.954  1.00 31.28  ? 134 TYR E OH  1 
ATOM   645 N  N   . HIS A 1 80 ? -8.207  -0.661  -5.785  1.00 17.20  ? 135 HIS E N   1 
ATOM   646 C  CA  . HIS A 1 80 ? -8.415  -0.006  -4.497  1.00 17.07  ? 135 HIS E CA  1 
ATOM   647 C  C   . HIS A 1 80 ? -8.585  1.525   -4.481  1.00 20.20  ? 135 HIS E C   1 
ATOM   648 O  O   . HIS A 1 80 ? -8.623  2.164   -3.426  1.00 18.38  ? 135 HIS E O   1 
ATOM   649 C  CB  . HIS A 1 80 ? -7.426  -0.510  -3.471  1.00 18.56  ? 135 HIS E CB  1 
ATOM   650 C  CG  . HIS A 1 80 ? -7.700  -1.916  -3.038  1.00 30.92  ? 135 HIS E CG  1 
ATOM   651 N  ND1 . HIS A 1 80 ? -8.803  -2.254  -2.285  1.00 21.62  ? 135 HIS E ND1 1 
ATOM   652 C  CD2 . HIS A 1 80 ? -7.039  -3.075  -3.276  1.00 17.44  ? 135 HIS E CD2 1 
ATOM   653 C  CE1 . HIS A 1 80 ? -8.802  -3.555  -2.061  1.00 21.21  ? 135 HIS E CE1 1 
ATOM   654 N  NE2 . HIS A 1 80 ? -7.744  -4.077  -2.648  1.00 19.16  ? 135 HIS E NE2 1 
ATOM   655 N  N   . ARG A 1 81 ? -8.735  2.103   -5.662  1.00 18.92  ? 136 ARG E N   1 
ATOM   656 C  CA  . ARG A 1 81 ? -8.989  3.524   -5.772  1.00 24.02  ? 136 ARG E CA  1 
ATOM   657 C  C   . ARG A 1 81 ? -10.513 3.677   -5.658  1.00 24.64  ? 136 ARG E C   1 
ATOM   658 O  O   . ARG A 1 81 ? -11.004 4.710   -5.221  1.00 25.57  ? 136 ARG E O   1 
ATOM   659 C  CB  . ARG A 1 81 ? -8.515  4.047   -7.127  1.00 21.50  ? 136 ARG E CB  1 
ATOM   660 C  CG  . ARG A 1 81 ? -7.006  4.117   -7.266  1.00 19.22  ? 136 ARG E CG  1 
ATOM   661 C  CD  . ARG A 1 81 ? -6.656  4.730   -8.563  1.00 20.57  ? 136 ARG E CD  1 
ATOM   662 N  NE  . ARG A 1 81 ? -5.221  4.768   -8.833  1.00 22.80  ? 136 ARG E NE  1 
ATOM   663 C  CZ  . ARG A 1 81 ? -4.372  5.667   -8.341  1.00 26.51  ? 136 ARG E CZ  1 
ATOM   664 N  NH1 . ARG A 1 81 ? -4.789  6.615   -7.505  1.00 21.64  ? 136 ARG E NH1 1 
ATOM   665 N  NH2 . ARG A 1 81 ? -3.093  5.615   -8.696  1.00 23.97  ? 136 ARG E NH2 1 
ATOM   666 N  N   . SER A 1 82 ? -11.246 2.621   -6.047  1.00 20.43  ? 137 SER E N   1 
ATOM   667 C  CA  . SER A 1 82 ? -12.716 2.623   -6.010  1.00 20.83  ? 137 SER E CA  1 
ATOM   668 C  C   . SER A 1 82 ? -13.332 1.664   -5.012  1.00 31.57  ? 137 SER E C   1 
ATOM   669 O  O   . SER A 1 82 ? -14.507 1.765   -4.709  1.00 32.05  ? 137 SER E O   1 
ATOM   670 C  CB  . SER A 1 82 ? -13.287 2.354   -7.391  1.00 19.61  ? 137 SER E CB  1 
ATOM   671 O  OG  . SER A 1 82 ? -12.868 1.087   -7.858  1.00 50.50  ? 137 SER E OG  1 
ATOM   672 N  N   . THR A 1 83 ? -12.544 0.722   -4.518  1.00 23.96  ? 138 THR E N   1 
ATOM   673 C  CA  . THR A 1 83 ? -13.020 -0.238  -3.517  1.00 20.58  ? 138 THR E CA  1 
ATOM   674 C  C   . THR A 1 83 ? -12.109 -0.076  -2.305  1.00 23.07  ? 138 THR E C   1 
ATOM   675 O  O   . THR A 1 83 ? -10.878 -0.005  -2.433  1.00 22.09  ? 138 THR E O   1 
ATOM   676 C  CB  . THR A 1 83 ? -12.966 -1.706  -4.029  1.00 24.08  ? 138 THR E CB  1 
ATOM   677 O  OG1 . THR A 1 83 ? -13.860 -1.864  -5.134  1.00 31.38  ? 138 THR E OG1 1 
ATOM   678 C  CG2 . THR A 1 83 ? -13.373 -2.666  -2.931  1.00 26.71  ? 138 THR E CG2 1 
ATOM   679 N  N   . SER A 1 84 ? -12.707 0.011   -1.127  1.00 19.72  ? 139 SER E N   1 
ATOM   680 C  CA  . SER A 1 84 ? -11.939 0.209   0.091   1.00 18.38  ? 139 SER E CA  1 
ATOM   681 C  C   . SER A 1 84 ? -10.903 -0.911  0.347   1.00 23.76  ? 139 SER E C   1 
ATOM   682 O  O   . SER A 1 84 ? -11.171 -2.088  0.135   1.00 21.25  ? 139 SER E O   1 
ATOM   683 C  CB  . SER A 1 84 ? -12.881 0.345   1.283   1.00 17.10  ? 139 SER E CB  1 
ATOM   684 O  OG  . SER A 1 84 ? -12.154 0.482   2.477   1.00 19.58  ? 139 SER E OG  1 
ATOM   685 N  N   . VAL A 1 85 ? -9.727  -0.522  0.814   1.00 20.19  ? 140 VAL E N   1 
ATOM   686 C  CA  . VAL A 1 85 ? -8.660  -1.473  1.125   1.00 20.40  ? 140 VAL E CA  1 
ATOM   687 C  C   . VAL A 1 85 ? -9.071  -2.324  2.346   1.00 34.27  ? 140 VAL E C   1 
ATOM   688 O  O   . VAL A 1 85 ? -8.528  -3.397  2.588   1.00 32.63  ? 140 VAL E O   1 
ATOM   689 C  CB  . VAL A 1 85 ? -7.324  -0.729  1.395   1.00 21.89  ? 140 VAL E CB  1 
ATOM   690 C  CG1 . VAL A 1 85 ? -6.270  -1.685  1.839   1.00 43.02  ? 140 VAL E CG1 1 
ATOM   691 C  CG2 . VAL A 1 85 ? -6.872  -0.019  0.132   1.00 28.50  ? 140 VAL E CG2 1 
ATOM   692 N  N   . SER A 1 86 ? -10.064 -1.849  3.080   1.00 24.59  ? 141 SER E N   1 
ATOM   693 C  CA  . SER A 1 86 ? -10.528 -2.547  4.252   1.00 19.67  ? 141 SER E CA  1 
ATOM   694 C  C   . SER A 1 86 ? -12.049 -2.553  4.324   1.00 30.68  ? 141 SER E C   1 
ATOM   695 O  O   . SER A 1 86 ? -12.705 -1.600  3.926   1.00 27.62  ? 141 SER E O   1 
ATOM   696 C  CB  . SER A 1 86 ? -9.925  -1.908  5.492   1.00 19.72  ? 141 SER E CB  1 
ATOM   697 O  OG  . SER A 1 86 ? -10.626 -2.283  6.665   1.00 48.21  ? 141 SER E OG  1 
ATOM   698 N  N   . ARG A 1 87 ? -12.594 -3.657  4.814   1.00 28.80  ? 142 ARG E N   1 
ATOM   699 C  CA  . ARG A 1 87 ? -14.025 -3.825  4.942   1.00 34.83  ? 142 ARG E CA  1 
ATOM   700 C  C   . ARG A 1 87 ? -14.548 -3.061  6.160   1.00 28.32  ? 142 ARG E C   1 
ATOM   701 O  O   . ARG A 1 87 ? -15.694 -2.644  6.189   1.00 40.79  ? 142 ARG E O   1 
ATOM   702 C  CB  . ARG A 1 87 ? -14.349 -5.330  5.050   1.00 25.68  ? 142 ARG E CB  1 
ATOM   703 C  CG  . ARG A 1 87 ? -15.787 -5.652  5.387   1.00 63.19  ? 142 ARG E CG  1 
ATOM   704 C  CD  . ARG A 1 87 ? -15.920 -7.086  5.927   1.00 51.61  ? 142 ARG E CD  1 
ATOM   705 N  NE  . ARG A 1 87 ? -15.882 -8.115  4.893   1.00 38.09  ? 142 ARG E NE  1 
ATOM   706 C  CZ  . ARG A 1 87 ? -15.951 -9.419  5.140   1.00 57.49  ? 142 ARG E CZ  1 
ATOM   707 N  NH1 . ARG A 1 87 ? -16.136 -9.847  6.390   1.00 44.42  ? 142 ARG E NH1 1 
ATOM   708 N  NH2 . ARG A 1 87 ? -15.910 -10.294 4.146   1.00 43.68  ? 142 ARG E NH2 1 
ATOM   709 N  N   . ASN A 1 88 ? -13.683 -2.865  7.149   1.00 25.98  ? 143 ASN E N   1 
ATOM   710 C  CA  . ASN A 1 88 ? -14.056 -2.181  8.383   1.00 28.57  ? 143 ASN E CA  1 
ATOM   711 C  C   . ASN A 1 88 ? -13.925 -0.657  8.344   1.00 37.69  ? 143 ASN E C   1 
ATOM   712 O  O   . ASN A 1 88 ? -14.656 0.045   9.016   1.00 39.64  ? 143 ASN E O   1 
ATOM   713 C  CB  . ASN A 1 88 ? -13.279 -2.770  9.580   1.00 41.66  ? 143 ASN E CB  1 
ATOM   714 C  CG  . ASN A 1 88 ? -13.619 -4.238  9.843   1.00 63.76  ? 143 ASN E CG  1 
ATOM   715 O  OD1 . ASN A 1 88 ? -14.681 -4.694  9.446   1.00 36.92  ? 143 ASN E OD1 1 
ATOM   716 N  ND2 . ASN A 1 88 ? -12.706 -4.969  10.495  1.00 18.44  ? 143 ASN E ND2 1 
ATOM   717 N  N   . GLN A 1 89 ? -12.985 -0.154  7.564   1.00 26.26  ? 144 GLN E N   1 
ATOM   718 C  CA  . GLN A 1 89 ? -12.792 1.282   7.452   1.00 20.90  ? 144 GLN E CA  1 
ATOM   719 C  C   . GLN A 1 89 ? -12.845 1.611   5.968   1.00 37.71  ? 144 GLN E C   1 
ATOM   720 O  O   . GLN A 1 89 ? -12.475 0.780   5.140   1.00 33.63  ? 144 GLN E O   1 
ATOM   721 C  CB  . GLN A 1 89 ? -11.454 1.689   8.064   1.00 22.69  ? 144 GLN E CB  1 
ATOM   722 C  CG  . GLN A 1 89 ? -11.368 1.470   9.577   1.00 24.63  ? 144 GLN E CG  1 
ATOM   723 C  CD  . GLN A 1 89 ? -9.968  1.728   10.135  1.00 33.60  ? 144 GLN E CD  1 
ATOM   724 O  OE1 . GLN A 1 89 ? -8.973  1.195   9.631   1.00 30.42  ? 144 GLN E OE1 1 
ATOM   725 N  NE2 . GLN A 1 89 ? -9.890  2.541   11.186  1.00 26.34  ? 144 GLN E NE2 1 
ATOM   726 N  N   . GLN A 1 90 ? -13.362 2.790   5.619   1.00 28.55  ? 145 GLN E N   1 
ATOM   727 C  CA  . GLN A 1 90 ? -13.453 3.166   4.204   1.00 29.38  ? 145 GLN E CA  1 
ATOM   728 C  C   . GLN A 1 90 ? -12.197 3.922   3.806   1.00 27.40  ? 145 GLN E C   1 
ATOM   729 O  O   . GLN A 1 90 ? -12.050 5.092   4.115   1.00 25.06  ? 145 GLN E O   1 
ATOM   730 C  CB  . GLN A 1 90 ? -14.723 3.967   3.929   1.00 30.15  ? 145 GLN E CB  1 
ATOM   731 C  CG  . GLN A 1 90 ? -16.000 3.128   4.073   1.00 32.69  ? 145 GLN E CG  1 
ATOM   732 C  CD  . GLN A 1 90 ? -15.949 1.807   3.285   1.00 100.00 ? 145 GLN E CD  1 
ATOM   733 O  OE1 . GLN A 1 90 ? -15.525 0.772   3.809   1.00 77.78  ? 145 GLN E OE1 1 
ATOM   734 N  NE2 . GLN A 1 90 ? -16.396 1.843   2.033   1.00 66.15  ? 145 GLN E NE2 1 
ATOM   735 N  N   . ILE A 1 91 ? -11.270 3.214   3.169   1.00 23.00  ? 146 ILE E N   1 
ATOM   736 C  CA  . ILE A 1 91 ? -9.991  3.787   2.762   1.00 23.63  ? 146 ILE E CA  1 
ATOM   737 C  C   . ILE A 1 91 ? -9.792  3.562   1.266   1.00 26.79  ? 146 ILE E C   1 
ATOM   738 O  O   . ILE A 1 91 ? -9.657  2.431   0.808   1.00 25.37  ? 146 ILE E O   1 
ATOM   739 C  CB  . ILE A 1 91 ? -8.796  3.135   3.549   1.00 27.34  ? 146 ILE E CB  1 
ATOM   740 C  CG1 . ILE A 1 91 ? -9.031  3.230   5.066   1.00 26.32  ? 146 ILE E CG1 1 
ATOM   741 C  CG2 . ILE A 1 91 ? -7.489  3.811   3.173   1.00 25.49  ? 146 ILE E CG2 1 
ATOM   742 C  CD1 . ILE A 1 91 ? -8.017  2.460   5.901   1.00 24.87  ? 146 ILE E CD1 1 
ATOM   743 N  N   . PHE A 1 92 ? -9.823  4.654   0.508   1.00 17.41  ? 147 PHE E N   1 
ATOM   744 C  CA  . PHE A 1 92 ? -9.650  4.602   -0.931  1.00 17.31  ? 147 PHE E CA  1 
ATOM   745 C  C   . PHE A 1 92 ? -8.313  5.221   -1.277  1.00 24.60  ? 147 PHE E C   1 
ATOM   746 O  O   . PHE A 1 92 ? -7.979  6.289   -0.800  1.00 23.88  ? 147 PHE E O   1 
ATOM   747 C  CB  . PHE A 1 92 ? -10.799 5.318   -1.632  1.00 22.57  ? 147 PHE E CB  1 
ATOM   748 C  CG  . PHE A 1 92 ? -12.156 4.770   -1.268  1.00 26.95  ? 147 PHE E CG  1 
ATOM   749 C  CD1 . PHE A 1 92 ? -12.850 5.269   -0.176  1.00 34.14  ? 147 PHE E CD1 1 
ATOM   750 C  CD2 . PHE A 1 92 ? -12.716 3.727   -1.991  1.00 24.92  ? 147 PHE E CD2 1 
ATOM   751 C  CE1 . PHE A 1 92 ? -14.085 4.757   0.169   1.00 29.07  ? 147 PHE E CE1 1 
ATOM   752 C  CE2 . PHE A 1 92 ? -13.950 3.212   -1.647  1.00 35.59  ? 147 PHE E CE2 1 
ATOM   753 C  CZ  . PHE A 1 92 ? -14.633 3.731   -0.569  1.00 31.03  ? 147 PHE E CZ  1 
ATOM   754 N  N   . LEU A 1 93 ? -7.534  4.518   -2.082  1.00 23.80  ? 148 LEU E N   1 
ATOM   755 C  CA  . LEU A 1 93 ? -6.217  4.984   -2.451  1.00 19.60  ? 148 LEU E CA  1 
ATOM   756 C  C   . LEU A 1 93 ? -6.257  6.217   -3.345  1.00 22.70  ? 148 LEU E C   1 
ATOM   757 O  O   . LEU A 1 93 ? -7.034  6.275   -4.307  1.00 21.37  ? 148 LEU E O   1 
ATOM   758 C  CB  . LEU A 1 93 ? -5.456  3.867   -3.179  1.00 23.81  ? 148 LEU E CB  1 
ATOM   759 C  CG  . LEU A 1 93 ? -5.220  2.564   -2.410  1.00 18.22  ? 148 LEU E CG  1 
ATOM   760 C  CD1 . LEU A 1 93 ? -4.259  1.644   -3.177  1.00 15.93  ? 148 LEU E CD1 1 
ATOM   761 C  CD2 . LEU A 1 93 ? -4.699  2.874   -1.042  1.00 15.23  ? 148 LEU E CD2 1 
ATOM   762 N  N   . ARG A 1 94 ? -5.399  7.188   -3.030  1.00 22.25  ? 149 ARG E N   1 
ATOM   763 C  CA  . ARG A 1 94 ? -5.255  8.408   -3.837  1.00 26.59  ? 149 ARG E CA  1 
ATOM   764 C  C   . ARG A 1 94 ? -3.784  8.785   -3.875  1.00 19.78  ? 149 ARG E C   1 
ATOM   765 O  O   . ARG A 1 94 ? -3.066  8.624   -2.888  1.00 22.42  ? 149 ARG E O   1 
ATOM   766 C  CB  . ARG A 1 94 ? -6.124  9.563   -3.336  1.00 21.98  ? 149 ARG E CB  1 
ATOM   767 C  CG  . ARG A 1 94 ? -5.984  9.877   -1.897  1.00 34.07  ? 149 ARG E CG  1 
ATOM   768 C  CD  . ARG A 1 94 ? -7.034  10.902  -1.485  1.00 88.00  ? 149 ARG E CD  1 
ATOM   769 N  NE  . ARG A 1 94 ? -6.872  12.161  -2.211  1.00 65.47  ? 149 ARG E NE  1 
ATOM   770 C  CZ  . ARG A 1 94 ? -7.792  13.119  -2.263  1.00 100.00 ? 149 ARG E CZ  1 
ATOM   771 N  NH1 . ARG A 1 94 ? -8.950  12.966  -1.639  1.00 43.28  ? 149 ARG E NH1 1 
ATOM   772 N  NH2 . ARG A 1 94 ? -7.550  14.234  -2.940  1.00 100.00 ? 149 ARG E NH2 1 
ATOM   773 N  N   . ASP A 1 95 ? -3.323  9.244   -5.028  1.00 23.68  ? 150 ASP E N   1 
ATOM   774 C  CA  . ASP A 1 95 ? -1.921  9.600   -5.187  1.00 22.63  ? 150 ASP E CA  1 
ATOM   775 C  C   . ASP A 1 95 ? -1.430  10.679  -4.226  1.00 28.96  ? 150 ASP E C   1 
ATOM   776 O  O   . ASP A 1 95 ? -2.141  11.646  -3.946  1.00 27.94  ? 150 ASP E O   1 
ATOM   777 C  CB  . ASP A 1 95 ? -1.653  10.027  -6.617  1.00 25.41  ? 150 ASP E CB  1 
ATOM   778 C  CG  . ASP A 1 95 ? -1.987  8.943   -7.622  1.00 30.36  ? 150 ASP E CG  1 
ATOM   779 O  OD1 . ASP A 1 95 ? -1.949  7.746   -7.267  1.00 33.12  ? 150 ASP E OD1 1 
ATOM   780 O  OD2 . ASP A 1 95 ? -2.291  9.294   -8.773  1.00 44.51  ? 150 ASP E OD2 1 
ATOM   781 N  N   . ILE A 1 96 ? -0.196  10.516  -3.744  1.00 22.56  ? 151 ILE E N   1 
ATOM   782 C  CA  . ILE A 1 96 ? 0.400   11.493  -2.845  1.00 20.35  ? 151 ILE E CA  1 
ATOM   783 C  C   . ILE A 1 96 ? 0.520   12.807  -3.594  1.00 28.53  ? 151 ILE E C   1 
ATOM   784 O  O   . ILE A 1 96 ? 0.442   12.845  -4.824  1.00 25.47  ? 151 ILE E O   1 
ATOM   785 C  CB  . ILE A 1 96 ? 1.837   11.095  -2.438  1.00 26.19  ? 151 ILE E CB  1 
ATOM   786 C  CG1 . ILE A 1 96 ? 2.667   10.770  -3.675  1.00 43.23  ? 151 ILE E CG1 1 
ATOM   787 C  CG2 . ILE A 1 96 ? 1.842   9.946   -1.428  1.00 28.55  ? 151 ILE E CG2 1 
ATOM   788 C  CD1 . ILE A 1 96 ? 4.154   10.653  -3.405  1.00 88.72  ? 151 ILE E CD1 1 
ATOM   789 N  N   . GLU A 1 97 ? 0.710   13.882  -2.851  1.00 24.92  ? 152 GLU E N   1 
ATOM   790 C  CA  . GLU A 1 97 ? 0.885   15.194  -3.447  1.00 32.11  ? 152 GLU E CA  1 
ATOM   791 C  C   . GLU A 1 97 ? 2.285   15.688  -3.151  1.00 27.19  ? 152 GLU E C   1 
ATOM   792 O  O   . GLU A 1 97 ? 2.764   15.570  -2.020  1.00 35.13  ? 152 GLU E O   1 
ATOM   793 C  CB  . GLU A 1 97 ? -0.117  16.163  -2.878  1.00 30.21  ? 152 GLU E CB  1 
ATOM   794 C  CG  . GLU A 1 97 ? -1.481  15.637  -2.916  1.00 35.59  ? 152 GLU E CG  1 
ATOM   795 C  CD  . GLU A 1 97 ? -2.486  16.665  -2.579  1.00 29.85  ? 152 GLU E CD  1 
ATOM   796 O  OE1 . GLU A 1 97 ? -2.458  17.157  -1.427  1.00 26.25  ? 152 GLU E OE1 1 
ATOM   797 O  OE2 . GLU A 1 97 ? -3.323  16.967  -3.456  1.00 34.56  ? 152 GLU E OE2 1 
ATOM   798 N  N   . GLN A 1 98 ? 2.940   16.235  -4.179  1.00 58.09  ? 153 GLN E N   1 
ATOM   799 C  CA  . GLN A 1 98 ? 4.312   16.789  -4.097  1.00 59.54  ? 153 GLN E CA  1 
ATOM   800 C  C   . GLN A 1 98 ? 4.197   18.366  -4.384  1.00 85.92  ? 153 GLN E C   1 
ATOM   801 O  O   . GLN A 1 98 ? 3.247   18.985  -3.868  1.00 100.00 ? 153 GLN E O   1 
ATOM   802 C  CB  . GLN A 1 98 ? 5.223   16.026  -5.073  1.00 100.00 ? 153 GLN E CB  1 
ATOM   803 C  CG  . GLN A 1 98 ? 5.218   14.493  -4.838  1.00 100.00 ? 153 GLN E CG  1 
ATOM   804 C  CD  . GLN A 1 98 ? 5.922   13.739  -5.940  1.00 100.00 ? 153 GLN E CD  1 
ATOM   805 O  OE1 . GLN A 1 98 ? 5.282   13.167  -6.824  1.00 68.44  ? 153 GLN E OE1 1 
ATOM   806 N  NE2 . GLN A 1 98 ? 7.254   13.755  -5.915  1.00 83.87  ? 153 GLN E NE2 1 
ATOM   807 O  OXT . GLN A 1 98 ? 4.970   19.078  -5.100  1.00 100.00 ? 153 GLN E OXT 1 
HETATM 808 C  C   . BE2 B 2 1  ? 4.869   -4.606  11.904  1.00 29.23  ? 1   BE2 I C   1 
HETATM 809 O  O   . BE2 B 2 1  ? 4.698   -5.680  11.326  1.00 34.51  ? 1   BE2 I O   1 
HETATM 810 C  C1  . BE2 B 2 1  ? 6.159   -4.021  11.974  1.00 33.24  ? 1   BE2 I C1  1 
HETATM 811 C  CA  . BE2 B 2 1  ? 7.134   -4.303  10.994  1.00 27.64  ? 1   BE2 I CA  1 
HETATM 812 C  C3  . BE2 B 2 1  ? 8.383   -3.682  11.069  1.00 36.90  ? 1   BE2 I C3  1 
HETATM 813 N  N   . BE2 B 2 1  ? 6.914   -5.143  9.985   1.00 31.34  ? 1   BE2 I N   1 
HETATM 814 C  C4  . BE2 B 2 1  ? 8.669   -2.786  12.099  1.00 31.73  ? 1   BE2 I C4  1 
HETATM 815 C  C5  . BE2 B 2 1  ? 7.707   -2.508  13.063  1.00 34.19  ? 1   BE2 I C5  1 
HETATM 816 C  C6  . BE2 B 2 1  ? 6.453   -3.117  12.994  1.00 29.58  ? 1   BE2 I C6  1 
ATOM   817 N  N   . GLU B 2 2  ? 3.870   -3.945  12.490  1.00 24.92  ? 2   GLU I N   1 
ATOM   818 C  CA  . GLU B 2 2  ? 2.500   -4.435  12.451  1.00 27.07  ? 2   GLU I CA  1 
ATOM   819 C  C   . GLU B 2 2  ? 1.912   -4.185  11.066  1.00 20.51  ? 2   GLU I C   1 
ATOM   820 O  O   . GLU B 2 2  ? 2.123   -3.128  10.479  1.00 21.56  ? 2   GLU I O   1 
ATOM   821 C  CB  . GLU B 2 2  ? 1.636   -3.713  13.503  1.00 24.14  ? 2   GLU I CB  1 
ATOM   822 C  CG  . GLU B 2 2  ? 0.158   -4.153  13.540  1.00 43.72  ? 2   GLU I CG  1 
ATOM   823 C  CD  . GLU B 2 2  ? -0.658  -3.291  14.469  1.00 88.00  ? 2   GLU I CD  1 
ATOM   824 O  OE1 . GLU B 2 2  ? -0.186  -2.736  15.450  1.00 65.05  ? 2   GLU I OE1 1 
ATOM   825 O  OE2 . GLU B 2 2  ? -1.877  -3.092  14.037  1.00 45.21  ? 2   GLU I OE2 1 
HETATM 826 N  N   . PTR B 2 3  ? 1.165   -5.168  10.569  1.00 19.66  ? 3   PTR I N   1 
HETATM 827 C  CA  . PTR B 2 3  ? 0.494   -5.082  9.295   1.00 18.14  ? 3   PTR I CA  1 
HETATM 828 C  C   . PTR B 2 3  ? -0.993  -5.289  9.566   1.00 29.32  ? 3   PTR I C   1 
HETATM 829 O  O   . PTR B 2 3  ? -1.348  -6.135  10.384  1.00 21.60  ? 3   PTR I O   1 
HETATM 830 C  CB  . PTR B 2 3  ? 1.006   -6.084  8.289   1.00 17.49  ? 3   PTR I CB  1 
HETATM 831 C  CG  . PTR B 2 3  ? 2.347   -5.904  7.850   1.00 19.34  ? 3   PTR I CG  1 
HETATM 832 C  CD1 . PTR B 2 3  ? 2.671   -5.027  6.788   1.00 18.91  ? 3   PTR I CD1 1 
HETATM 833 C  CD2 . PTR B 2 3  ? 3.413   -6.637  8.403   1.00 17.82  ? 3   PTR I CD2 1 
HETATM 834 C  CE1 . PTR B 2 3  ? 4.003   -4.875  6.311   1.00 22.04  ? 3   PTR I CE1 1 
HETATM 835 C  CE2 . PTR B 2 3  ? 4.733   -6.487  7.947   1.00 22.55  ? 3   PTR I CE2 1 
HETATM 836 C  CZ  . PTR B 2 3  ? 5.045   -5.590  6.922   1.00 21.40  ? 3   PTR I CZ  1 
HETATM 837 O  OH  . PTR B 2 3  ? 6.370   -5.564  6.486   1.00 30.99  ? 3   PTR I OH  1 
HETATM 838 P  P   . PTR B 2 3  ? 7.179   -4.356  6.411   1.00 24.16  ? 3   PTR I P   1 
HETATM 839 O  O1P . PTR B 2 3  ? 8.367   -4.611  7.076   1.00 24.58  ? 3   PTR I O1P 1 
HETATM 840 O  O2P . PTR B 2 3  ? 6.576   -3.224  6.956   1.00 20.87  ? 3   PTR I O2P 1 
HETATM 841 O  O3P . PTR B 2 3  ? 7.445   -4.149  5.082   1.00 22.69  ? 3   PTR I O3P 1 
ATOM   842 N  N   . ILE B 2 4  ? -1.857  -4.507  8.900   1.00 20.75  ? 4   ILE I N   1 
ATOM   843 C  CA  . ILE B 2 4  ? -3.297  -4.622  9.096   1.00 17.68  ? 4   ILE I CA  1 
ATOM   844 C  C   . ILE B 2 4  ? -3.797  -6.001  8.695   1.00 19.33  ? 4   ILE I C   1 
ATOM   845 O  O   . ILE B 2 4  ? -4.622  -6.607  9.385   1.00 20.04  ? 4   ILE I O   1 
ATOM   846 C  CB  . ILE B 2 4  ? -4.067  -3.535  8.310   1.00 19.48  ? 4   ILE I CB  1 
ATOM   847 C  CG1 . ILE B 2 4  ? -3.600  -2.143  8.704   1.00 16.76  ? 4   ILE I CG1 1 
ATOM   848 C  CG2 . ILE B 2 4  ? -5.589  -3.672  8.501   1.00 21.77  ? 4   ILE I CG2 1 
ATOM   849 C  CD1 . ILE B 2 4  ? -3.750  -1.862  10.202  1.00 23.00  ? 4   ILE I CD1 1 
ATOM   850 N  N   . ASN B 2 5  ? -3.302  -6.490  7.559   1.00 16.57  ? 5   ASN I N   1 
ATOM   851 C  CA  . ASN B 2 5  ? -3.720  -7.779  7.034   1.00 13.93  ? 5   ASN I CA  1 
ATOM   852 C  C   . ASN B 2 5  ? -2.958  -8.999  7.514   1.00 18.11  ? 5   ASN I C   1 
ATOM   853 O  O   . ASN B 2 5  ? -3.023  -10.035 6.869   1.00 25.14  ? 5   ASN I O   1 
ATOM   854 C  CB  . ASN B 2 5  ? -3.830  -7.753  5.508   1.00 17.12  ? 5   ASN I CB  1 
ATOM   855 C  CG  . ASN B 2 5  ? -2.494  -7.499  4.846   1.00 18.16  ? 5   ASN I CG  1 
ATOM   856 O  OD1 . ASN B 2 5  ? -1.580  -6.935  5.459   1.00 18.17  ? 5   ASN I OD1 1 
ATOM   857 N  ND2 . ASN B 2 5  ? -2.343  -8.030  3.631   1.00 15.55  ? 5   ASN I ND2 1 
ATOM   858 N  N   . GLN B 2 6  ? -2.258  -8.864  8.635   1.00 24.50  ? 6   GLN I N   1 
ATOM   859 C  CA  . GLN B 2 6  ? -1.495  -9.959  9.219   1.00 24.66  ? 6   GLN I CA  1 
ATOM   860 C  C   . GLN B 2 6  ? -1.853  -10.071 10.694  1.00 26.07  ? 6   GLN I C   1 
ATOM   861 O  O   . GLN B 2 6  ? -2.371  -11.088 11.144  1.00 45.31  ? 6   GLN I O   1 
ATOM   862 C  CB  . GLN B 2 6  ? 0.018   -9.695  9.126   1.00 29.16  ? 6   GLN I CB  1 
ATOM   863 C  CG  . GLN B 2 6  ? 0.833   -10.873 8.570   1.00 81.79  ? 6   GLN I CG  1 
ATOM   864 C  CD  . GLN B 2 6  ? 0.633   -11.084 7.081   1.00 87.76  ? 6   GLN I CD  1 
ATOM   865 O  OE1 . GLN B 2 6  ? 1.584   -11.459 6.370   1.00 78.49  ? 6   GLN I OE1 1 
ATOM   866 N  NE2 . GLN B 2 6  ? -0.630  -11.178 6.677   1.00 55.84  ? 6   GLN I NE2 1 
HETATM 867 N  N   . NH2 B 2 7  ? -1.606  -9.018  11.443  1.00 31.62  ? 7   NH2 I N   1 
HETATM 868 ZN ZN  . ZN  C 3 .  ? -4.696  18.027  -2.011  0.50 58.24  ? 1   ZN  E ZN  1 
HETATM 869 O  O   . HOH D 4 .  ? -6.873  -8.822  -1.773  1.00 19.52  ? 154 HOH E O   1 
HETATM 870 O  O   . HOH D 4 .  ? 10.637  -6.235  -4.085  1.00 19.73  ? 155 HOH E O   1 
HETATM 871 O  O   . HOH D 4 .  ? 10.309  -0.824  2.980   1.00 22.81  ? 156 HOH E O   1 
HETATM 872 O  O   . HOH D 4 .  ? -0.058  -1.146  10.018  1.00 22.93  ? 157 HOH E O   1 
HETATM 873 O  O   . HOH D 4 .  ? -0.756  -21.078 -12.975 1.00 24.72  ? 158 HOH E O   1 
HETATM 874 O  O   . HOH D 4 .  ? 5.046   -9.044  -2.053  1.00 25.52  ? 159 HOH E O   1 
HETATM 875 O  O   . HOH D 4 .  ? -8.220  -6.578  -1.820  1.00 27.57  ? 160 HOH E O   1 
HETATM 876 O  O   . HOH D 4 .  ? 0.595   -18.811 -13.234 1.00 27.60  ? 161 HOH E O   1 
HETATM 877 O  O   . HOH D 4 .  ? 11.711  -0.823  6.975   1.00 28.48  ? 162 HOH E O   1 
HETATM 878 O  O   . HOH D 4 .  ? -10.497 -9.403  -0.692  1.00 28.99  ? 163 HOH E O   1 
HETATM 879 O  O   . HOH D 4 .  ? -5.621  -8.808  -12.326 1.00 29.05  ? 164 HOH E O   1 
HETATM 880 O  O   . HOH D 4 .  ? -10.788 -6.008  5.148   1.00 29.14  ? 165 HOH E O   1 
HETATM 881 O  O   . HOH D 4 .  ? 0.948   7.890   -4.451  1.00 29.22  ? 166 HOH E O   1 
HETATM 882 O  O   . HOH D 4 .  ? 10.319  -2.876  5.691   1.00 29.35  ? 167 HOH E O   1 
HETATM 883 O  O   . HOH D 4 .  ? 2.851   -8.926  -13.960 1.00 29.93  ? 168 HOH E O   1 
HETATM 884 O  O   . HOH D 4 .  ? -2.900  2.690   -14.001 1.00 30.56  ? 169 HOH E O   1 
HETATM 885 O  O   . HOH D 4 .  ? -2.212  -10.749 -16.822 1.00 31.19  ? 170 HOH E O   1 
HETATM 886 O  O   . HOH D 4 .  ? 16.655  -6.089  4.774   1.00 31.52  ? 171 HOH E O   1 
HETATM 887 O  O   . HOH D 4 .  ? -2.204  3.693   -10.743 1.00 31.96  ? 172 HOH E O   1 
HETATM 888 O  O   . HOH D 4 .  ? -12.883 -1.250  -7.488  1.00 32.01  ? 173 HOH E O   1 
HETATM 889 O  O   . HOH D 4 .  ? 11.930  1.662   9.395   1.00 33.50  ? 174 HOH E O   1 
HETATM 890 O  O   . HOH D 4 .  ? -15.575 -0.071  -0.599  1.00 34.45  ? 175 HOH E O   1 
HETATM 891 O  O   . HOH D 4 .  ? 3.463   -13.993 0.148   1.00 34.83  ? 176 HOH E O   1 
HETATM 892 O  O   . HOH D 4 .  ? 4.426   -11.008 1.151   1.00 36.49  ? 177 HOH E O   1 
HETATM 893 O  O   . HOH D 4 .  ? -3.546  12.932  -1.867  1.00 36.97  ? 178 HOH E O   1 
HETATM 894 O  O   . HOH D 4 .  ? 5.429   1.308   12.171  1.00 36.98  ? 179 HOH E O   1 
HETATM 895 O  O   . HOH D 4 .  ? -5.562  9.895   -6.886  1.00 37.11  ? 180 HOH E O   1 
HETATM 896 O  O   . HOH D 4 .  ? -10.924 -5.239  1.244   1.00 37.28  ? 181 HOH E O   1 
HETATM 897 O  O   . HOH D 4 .  ? -4.362  -17.987 -8.264  1.00 37.44  ? 182 HOH E O   1 
HETATM 898 O  O   . HOH D 4 .  ? -4.694  -11.288 4.730   1.00 37.64  ? 183 HOH E O   1 
HETATM 899 O  O   . HOH D 4 .  ? -7.516  7.842   -6.829  1.00 38.32  ? 184 HOH E O   1 
HETATM 900 O  O   . HOH D 4 .  ? 4.741   -13.238 -7.982  1.00 38.91  ? 185 HOH E O   1 
HETATM 901 O  O   . HOH D 4 .  ? 0.406   -10.469 -15.906 1.00 39.30  ? 186 HOH E O   1 
HETATM 902 O  O   . HOH D 4 .  ? -9.636  -13.185 -7.147  1.00 39.58  ? 187 HOH E O   1 
HETATM 903 O  O   . HOH D 4 .  ? -12.057 -7.841  2.094   1.00 40.08  ? 188 HOH E O   1 
HETATM 904 O  O   . HOH D 4 .  ? -10.733 -6.551  -1.029  1.00 40.34  ? 189 HOH E O   1 
HETATM 905 O  O   . HOH D 4 .  ? -9.244  11.450  0.845   1.00 40.77  ? 190 HOH E O   1 
HETATM 906 O  O   . HOH D 4 .  ? -9.627  7.099   -4.733  1.00 40.86  ? 191 HOH E O   1 
HETATM 907 O  O   . HOH D 4 .  ? -5.225  -0.871  -13.802 1.00 41.45  ? 192 HOH E O   1 
HETATM 908 O  O   . HOH D 4 .  ? -4.257  -18.002 -1.741  1.00 42.13  ? 193 HOH E O   1 
HETATM 909 O  O   . HOH D 4 .  ? -2.477  14.034  0.498   1.00 43.25  ? 194 HOH E O   1 
HETATM 910 O  O   . HOH D 4 .  ? -7.441  -12.770 -10.461 1.00 43.93  ? 195 HOH E O   1 
HETATM 911 O  O   . HOH D 4 .  ? -7.931  -3.267  -11.577 1.00 45.18  ? 196 HOH E O   1 
HETATM 912 O  O   . HOH D 4 .  ? -13.102 -6.354  -2.274  1.00 45.46  ? 197 HOH E O   1 
HETATM 913 O  O   . HOH D 4 .  ? -14.052 4.697   8.325   1.00 46.82  ? 198 HOH E O   1 
HETATM 914 O  O   . HOH D 4 .  ? -0.766  10.390  9.333   1.00 47.81  ? 199 HOH E O   1 
HETATM 915 O  O   . HOH D 4 .  ? 4.502   14.096  2.342   1.00 47.84  ? 200 HOH E O   1 
HETATM 916 O  O   . HOH D 4 .  ? -1.246  -20.691 -3.375  1.00 49.61  ? 201 HOH E O   1 
HETATM 917 O  O   . HOH D 4 .  ? -10.970 1.856   -9.819  1.00 50.51  ? 202 HOH E O   1 
HETATM 918 O  O   . HOH D 4 .  ? 9.575   -12.437 -2.672  1.00 51.05  ? 203 HOH E O   1 
HETATM 919 O  O   . HOH D 4 .  ? -3.022  -1.829  -15.267 1.00 52.20  ? 204 HOH E O   1 
HETATM 920 O  O   . HOH D 4 .  ? -4.572  -9.605  -16.225 1.00 53.70  ? 205 HOH E O   1 
HETATM 921 O  O   . HOH D 4 .  ? 2.325   3.916   -17.323 1.00 53.94  ? 206 HOH E O   1 
HETATM 922 O  O   . HOH D 4 .  ? -1.256  16.739  0.596   1.00 54.41  ? 207 HOH E O   1 
HETATM 923 O  O   . HOH D 4 .  ? -1.369  7.937   -10.677 1.00 54.78  ? 208 HOH E O   1 
HETATM 924 O  O   . HOH D 4 .  ? 8.125   2.051   12.339  1.00 54.79  ? 209 HOH E O   1 
HETATM 925 O  O   . HOH D 4 .  ? -10.253 16.235  -2.100  1.00 55.24  ? 210 HOH E O   1 
HETATM 926 O  O   . HOH D 4 .  ? 2.944   -18.307 -14.963 1.00 56.96  ? 211 HOH E O   1 
HETATM 927 O  O   . HOH D 4 .  ? 8.286   7.414   11.613  1.00 56.96  ? 212 HOH E O   1 
HETATM 928 O  O   . HOH D 4 .  ? 0.568   5.238   12.702  1.00 57.12  ? 213 HOH E O   1 
HETATM 929 O  O   . HOH D 4 .  ? -6.368  8.500   13.447  1.00 57.90  ? 214 HOH E O   1 
HETATM 930 O  O   . HOH D 4 .  ? -0.600  -0.023  12.317  1.00 58.23  ? 215 HOH E O   1 
HETATM 931 O  O   . HOH D 4 .  ? -0.856  5.830   -12.013 1.00 58.98  ? 216 HOH E O   1 
HETATM 932 O  O   . HOH D 4 .  ? -7.129  2.923   12.524  1.00 59.17  ? 217 HOH E O   1 
HETATM 933 O  O   . HOH D 4 .  ? -9.957  7.176   2.067   1.00 59.36  ? 218 HOH E O   1 
HETATM 934 O  O   . HOH D 4 .  ? 17.342  -3.544  3.835   1.00 59.61  ? 219 HOH E O   1 
HETATM 935 O  O   . HOH D 4 .  ? -7.297  6.789   12.013  1.00 60.25  ? 220 HOH E O   1 
HETATM 936 O  O   . HOH D 4 .  ? 14.833  5.202   8.556   1.00 61.76  ? 221 HOH E O   1 
HETATM 937 O  O   . HOH D 4 .  ? 5.772   -12.910 -1.843  1.00 61.89  ? 222 HOH E O   1 
HETATM 938 O  O   . HOH D 4 .  ? -10.561 -1.876  -11.167 1.00 62.08  ? 223 HOH E O   1 
HETATM 939 O  O   . HOH D 4 .  ? 0.607   2.141   -17.173 1.00 62.18  ? 224 HOH E O   1 
HETATM 940 O  O   . HOH D 4 .  ? -2.240  2.010   12.066  1.00 62.49  ? 225 HOH E O   1 
HETATM 941 O  O   . HOH D 4 .  ? 4.197   10.497  -12.575 1.00 62.71  ? 226 HOH E O   1 
HETATM 942 O  O   . HOH D 4 .  ? -16.361 -5.650  8.289   1.00 62.84  ? 227 HOH E O   1 
HETATM 943 O  O   . HOH D 4 .  ? -12.916 -3.855  0.983   1.00 62.96  ? 228 HOH E O   1 
HETATM 944 O  O   . HOH D 4 .  ? 17.408  1.145   6.482   1.00 64.05  ? 229 HOH E O   1 
HETATM 945 O  O   . HOH D 4 .  ? -4.063  13.192  -5.215  1.00 64.25  ? 230 HOH E O   1 
HETATM 946 O  O   . HOH D 4 .  ? 0.899   6.608   -14.976 1.00 64.35  ? 231 HOH E O   1 
HETATM 947 O  O   . HOH D 4 .  ? 1.926   2.598   12.005  1.00 66.34  ? 232 HOH E O   1 
HETATM 948 O  O   . HOH D 4 .  ? -8.273  -6.010  -12.432 1.00 66.65  ? 233 HOH E O   1 
HETATM 949 O  O   . HOH D 4 .  ? 4.917   -17.352 -5.397  1.00 68.77  ? 234 HOH E O   1 
HETATM 950 O  O   . HOH D 4 .  ? -6.097  1.501   15.405  1.00 68.77  ? 235 HOH E O   1 
HETATM 951 O  O   . HOH D 4 .  ? -9.774  8.837   0.050   1.00 69.01  ? 236 HOH E O   1 
HETATM 952 O  O   . HOH D 4 .  ? -1.707  0.729   -16.914 1.00 69.67  ? 237 HOH E O   1 
HETATM 953 O  O   . HOH D 4 .  ? 3.692   -23.718 -7.294  1.00 70.17  ? 238 HOH E O   1 
HETATM 954 O  O   . HOH D 4 .  ? 14.614  2.862   9.761   1.00 71.18  ? 239 HOH E O   1 
HETATM 955 O  O   . HOH D 4 .  ? 0.828   -16.363 0.265   1.00 72.16  ? 240 HOH E O   1 
HETATM 956 O  O   . HOH D 4 .  ? -14.076 -2.767  -9.570  1.00 72.93  ? 241 HOH E O   1 
HETATM 957 O  O   . HOH D 4 .  ? 7.269   4.716   -10.484 1.00 73.37  ? 242 HOH E O   1 
HETATM 958 O  O   . HOH D 4 .  ? -10.309 9.070   -3.148  1.00 73.39  ? 243 HOH E O   1 
HETATM 959 O  O   . HOH D 4 .  ? 5.623   9.891   11.305  1.00 74.75  ? 244 HOH E O   1 
HETATM 960 O  O   . HOH D 4 .  ? -0.823  12.926  11.339  1.00 75.74  ? 245 HOH E O   1 
HETATM 961 O  O   . HOH D 4 .  ? -15.904 -1.911  2.621   1.00 76.75  ? 246 HOH E O   1 
HETATM 962 O  O   . HOH D 4 .  ? -13.105 -9.479  -0.097  1.00 77.18  ? 247 HOH E O   1 
HETATM 963 O  O   . HOH D 4 .  ? -16.839 -7.697  1.783   1.00 85.34  ? 248 HOH E O   1 
HETATM 964 O  O   . HOH D 4 .  ? 0.686   -8.659  -14.665 1.00 94.58  ? 249 HOH E O   1 
HETATM 965 O  O   . HOH D 4 .  ? -16.999 -0.299  -3.339  1.00 100.00 ? 250 HOH E O   1 
HETATM 966 O  O   . HOH E 4 .  ? 0.833   -7.617  12.138  1.00 29.85  ? 15  HOH I O   1 
HETATM 967 O  O   . HOH E 4 .  ? 3.680   -1.849  14.278  1.00 51.36  ? 52  HOH I O   1 
HETATM 968 O  O   . HOH E 4 .  ? 11.404  -1.281  9.862   1.00 60.35  ? 70  HOH I O   1 
HETATM 969 O  O   . HOH E 4 .  ? 9.796   -3.032  8.687   1.00 77.07  ? 97  HOH I O   1 
# 
loop_
_pdbx_poly_seq_scheme.asym_id 
_pdbx_poly_seq_scheme.entity_id 
_pdbx_poly_seq_scheme.seq_id 
_pdbx_poly_seq_scheme.mon_id 
_pdbx_poly_seq_scheme.ndb_seq_num 
_pdbx_poly_seq_scheme.pdb_seq_num 
_pdbx_poly_seq_scheme.auth_seq_num 
_pdbx_poly_seq_scheme.pdb_mon_id 
_pdbx_poly_seq_scheme.auth_mon_id 
_pdbx_poly_seq_scheme.pdb_strand_id 
_pdbx_poly_seq_scheme.pdb_ins_code 
_pdbx_poly_seq_scheme.hetero 
A 1 1  LYS 1  56  56  LYS LYS E . n 
A 1 2  PRO 2  57  57  PRO PRO E . n 
A 1 3  HIS 3  58  58  HIS HIS E . n 
A 1 4  PRO 4  59  59  PRO PRO E . n 
A 1 5  TRP 5  60  60  TRP TRP E . n 
A 1 6  PHE 6  61  61  PHE PHE E . n 
A 1 7  PHE 7  62  62  PHE PHE E . n 
A 1 8  GLY 8  63  63  GLY GLY E . n 
A 1 9  LYS 9  64  64  LYS LYS E . n 
A 1 10 ILE 10 65  65  ILE ILE E . n 
A 1 11 PRO 11 66  66  PRO PRO E . n 
A 1 12 ARG 12 67  67  ARG ARG E . n 
A 1 13 ALA 13 68  68  ALA ALA E . n 
A 1 14 LYS 14 69  69  LYS LYS E . n 
A 1 15 ALA 15 70  70  ALA ALA E . n 
A 1 16 GLU 16 71  71  GLU GLU E . n 
A 1 17 GLU 17 72  72  GLU GLU E . n 
A 1 18 MET 18 73  73  MET MET E . n 
A 1 19 LEU 19 74  74  LEU LEU E . n 
A 1 20 SER 20 75  75  SER SER E . n 
A 1 21 LYS 21 76  76  LYS LYS E . n 
A 1 22 GLN 22 77  77  GLN GLN E . n 
A 1 23 ARG 23 78  78  ARG ARG E . n 
A 1 24 HIS 24 79  79  HIS HIS E . n 
A 1 25 ASP 25 80  80  ASP ASP E . n 
A 1 26 GLY 26 81  81  GLY GLY E . n 
A 1 27 ALA 27 82  82  ALA ALA E . n 
A 1 28 PHE 28 83  83  PHE PHE E . n 
A 1 29 LEU 29 84  84  LEU LEU E . n 
A 1 30 ILE 30 85  85  ILE ILE E . n 
A 1 31 ARG 31 86  86  ARG ARG E . n 
A 1 32 GLU 32 87  87  GLU GLU E . n 
A 1 33 SER 33 88  88  SER SER E . n 
A 1 34 GLU 34 89  89  GLU GLU E . n 
A 1 35 SER 35 90  90  SER SER E . n 
A 1 36 ALA 36 91  91  ALA ALA E . n 
A 1 37 PRO 37 92  92  PRO PRO E . n 
A 1 38 GLY 38 93  93  GLY GLY E . n 
A 1 39 ASP 39 94  94  ASP ASP E . n 
A 1 40 PHE 40 95  95  PHE PHE E . n 
A 1 41 SER 41 96  96  SER SER E . n 
A 1 42 LEU 42 97  97  LEU LEU E . n 
A 1 43 SER 43 98  98  SER SER E . n 
A 1 44 VAL 44 99  99  VAL VAL E . n 
A 1 45 LYS 45 100 100 LYS LYS E . n 
A 1 46 PHE 46 101 101 PHE PHE E . n 
A 1 47 GLY 47 102 102 GLY GLY E . n 
A 1 48 ASN 48 103 103 ASN ASN E . n 
A 1 49 ASP 49 104 104 ASP ASP E . n 
A 1 50 VAL 50 105 105 VAL VAL E . n 
A 1 51 GLN 51 106 106 GLN GLN E . n 
A 1 52 HIS 52 107 107 HIS HIS E . n 
A 1 53 PHE 53 108 108 PHE PHE E . n 
A 1 54 LYS 54 109 109 LYS LYS E . n 
A 1 55 VAL 55 110 110 VAL VAL E . n 
A 1 56 LEU 56 111 111 LEU LEU E . n 
A 1 57 ARG 57 112 112 ARG ARG E . n 
A 1 58 ASP 58 113 113 ASP ASP E . n 
A 1 59 GLY 59 114 114 GLY GLY E . n 
A 1 60 ALA 60 115 115 ALA ALA E . n 
A 1 61 GLY 61 116 116 GLY GLY E . n 
A 1 62 LYS 62 117 117 LYS LYS E . n 
A 1 63 TYR 63 118 118 TYR TYR E . n 
A 1 64 PHE 64 119 119 PHE PHE E . n 
A 1 65 LEU 65 120 120 LEU LEU E . n 
A 1 66 TRP 66 121 121 TRP TRP E . n 
A 1 67 VAL 67 122 122 VAL VAL E . n 
A 1 68 VAL 68 123 123 VAL VAL E . n 
A 1 69 LYS 69 124 124 LYS LYS E . n 
A 1 70 PHE 70 125 125 PHE PHE E . n 
A 1 71 ASN 71 126 126 ASN ASN E . n 
A 1 72 SER 72 127 127 SER SER E . n 
A 1 73 LEU 73 128 128 LEU LEU E . n 
A 1 74 ASN 74 129 129 ASN ASN E . n 
A 1 75 GLU 75 130 130 GLU GLU E . n 
A 1 76 LEU 76 131 131 LEU LEU E . n 
A 1 77 VAL 77 132 132 VAL VAL E . n 
A 1 78 ASP 78 133 133 ASP ASP E . n 
A 1 79 TYR 79 134 134 TYR TYR E . n 
A 1 80 HIS 80 135 135 HIS HIS E . n 
A 1 81 ARG 81 136 136 ARG ARG E . n 
A 1 82 SER 82 137 137 SER SER E . n 
A 1 83 THR 83 138 138 THR THR E . n 
A 1 84 SER 84 139 139 SER SER E . n 
A 1 85 VAL 85 140 140 VAL VAL E . n 
A 1 86 SER 86 141 141 SER SER E . n 
A 1 87 ARG 87 142 142 ARG ARG E . n 
A 1 88 ASN 88 143 143 ASN ASN E . n 
A 1 89 GLN 89 144 144 GLN GLN E . n 
A 1 90 GLN 90 145 145 GLN GLN E . n 
A 1 91 ILE 91 146 146 ILE ILE E . n 
A 1 92 PHE 92 147 147 PHE PHE E . n 
A 1 93 LEU 93 148 148 LEU LEU E . n 
A 1 94 ARG 94 149 149 ARG ARG E . n 
A 1 95 ASP 95 150 150 ASP ASP E . n 
A 1 96 ILE 96 151 151 ILE ILE E . n 
A 1 97 GLU 97 152 152 GLU GLU E . n 
A 1 98 GLN 98 153 153 GLN GLN E . n 
B 2 1  BE2 1  1   1   BE2 BE2 I . n 
B 2 2  GLU 2  2   2   GLU GLU I . n 
B 2 3  PTR 3  3   3   PTR PTR I . n 
B 2 4  ILE 4  4   4   ILE ILE I . n 
B 2 5  ASN 5  5   5   ASN ASN I . n 
B 2 6  GLN 6  6   6   GLN GLN I . n 
B 2 7  NH2 7  7   7   NH2 NH2 I . n 
# 
loop_
_pdbx_nonpoly_scheme.asym_id 
_pdbx_nonpoly_scheme.entity_id 
_pdbx_nonpoly_scheme.mon_id 
_pdbx_nonpoly_scheme.ndb_seq_num 
_pdbx_nonpoly_scheme.pdb_seq_num 
_pdbx_nonpoly_scheme.auth_seq_num 
_pdbx_nonpoly_scheme.pdb_mon_id 
_pdbx_nonpoly_scheme.auth_mon_id 
_pdbx_nonpoly_scheme.pdb_strand_id 
_pdbx_nonpoly_scheme.pdb_ins_code 
C 3 ZN  1  1   1   ZN  ZN  E . 
D 4 HOH 1  154 1   HOH HOH E . 
D 4 HOH 2  155 2   HOH HOH E . 
D 4 HOH 3  156 3   HOH HOH E . 
D 4 HOH 4  157 4   HOH HOH E . 
D 4 HOH 5  158 5   HOH HOH E . 
D 4 HOH 6  159 6   HOH HOH E . 
D 4 HOH 7  160 7   HOH HOH E . 
D 4 HOH 8  161 8   HOH HOH E . 
D 4 HOH 9  162 9   HOH HOH E . 
D 4 HOH 10 163 10  HOH HOH E . 
D 4 HOH 11 164 11  HOH HOH E . 
D 4 HOH 12 165 12  HOH HOH E . 
D 4 HOH 13 166 13  HOH HOH E . 
D 4 HOH 14 167 14  HOH HOH E . 
D 4 HOH 15 168 16  HOH HOH E . 
D 4 HOH 16 169 17  HOH HOH E . 
D 4 HOH 17 170 18  HOH HOH E . 
D 4 HOH 18 171 19  HOH HOH E . 
D 4 HOH 19 172 20  HOH HOH E . 
D 4 HOH 20 173 21  HOH HOH E . 
D 4 HOH 21 174 22  HOH HOH E . 
D 4 HOH 22 175 23  HOH HOH E . 
D 4 HOH 23 176 24  HOH HOH E . 
D 4 HOH 24 177 25  HOH HOH E . 
D 4 HOH 25 178 26  HOH HOH E . 
D 4 HOH 26 179 27  HOH HOH E . 
D 4 HOH 27 180 28  HOH HOH E . 
D 4 HOH 28 181 29  HOH HOH E . 
D 4 HOH 29 182 30  HOH HOH E . 
D 4 HOH 30 183 31  HOH HOH E . 
D 4 HOH 31 184 32  HOH HOH E . 
D 4 HOH 32 185 33  HOH HOH E . 
D 4 HOH 33 186 34  HOH HOH E . 
D 4 HOH 34 187 35  HOH HOH E . 
D 4 HOH 35 188 36  HOH HOH E . 
D 4 HOH 36 189 37  HOH HOH E . 
D 4 HOH 37 190 38  HOH HOH E . 
D 4 HOH 38 191 39  HOH HOH E . 
D 4 HOH 39 192 40  HOH HOH E . 
D 4 HOH 40 193 41  HOH HOH E . 
D 4 HOH 41 194 42  HOH HOH E . 
D 4 HOH 42 195 43  HOH HOH E . 
D 4 HOH 43 196 44  HOH HOH E . 
D 4 HOH 44 197 45  HOH HOH E . 
D 4 HOH 45 198 46  HOH HOH E . 
D 4 HOH 46 199 47  HOH HOH E . 
D 4 HOH 47 200 48  HOH HOH E . 
D 4 HOH 48 201 49  HOH HOH E . 
D 4 HOH 49 202 50  HOH HOH E . 
D 4 HOH 50 203 51  HOH HOH E . 
D 4 HOH 51 204 53  HOH HOH E . 
D 4 HOH 52 205 54  HOH HOH E . 
D 4 HOH 53 206 55  HOH HOH E . 
D 4 HOH 54 207 56  HOH HOH E . 
D 4 HOH 55 208 57  HOH HOH E . 
D 4 HOH 56 209 58  HOH HOH E . 
D 4 HOH 57 210 59  HOH HOH E . 
D 4 HOH 58 211 60  HOH HOH E . 
D 4 HOH 59 212 61  HOH HOH E . 
D 4 HOH 60 213 62  HOH HOH E . 
D 4 HOH 61 214 63  HOH HOH E . 
D 4 HOH 62 215 64  HOH HOH E . 
D 4 HOH 63 216 65  HOH HOH E . 
D 4 HOH 64 217 66  HOH HOH E . 
D 4 HOH 65 218 67  HOH HOH E . 
D 4 HOH 66 219 68  HOH HOH E . 
D 4 HOH 67 220 69  HOH HOH E . 
D 4 HOH 68 221 71  HOH HOH E . 
D 4 HOH 69 222 72  HOH HOH E . 
D 4 HOH 70 223 73  HOH HOH E . 
D 4 HOH 71 224 74  HOH HOH E . 
D 4 HOH 72 225 75  HOH HOH E . 
D 4 HOH 73 226 76  HOH HOH E . 
D 4 HOH 74 227 77  HOH HOH E . 
D 4 HOH 75 228 78  HOH HOH E . 
D 4 HOH 76 229 79  HOH HOH E . 
D 4 HOH 77 230 80  HOH HOH E . 
D 4 HOH 78 231 81  HOH HOH E . 
D 4 HOH 79 232 82  HOH HOH E . 
D 4 HOH 80 233 83  HOH HOH E . 
D 4 HOH 81 234 84  HOH HOH E . 
D 4 HOH 82 235 85  HOH HOH E . 
D 4 HOH 83 236 86  HOH HOH E . 
D 4 HOH 84 237 87  HOH HOH E . 
D 4 HOH 85 238 88  HOH HOH E . 
D 4 HOH 86 239 89  HOH HOH E . 
D 4 HOH 87 240 90  HOH HOH E . 
D 4 HOH 88 241 91  HOH HOH E . 
D 4 HOH 89 242 92  HOH HOH E . 
D 4 HOH 90 243 93  HOH HOH E . 
D 4 HOH 91 244 94  HOH HOH E . 
D 4 HOH 92 245 95  HOH HOH E . 
D 4 HOH 93 246 96  HOH HOH E . 
D 4 HOH 94 247 98  HOH HOH E . 
D 4 HOH 95 248 99  HOH HOH E . 
D 4 HOH 96 249 100 HOH HOH E . 
D 4 HOH 97 250 101 HOH HOH E . 
E 4 HOH 1  15  15  HOH HOH I . 
E 4 HOH 2  52  52  HOH HOH I . 
E 4 HOH 3  70  70  HOH HOH I . 
E 4 HOH 4  97  97  HOH HOH I . 
# 
_pdbx_struct_mod_residue.id               1 
_pdbx_struct_mod_residue.label_asym_id    B 
_pdbx_struct_mod_residue.label_comp_id    PTR 
_pdbx_struct_mod_residue.label_seq_id     3 
_pdbx_struct_mod_residue.auth_asym_id     I 
_pdbx_struct_mod_residue.auth_comp_id     PTR 
_pdbx_struct_mod_residue.auth_seq_id      3 
_pdbx_struct_mod_residue.PDB_ins_code     ? 
_pdbx_struct_mod_residue.parent_comp_id   TYR 
_pdbx_struct_mod_residue.details          O-PHOSPHOTYROSINE 
# 
loop_
_pdbx_struct_assembly.id 
_pdbx_struct_assembly.details 
_pdbx_struct_assembly.method_details 
_pdbx_struct_assembly.oligomeric_details 
_pdbx_struct_assembly.oligomeric_count 
1 author_and_software_defined_assembly PISA dimeric    2 
2 software_defined_assembly            PISA tetrameric 4 
3 software_defined_assembly            PISA tetrameric 4 
4 software_defined_assembly            PISA tetrameric 4 
5 software_defined_assembly            PISA tetrameric 4 
# 
loop_
_pdbx_struct_assembly_gen.assembly_id 
_pdbx_struct_assembly_gen.oper_expression 
_pdbx_struct_assembly_gen.asym_id_list 
1 1   A,B,C,D,E 
2 1,2 A,B,C,D,E 
3 1,3 B,E       
3 4,5 A,C,D     
4 1,6 B,E       
4 7,8 A,C,D     
5 1,9 A,B,C,D,E 
# 
loop_
_pdbx_struct_assembly_prop.biol_id 
_pdbx_struct_assembly_prop.type 
_pdbx_struct_assembly_prop.value 
_pdbx_struct_assembly_prop.details 
1 'ABSA (A^2)' 1210  ? 
1 MORE         -3    ? 
1 'SSA (A^2)'  6120  ? 
2 'ABSA (A^2)' 3260  ? 
2 MORE         -128  ? 
2 'SSA (A^2)'  11590 ? 
3 'ABSA (A^2)' 2130  ? 
3 MORE         -119  ? 
3 'SSA (A^2)'  12720 ? 
4 'ABSA (A^2)' 1780  ? 
4 MORE         -120  ? 
4 'SSA (A^2)'  13070 ? 
5 'ABSA (A^2)' 4370  ? 
5 MORE         -16   ? 
5 'SSA (A^2)'  10290 ? 
# 
loop_
_pdbx_struct_oper_list.id 
_pdbx_struct_oper_list.type 
_pdbx_struct_oper_list.name 
_pdbx_struct_oper_list.symmetry_operation 
_pdbx_struct_oper_list.matrix[1][1] 
_pdbx_struct_oper_list.matrix[1][2] 
_pdbx_struct_oper_list.matrix[1][3] 
_pdbx_struct_oper_list.vector[1] 
_pdbx_struct_oper_list.matrix[2][1] 
_pdbx_struct_oper_list.matrix[2][2] 
_pdbx_struct_oper_list.matrix[2][3] 
_pdbx_struct_oper_list.vector[2] 
_pdbx_struct_oper_list.matrix[3][1] 
_pdbx_struct_oper_list.matrix[3][2] 
_pdbx_struct_oper_list.matrix[3][3] 
_pdbx_struct_oper_list.vector[3] 
1 'identity operation'         1_555 x,y,z               1.0000000000  0.0000000000  0.0000000000  0.0000000000  0.0000000000  1.0000000000  0.0000000000  0.0000000000   0.0000000000  0.0000000000  1.0000000000  0.0000000000   
2 'crystal symmetry operation' 4_568 x,-y+1,-z+3         -0.9980105722 -0.0124117987 -0.0618129849 -9.6921331552 -0.0124117987 -0.9225642954 0.3856437061  35.5247304676  -0.0618129849 0.3856437061  0.9205748676  -7.4451606327  
3 'crystal symmetry operation' 4_558 x,-y,-z+3           -0.9980105722 -0.0124117987 -0.0618129849 -8.1762116345 -0.0124117987 -0.9225642954 0.3856437061  -75.9308607906 -0.0618129849 0.3856437061  0.9205748676  14.9834630260  
4 'crystal symmetry operation' 5_445 x-1/2,y-1/2,z       1.0000000000  0.0000000000  0.0000000000  -0.0289394241 0.0000000000  1.0000000000  0.0000000000  -50.8184209394 0.0000000000  0.0000000000  1.0000000000  35.6638788655  
5 'crystal symmetry operation' 8_458 x-1/2,-y+1/2,-z+3   -0.9980105722 -0.0124117987 -0.0618129849 -9.7210725794 -0.0124117987 -0.9225642954 0.3856437061  -15.2936904718 -0.0618129849 0.3856437061  0.9205748676  28.2187182328  
6 'crystal symmetry operation' 4_559 x,-y,-z+4           -0.9980105722 -0.0124117987 -0.0618129849 38.3964617256 -0.0124117987 -0.9225642954 0.3856437061  -75.0321019985 -0.0618129849 0.3856437061  0.9205748676  16.3019199764  
7 'crystal symmetry operation' 6_655 -x+3/2,-y+1/2,z+1/2 0.9976550534  0.0385507190  0.0565529526  23.3458400642 0.0385507190  -0.9992560488 0.0010913581  -18.2479818991 0.0565529526  0.0010913581  -0.9983990047 11.3028723008  
8 'crystal symmetry operation' 7_648 -x+3/2,y-1/2,-z+7/2 -0.9996444813 -0.0261389203 0.0052600323  14.6248925281 -0.0261389203 0.9218203442  -0.3867350642 -54.1280477376 0.0052600323  -0.3867350642 -0.9221758629 18.2267647205  
9 'crystal symmetry operation' 3_758 -x+2,y,-z+7/2       -0.9996444813 -0.0261389203 0.0052600323  14.6538319522 -0.0261389203 0.9218203442  -0.3867350642 -3.3096267982  0.0052600323  -0.3867350642 -0.9221758629 -17.4371141450 
# 
_pdbx_struct_special_symmetry.id              1 
_pdbx_struct_special_symmetry.PDB_model_num   1 
_pdbx_struct_special_symmetry.auth_asym_id    E 
_pdbx_struct_special_symmetry.auth_comp_id    ZN 
_pdbx_struct_special_symmetry.auth_seq_id     1 
_pdbx_struct_special_symmetry.PDB_ins_code    ? 
_pdbx_struct_special_symmetry.label_asym_id   C 
_pdbx_struct_special_symmetry.label_comp_id   ZN 
_pdbx_struct_special_symmetry.label_seq_id    . 
# 
loop_
_pdbx_struct_conn_angle.id 
_pdbx_struct_conn_angle.ptnr1_label_atom_id 
_pdbx_struct_conn_angle.ptnr1_label_alt_id 
_pdbx_struct_conn_angle.ptnr1_label_asym_id 
_pdbx_struct_conn_angle.ptnr1_label_comp_id 
_pdbx_struct_conn_angle.ptnr1_label_seq_id 
_pdbx_struct_conn_angle.ptnr1_auth_atom_id 
_pdbx_struct_conn_angle.ptnr1_auth_asym_id 
_pdbx_struct_conn_angle.ptnr1_auth_comp_id 
_pdbx_struct_conn_angle.ptnr1_auth_seq_id 
_pdbx_struct_conn_angle.ptnr1_PDB_ins_code 
_pdbx_struct_conn_angle.ptnr1_symmetry 
_pdbx_struct_conn_angle.ptnr2_label_atom_id 
_pdbx_struct_conn_angle.ptnr2_label_alt_id 
_pdbx_struct_conn_angle.ptnr2_label_asym_id 
_pdbx_struct_conn_angle.ptnr2_label_comp_id 
_pdbx_struct_conn_angle.ptnr2_label_seq_id 
_pdbx_struct_conn_angle.ptnr2_auth_atom_id 
_pdbx_struct_conn_angle.ptnr2_auth_asym_id 
_pdbx_struct_conn_angle.ptnr2_auth_comp_id 
_pdbx_struct_conn_angle.ptnr2_auth_seq_id 
_pdbx_struct_conn_angle.ptnr2_PDB_ins_code 
_pdbx_struct_conn_angle.ptnr2_symmetry 
_pdbx_struct_conn_angle.ptnr3_label_atom_id 
_pdbx_struct_conn_angle.ptnr3_label_alt_id 
_pdbx_struct_conn_angle.ptnr3_label_asym_id 
_pdbx_struct_conn_angle.ptnr3_label_comp_id 
_pdbx_struct_conn_angle.ptnr3_label_seq_id 
_pdbx_struct_conn_angle.ptnr3_auth_atom_id 
_pdbx_struct_conn_angle.ptnr3_auth_asym_id 
_pdbx_struct_conn_angle.ptnr3_auth_comp_id 
_pdbx_struct_conn_angle.ptnr3_auth_seq_id 
_pdbx_struct_conn_angle.ptnr3_PDB_ins_code 
_pdbx_struct_conn_angle.ptnr3_symmetry 
_pdbx_struct_conn_angle.value 
_pdbx_struct_conn_angle.value_esd 
1 NE2 ? A HIS 24 ? E HIS 79  ? 1_555 ZN ? C ZN . ? E ZN 1 ? 1_555 OE2 ? A GLU 97 ? E GLU 152 ? 1_555 118.6 ? 
2 NE2 ? A HIS 24 ? E HIS 79  ? 1_555 ZN ? C ZN . ? E ZN 1 ? 1_555 OE1 ? A GLU 97 ? E GLU 152 ? 1_555 96.3  ? 
3 OE2 ? A GLU 97 ? E GLU 152 ? 1_555 ZN ? C ZN . ? E ZN 1 ? 1_555 OE1 ? A GLU 97 ? E GLU 152 ? 1_555 55.6  ? 
# 
loop_
_pdbx_audit_revision_history.ordinal 
_pdbx_audit_revision_history.data_content_type 
_pdbx_audit_revision_history.major_revision 
_pdbx_audit_revision_history.minor_revision 
_pdbx_audit_revision_history.revision_date 
1 'Structure model' 1 0 1999-03-30 
2 'Structure model' 1 1 2008-03-24 
3 'Structure model' 1 2 2011-07-13 
4 'Structure model' 1 3 2018-04-18 
5 'Structure model' 2 0 2023-08-09 
6 'Structure model' 3 0 2023-11-15 
# 
_pdbx_audit_revision_details.ordinal             1 
_pdbx_audit_revision_details.revision_ordinal    1 
_pdbx_audit_revision_details.data_content_type   'Structure model' 
_pdbx_audit_revision_details.provider            repository 
_pdbx_audit_revision_details.type                'Initial release' 
_pdbx_audit_revision_details.description         ? 
_pdbx_audit_revision_details.details             ? 
# 
loop_
_pdbx_audit_revision_group.ordinal 
_pdbx_audit_revision_group.revision_ordinal 
_pdbx_audit_revision_group.data_content_type 
_pdbx_audit_revision_group.group 
1  2 'Structure model' 'Version format compliance' 
2  3 'Structure model' 'Version format compliance' 
3  4 'Structure model' 'Data collection'           
4  4 'Structure model' Other                       
5  5 'Structure model' 'Atomic model'              
6  5 'Structure model' 'Database references'       
7  5 'Structure model' 'Derived calculations'      
8  5 'Structure model' 'Refinement description'    
9  6 'Structure model' Advisory                    
10 6 'Structure model' 'Atomic model'              
11 6 'Structure model' 'Data collection'           
12 6 'Structure model' 'Derived calculations'      
# 
loop_
_pdbx_audit_revision_category.ordinal 
_pdbx_audit_revision_category.revision_ordinal 
_pdbx_audit_revision_category.data_content_type 
_pdbx_audit_revision_category.category 
1  4 'Structure model' diffrn_detector                
2  4 'Structure model' pdbx_database_status           
3  5 'Structure model' atom_site                      
4  5 'Structure model' database_2                     
5  5 'Structure model' pdbx_initial_refinement_model  
6  5 'Structure model' struct_conn                    
7  5 'Structure model' struct_conn_type               
8  5 'Structure model' struct_site                    
9  6 'Structure model' atom_site                      
10 6 'Structure model' chem_comp_atom                 
11 6 'Structure model' chem_comp_bond                 
12 6 'Structure model' pdbx_struct_special_symmetry   
13 6 'Structure model' pdbx_validate_main_chain_plane 
14 6 'Structure model' pdbx_validate_rmsd_angle       
15 6 'Structure model' pdbx_validate_symm_contact     
16 6 'Structure model' struct_conn                    
# 
loop_
_pdbx_audit_revision_item.ordinal 
_pdbx_audit_revision_item.revision_ordinal 
_pdbx_audit_revision_item.data_content_type 
_pdbx_audit_revision_item.item 
1  4 'Structure model' '_diffrn_detector.detector'           
2  4 'Structure model' '_pdbx_database_status.process_site'  
3  5 'Structure model' '_atom_site.occupancy'                
4  5 'Structure model' '_database_2.pdbx_DOI'                
5  5 'Structure model' '_database_2.pdbx_database_accession' 
6  5 'Structure model' '_struct_conn.conn_type_id'           
7  5 'Structure model' '_struct_conn.id'                     
8  5 'Structure model' '_struct_conn.pdbx_dist_value'        
9  5 'Structure model' '_struct_conn.pdbx_leaving_atom_flag' 
10 5 'Structure model' '_struct_conn.ptnr1_auth_asym_id'     
11 5 'Structure model' '_struct_conn.ptnr1_auth_comp_id'     
12 5 'Structure model' '_struct_conn.ptnr1_auth_seq_id'      
13 5 'Structure model' '_struct_conn.ptnr1_label_asym_id'    
14 5 'Structure model' '_struct_conn.ptnr1_label_atom_id'    
15 5 'Structure model' '_struct_conn.ptnr1_label_comp_id'    
16 5 'Structure model' '_struct_conn.ptnr1_label_seq_id'     
17 5 'Structure model' '_struct_conn.ptnr2_auth_asym_id'     
18 5 'Structure model' '_struct_conn.ptnr2_auth_comp_id'     
19 5 'Structure model' '_struct_conn.ptnr2_auth_seq_id'      
20 5 'Structure model' '_struct_conn.ptnr2_label_asym_id'    
21 5 'Structure model' '_struct_conn.ptnr2_label_atom_id'    
22 5 'Structure model' '_struct_conn.ptnr2_label_comp_id'    
23 5 'Structure model' '_struct_conn.ptnr2_label_seq_id'     
24 5 'Structure model' '_struct_conn_type.id'                
25 5 'Structure model' '_struct_site.pdbx_auth_asym_id'      
26 5 'Structure model' '_struct_site.pdbx_auth_comp_id'      
27 5 'Structure model' '_struct_site.pdbx_auth_seq_id'       
28 6 'Structure model' '_atom_site.auth_atom_id'             
29 6 'Structure model' '_atom_site.label_atom_id'            
30 6 'Structure model' '_struct_conn.pdbx_leaving_atom_flag' 
# 
loop_
_software.name 
_software.classification 
_software.version 
_software.citation_id 
_software.pdbx_ordinal 
TFFC   'model building' .   ? 1 
TNT    refinement       4-A ? 2 
MADNES 'data reduction' .   ? 3 
CCP4   'data scaling'   .   ? 4 
TFFC   phasing          .   ? 5 
# 
loop_
_pdbx_validate_symm_contact.id 
_pdbx_validate_symm_contact.PDB_model_num 
_pdbx_validate_symm_contact.auth_atom_id_1 
_pdbx_validate_symm_contact.auth_asym_id_1 
_pdbx_validate_symm_contact.auth_comp_id_1 
_pdbx_validate_symm_contact.auth_seq_id_1 
_pdbx_validate_symm_contact.PDB_ins_code_1 
_pdbx_validate_symm_contact.label_alt_id_1 
_pdbx_validate_symm_contact.site_symmetry_1 
_pdbx_validate_symm_contact.auth_atom_id_2 
_pdbx_validate_symm_contact.auth_asym_id_2 
_pdbx_validate_symm_contact.auth_comp_id_2 
_pdbx_validate_symm_contact.auth_seq_id_2 
_pdbx_validate_symm_contact.PDB_ins_code_2 
_pdbx_validate_symm_contact.label_alt_id_2 
_pdbx_validate_symm_contact.site_symmetry_2 
_pdbx_validate_symm_contact.dist 
1 1 O  E HOH 242 ? ? 1_555 O E HOH 242 ? ? 3_758 0.95 
2 1 OG E SER 141 ? ? 1_555 O E HOH 211 ? ? 8_458 2.19 
# 
_pdbx_validate_rmsd_angle.id                         1 
_pdbx_validate_rmsd_angle.PDB_model_num              1 
_pdbx_validate_rmsd_angle.auth_atom_id_1             CA 
_pdbx_validate_rmsd_angle.auth_asym_id_1             I 
_pdbx_validate_rmsd_angle.auth_comp_id_1             BE2 
_pdbx_validate_rmsd_angle.auth_seq_id_1              1 
_pdbx_validate_rmsd_angle.PDB_ins_code_1             ? 
_pdbx_validate_rmsd_angle.label_alt_id_1             ? 
_pdbx_validate_rmsd_angle.auth_atom_id_2             C 
_pdbx_validate_rmsd_angle.auth_asym_id_2             I 
_pdbx_validate_rmsd_angle.auth_comp_id_2             BE2 
_pdbx_validate_rmsd_angle.auth_seq_id_2              1 
_pdbx_validate_rmsd_angle.PDB_ins_code_2             ? 
_pdbx_validate_rmsd_angle.label_alt_id_2             ? 
_pdbx_validate_rmsd_angle.auth_atom_id_3             N 
_pdbx_validate_rmsd_angle.auth_asym_id_3             I 
_pdbx_validate_rmsd_angle.auth_comp_id_3             GLU 
_pdbx_validate_rmsd_angle.auth_seq_id_3              2 
_pdbx_validate_rmsd_angle.PDB_ins_code_3             ? 
_pdbx_validate_rmsd_angle.label_alt_id_3             ? 
_pdbx_validate_rmsd_angle.angle_value                142.29 
_pdbx_validate_rmsd_angle.angle_target_value         117.20 
_pdbx_validate_rmsd_angle.angle_deviation            25.09 
_pdbx_validate_rmsd_angle.angle_standard_deviation   2.20 
_pdbx_validate_rmsd_angle.linker_flag                Y 
# 
_pdbx_validate_torsion.id              1 
_pdbx_validate_torsion.PDB_model_num   1 
_pdbx_validate_torsion.auth_comp_id    TRP 
_pdbx_validate_torsion.auth_asym_id    E 
_pdbx_validate_torsion.auth_seq_id     121 
_pdbx_validate_torsion.PDB_ins_code    ? 
_pdbx_validate_torsion.label_alt_id    ? 
_pdbx_validate_torsion.phi             -125.54 
_pdbx_validate_torsion.psi             -79.58 
# 
_pdbx_validate_main_chain_plane.id                       1 
_pdbx_validate_main_chain_plane.PDB_model_num            1 
_pdbx_validate_main_chain_plane.auth_comp_id             BE2 
_pdbx_validate_main_chain_plane.auth_asym_id             I 
_pdbx_validate_main_chain_plane.auth_seq_id              1 
_pdbx_validate_main_chain_plane.PDB_ins_code             ? 
_pdbx_validate_main_chain_plane.label_alt_id             ? 
_pdbx_validate_main_chain_plane.improper_torsion_angle   -11.91 
# 
loop_
_pdbx_unobs_or_zero_occ_atoms.id 
_pdbx_unobs_or_zero_occ_atoms.PDB_model_num 
_pdbx_unobs_or_zero_occ_atoms.polymer_flag 
_pdbx_unobs_or_zero_occ_atoms.occupancy_flag 
_pdbx_unobs_or_zero_occ_atoms.auth_asym_id 
_pdbx_unobs_or_zero_occ_atoms.auth_comp_id 
_pdbx_unobs_or_zero_occ_atoms.auth_seq_id 
_pdbx_unobs_or_zero_occ_atoms.PDB_ins_code 
_pdbx_unobs_or_zero_occ_atoms.auth_atom_id 
_pdbx_unobs_or_zero_occ_atoms.label_alt_id 
_pdbx_unobs_or_zero_occ_atoms.label_asym_id 
_pdbx_unobs_or_zero_occ_atoms.label_comp_id 
_pdbx_unobs_or_zero_occ_atoms.label_seq_id 
_pdbx_unobs_or_zero_occ_atoms.label_atom_id 
1 1 Y 1 E LYS 56 ? CG ? A LYS 1 CG 
2 1 Y 1 E LYS 56 ? CD ? A LYS 1 CD 
3 1 Y 1 E LYS 56 ? CE ? A LYS 1 CE 
4 1 Y 1 E LYS 56 ? NZ ? A LYS 1 NZ 
# 
loop_
_chem_comp_atom.comp_id 
_chem_comp_atom.atom_id 
_chem_comp_atom.type_symbol 
_chem_comp_atom.pdbx_aromatic_flag 
_chem_comp_atom.pdbx_stereo_config 
_chem_comp_atom.pdbx_ordinal 
ALA N    N  N N 1   
ALA CA   C  N S 2   
ALA C    C  N N 3   
ALA O    O  N N 4   
ALA CB   C  N N 5   
ALA OXT  O  N N 6   
ALA H    H  N N 7   
ALA H2   H  N N 8   
ALA HA   H  N N 9   
ALA HB1  H  N N 10  
ALA HB2  H  N N 11  
ALA HB3  H  N N 12  
ALA HXT  H  N N 13  
ARG N    N  N N 14  
ARG CA   C  N S 15  
ARG C    C  N N 16  
ARG O    O  N N 17  
ARG CB   C  N N 18  
ARG CG   C  N N 19  
ARG CD   C  N N 20  
ARG NE   N  N N 21  
ARG CZ   C  N N 22  
ARG NH1  N  N N 23  
ARG NH2  N  N N 24  
ARG OXT  O  N N 25  
ARG H    H  N N 26  
ARG H2   H  N N 27  
ARG HA   H  N N 28  
ARG HB2  H  N N 29  
ARG HB3  H  N N 30  
ARG HG2  H  N N 31  
ARG HG3  H  N N 32  
ARG HD2  H  N N 33  
ARG HD3  H  N N 34  
ARG HE   H  N N 35  
ARG HH11 H  N N 36  
ARG HH12 H  N N 37  
ARG HH21 H  N N 38  
ARG HH22 H  N N 39  
ARG HXT  H  N N 40  
ASN N    N  N N 41  
ASN CA   C  N S 42  
ASN C    C  N N 43  
ASN O    O  N N 44  
ASN CB   C  N N 45  
ASN CG   C  N N 46  
ASN OD1  O  N N 47  
ASN ND2  N  N N 48  
ASN OXT  O  N N 49  
ASN H    H  N N 50  
ASN H2   H  N N 51  
ASN HA   H  N N 52  
ASN HB2  H  N N 53  
ASN HB3  H  N N 54  
ASN HD21 H  N N 55  
ASN HD22 H  N N 56  
ASN HXT  H  N N 57  
ASP N    N  N N 58  
ASP CA   C  N S 59  
ASP C    C  N N 60  
ASP O    O  N N 61  
ASP CB   C  N N 62  
ASP CG   C  N N 63  
ASP OD1  O  N N 64  
ASP OD2  O  N N 65  
ASP OXT  O  N N 66  
ASP H    H  N N 67  
ASP H2   H  N N 68  
ASP HA   H  N N 69  
ASP HB2  H  N N 70  
ASP HB3  H  N N 71  
ASP HD2  H  N N 72  
ASP HXT  H  N N 73  
BE2 C    C  N N 74  
BE2 O    O  N N 75  
BE2 OXT  O  N N 76  
BE2 C1   C  Y N 77  
BE2 CA   C  Y N 78  
BE2 C3   C  Y N 79  
BE2 N    N  N N 80  
BE2 C4   C  Y N 81  
BE2 C5   C  Y N 82  
BE2 C6   C  Y N 83  
BE2 HXT  H  N N 84  
BE2 H3   H  N N 85  
BE2 H    H  N N 86  
BE2 H2   H  N N 87  
BE2 H4   H  N N 88  
BE2 H5   H  N N 89  
BE2 H6   H  N N 90  
GLN N    N  N N 91  
GLN CA   C  N S 92  
GLN C    C  N N 93  
GLN O    O  N N 94  
GLN CB   C  N N 95  
GLN CG   C  N N 96  
GLN CD   C  N N 97  
GLN OE1  O  N N 98  
GLN NE2  N  N N 99  
GLN OXT  O  N N 100 
GLN H    H  N N 101 
GLN H2   H  N N 102 
GLN HA   H  N N 103 
GLN HB2  H  N N 104 
GLN HB3  H  N N 105 
GLN HG2  H  N N 106 
GLN HG3  H  N N 107 
GLN HE21 H  N N 108 
GLN HE22 H  N N 109 
GLN HXT  H  N N 110 
GLU N    N  N N 111 
GLU CA   C  N S 112 
GLU C    C  N N 113 
GLU O    O  N N 114 
GLU CB   C  N N 115 
GLU CG   C  N N 116 
GLU CD   C  N N 117 
GLU OE1  O  N N 118 
GLU OE2  O  N N 119 
GLU OXT  O  N N 120 
GLU H    H  N N 121 
GLU H2   H  N N 122 
GLU HA   H  N N 123 
GLU HB2  H  N N 124 
GLU HB3  H  N N 125 
GLU HG2  H  N N 126 
GLU HG3  H  N N 127 
GLU HE2  H  N N 128 
GLU HXT  H  N N 129 
GLY N    N  N N 130 
GLY CA   C  N N 131 
GLY C    C  N N 132 
GLY O    O  N N 133 
GLY OXT  O  N N 134 
GLY H    H  N N 135 
GLY H2   H  N N 136 
GLY HA2  H  N N 137 
GLY HA3  H  N N 138 
GLY HXT  H  N N 139 
HIS N    N  N N 140 
HIS CA   C  N S 141 
HIS C    C  N N 142 
HIS O    O  N N 143 
HIS CB   C  N N 144 
HIS CG   C  Y N 145 
HIS ND1  N  Y N 146 
HIS CD2  C  Y N 147 
HIS CE1  C  Y N 148 
HIS NE2  N  Y N 149 
HIS OXT  O  N N 150 
HIS H    H  N N 151 
HIS H2   H  N N 152 
HIS HA   H  N N 153 
HIS HB2  H  N N 154 
HIS HB3  H  N N 155 
HIS HD1  H  N N 156 
HIS HD2  H  N N 157 
HIS HE1  H  N N 158 
HIS HE2  H  N N 159 
HIS HXT  H  N N 160 
HOH O    O  N N 161 
HOH H1   H  N N 162 
HOH H2   H  N N 163 
ILE N    N  N N 164 
ILE CA   C  N S 165 
ILE C    C  N N 166 
ILE O    O  N N 167 
ILE CB   C  N S 168 
ILE CG1  C  N N 169 
ILE CG2  C  N N 170 
ILE CD1  C  N N 171 
ILE OXT  O  N N 172 
ILE H    H  N N 173 
ILE H2   H  N N 174 
ILE HA   H  N N 175 
ILE HB   H  N N 176 
ILE HG12 H  N N 177 
ILE HG13 H  N N 178 
ILE HG21 H  N N 179 
ILE HG22 H  N N 180 
ILE HG23 H  N N 181 
ILE HD11 H  N N 182 
ILE HD12 H  N N 183 
ILE HD13 H  N N 184 
ILE HXT  H  N N 185 
LEU N    N  N N 186 
LEU CA   C  N S 187 
LEU C    C  N N 188 
LEU O    O  N N 189 
LEU CB   C  N N 190 
LEU CG   C  N N 191 
LEU CD1  C  N N 192 
LEU CD2  C  N N 193 
LEU OXT  O  N N 194 
LEU H    H  N N 195 
LEU H2   H  N N 196 
LEU HA   H  N N 197 
LEU HB2  H  N N 198 
LEU HB3  H  N N 199 
LEU HG   H  N N 200 
LEU HD11 H  N N 201 
LEU HD12 H  N N 202 
LEU HD13 H  N N 203 
LEU HD21 H  N N 204 
LEU HD22 H  N N 205 
LEU HD23 H  N N 206 
LEU HXT  H  N N 207 
LYS N    N  N N 208 
LYS CA   C  N S 209 
LYS C    C  N N 210 
LYS O    O  N N 211 
LYS CB   C  N N 212 
LYS CG   C  N N 213 
LYS CD   C  N N 214 
LYS CE   C  N N 215 
LYS NZ   N  N N 216 
LYS OXT  O  N N 217 
LYS H    H  N N 218 
LYS H2   H  N N 219 
LYS HA   H  N N 220 
LYS HB2  H  N N 221 
LYS HB3  H  N N 222 
LYS HG2  H  N N 223 
LYS HG3  H  N N 224 
LYS HD2  H  N N 225 
LYS HD3  H  N N 226 
LYS HE2  H  N N 227 
LYS HE3  H  N N 228 
LYS HZ1  H  N N 229 
LYS HZ2  H  N N 230 
LYS HZ3  H  N N 231 
LYS HXT  H  N N 232 
MET N    N  N N 233 
MET CA   C  N S 234 
MET C    C  N N 235 
MET O    O  N N 236 
MET CB   C  N N 237 
MET CG   C  N N 238 
MET SD   S  N N 239 
MET CE   C  N N 240 
MET OXT  O  N N 241 
MET H    H  N N 242 
MET H2   H  N N 243 
MET HA   H  N N 244 
MET HB2  H  N N 245 
MET HB3  H  N N 246 
MET HG2  H  N N 247 
MET HG3  H  N N 248 
MET HE1  H  N N 249 
MET HE2  H  N N 250 
MET HE3  H  N N 251 
MET HXT  H  N N 252 
NH2 N    N  N N 253 
NH2 HN1  H  N N 254 
NH2 HN2  H  N N 255 
PHE N    N  N N 256 
PHE CA   C  N S 257 
PHE C    C  N N 258 
PHE O    O  N N 259 
PHE CB   C  N N 260 
PHE CG   C  Y N 261 
PHE CD1  C  Y N 262 
PHE CD2  C  Y N 263 
PHE CE1  C  Y N 264 
PHE CE2  C  Y N 265 
PHE CZ   C  Y N 266 
PHE OXT  O  N N 267 
PHE H    H  N N 268 
PHE H2   H  N N 269 
PHE HA   H  N N 270 
PHE HB2  H  N N 271 
PHE HB3  H  N N 272 
PHE HD1  H  N N 273 
PHE HD2  H  N N 274 
PHE HE1  H  N N 275 
PHE HE2  H  N N 276 
PHE HZ   H  N N 277 
PHE HXT  H  N N 278 
PRO N    N  N N 279 
PRO CA   C  N S 280 
PRO C    C  N N 281 
PRO O    O  N N 282 
PRO CB   C  N N 283 
PRO CG   C  N N 284 
PRO CD   C  N N 285 
PRO OXT  O  N N 286 
PRO H    H  N N 287 
PRO HA   H  N N 288 
PRO HB2  H  N N 289 
PRO HB3  H  N N 290 
PRO HG2  H  N N 291 
PRO HG3  H  N N 292 
PRO HD2  H  N N 293 
PRO HD3  H  N N 294 
PRO HXT  H  N N 295 
PTR N    N  N N 296 
PTR CA   C  N S 297 
PTR C    C  N N 298 
PTR O    O  N N 299 
PTR OXT  O  N N 300 
PTR CB   C  N N 301 
PTR CG   C  Y N 302 
PTR CD1  C  Y N 303 
PTR CD2  C  Y N 304 
PTR CE1  C  Y N 305 
PTR CE2  C  Y N 306 
PTR CZ   C  Y N 307 
PTR OH   O  N N 308 
PTR P    P  N N 309 
PTR O1P  O  N N 310 
PTR O2P  O  N N 311 
PTR O3P  O  N N 312 
PTR H    H  N N 313 
PTR H2   H  N N 314 
PTR HA   H  N N 315 
PTR HXT  H  N N 316 
PTR HB2  H  N N 317 
PTR HB3  H  N N 318 
PTR HD1  H  N N 319 
PTR HD2  H  N N 320 
PTR HE1  H  N N 321 
PTR HE2  H  N N 322 
PTR HO2P H  N N 323 
PTR HO3P H  N N 324 
SER N    N  N N 325 
SER CA   C  N S 326 
SER C    C  N N 327 
SER O    O  N N 328 
SER CB   C  N N 329 
SER OG   O  N N 330 
SER OXT  O  N N 331 
SER H    H  N N 332 
SER H2   H  N N 333 
SER HA   H  N N 334 
SER HB2  H  N N 335 
SER HB3  H  N N 336 
SER HG   H  N N 337 
SER HXT  H  N N 338 
THR N    N  N N 339 
THR CA   C  N S 340 
THR C    C  N N 341 
THR O    O  N N 342 
THR CB   C  N R 343 
THR OG1  O  N N 344 
THR CG2  C  N N 345 
THR OXT  O  N N 346 
THR H    H  N N 347 
THR H2   H  N N 348 
THR HA   H  N N 349 
THR HB   H  N N 350 
THR HG1  H  N N 351 
THR HG21 H  N N 352 
THR HG22 H  N N 353 
THR HG23 H  N N 354 
THR HXT  H  N N 355 
TRP N    N  N N 356 
TRP CA   C  N S 357 
TRP C    C  N N 358 
TRP O    O  N N 359 
TRP CB   C  N N 360 
TRP CG   C  Y N 361 
TRP CD1  C  Y N 362 
TRP CD2  C  Y N 363 
TRP NE1  N  Y N 364 
TRP CE2  C  Y N 365 
TRP CE3  C  Y N 366 
TRP CZ2  C  Y N 367 
TRP CZ3  C  Y N 368 
TRP CH2  C  Y N 369 
TRP OXT  O  N N 370 
TRP H    H  N N 371 
TRP H2   H  N N 372 
TRP HA   H  N N 373 
TRP HB2  H  N N 374 
TRP HB3  H  N N 375 
TRP HD1  H  N N 376 
TRP HE1  H  N N 377 
TRP HE3  H  N N 378 
TRP HZ2  H  N N 379 
TRP HZ3  H  N N 380 
TRP HH2  H  N N 381 
TRP HXT  H  N N 382 
TYR N    N  N N 383 
TYR CA   C  N S 384 
TYR C    C  N N 385 
TYR O    O  N N 386 
TYR CB   C  N N 387 
TYR CG   C  Y N 388 
TYR CD1  C  Y N 389 
TYR CD2  C  Y N 390 
TYR CE1  C  Y N 391 
TYR CE2  C  Y N 392 
TYR CZ   C  Y N 393 
TYR OH   O  N N 394 
TYR OXT  O  N N 395 
TYR H    H  N N 396 
TYR H2   H  N N 397 
TYR HA   H  N N 398 
TYR HB2  H  N N 399 
TYR HB3  H  N N 400 
TYR HD1  H  N N 401 
TYR HD2  H  N N 402 
TYR HE1  H  N N 403 
TYR HE2  H  N N 404 
TYR HH   H  N N 405 
TYR HXT  H  N N 406 
VAL N    N  N N 407 
VAL CA   C  N S 408 
VAL C    C  N N 409 
VAL O    O  N N 410 
VAL CB   C  N N 411 
VAL CG1  C  N N 412 
VAL CG2  C  N N 413 
VAL OXT  O  N N 414 
VAL H    H  N N 415 
VAL H2   H  N N 416 
VAL HA   H  N N 417 
VAL HB   H  N N 418 
VAL HG11 H  N N 419 
VAL HG12 H  N N 420 
VAL HG13 H  N N 421 
VAL HG21 H  N N 422 
VAL HG22 H  N N 423 
VAL HG23 H  N N 424 
VAL HXT  H  N N 425 
ZN  ZN   ZN N N 426 
# 
loop_
_chem_comp_bond.comp_id 
_chem_comp_bond.atom_id_1 
_chem_comp_bond.atom_id_2 
_chem_comp_bond.value_order 
_chem_comp_bond.pdbx_aromatic_flag 
_chem_comp_bond.pdbx_stereo_config 
_chem_comp_bond.pdbx_ordinal 
ALA N   CA   sing N N 1   
ALA N   H    sing N N 2   
ALA N   H2   sing N N 3   
ALA CA  C    sing N N 4   
ALA CA  CB   sing N N 5   
ALA CA  HA   sing N N 6   
ALA C   O    doub N N 7   
ALA C   OXT  sing N N 8   
ALA CB  HB1  sing N N 9   
ALA CB  HB2  sing N N 10  
ALA CB  HB3  sing N N 11  
ALA OXT HXT  sing N N 12  
ARG N   CA   sing N N 13  
ARG N   H    sing N N 14  
ARG N   H2   sing N N 15  
ARG CA  C    sing N N 16  
ARG CA  CB   sing N N 17  
ARG CA  HA   sing N N 18  
ARG C   O    doub N N 19  
ARG C   OXT  sing N N 20  
ARG CB  CG   sing N N 21  
ARG CB  HB2  sing N N 22  
ARG CB  HB3  sing N N 23  
ARG CG  CD   sing N N 24  
ARG CG  HG2  sing N N 25  
ARG CG  HG3  sing N N 26  
ARG CD  NE   sing N N 27  
ARG CD  HD2  sing N N 28  
ARG CD  HD3  sing N N 29  
ARG NE  CZ   sing N N 30  
ARG NE  HE   sing N N 31  
ARG CZ  NH1  sing N N 32  
ARG CZ  NH2  doub N N 33  
ARG NH1 HH11 sing N N 34  
ARG NH1 HH12 sing N N 35  
ARG NH2 HH21 sing N N 36  
ARG NH2 HH22 sing N N 37  
ARG OXT HXT  sing N N 38  
ASN N   CA   sing N N 39  
ASN N   H    sing N N 40  
ASN N   H2   sing N N 41  
ASN CA  C    sing N N 42  
ASN CA  CB   sing N N 43  
ASN CA  HA   sing N N 44  
ASN C   O    doub N N 45  
ASN C   OXT  sing N N 46  
ASN CB  CG   sing N N 47  
ASN CB  HB2  sing N N 48  
ASN CB  HB3  sing N N 49  
ASN CG  OD1  doub N N 50  
ASN CG  ND2  sing N N 51  
ASN ND2 HD21 sing N N 52  
ASN ND2 HD22 sing N N 53  
ASN OXT HXT  sing N N 54  
ASP N   CA   sing N N 55  
ASP N   H    sing N N 56  
ASP N   H2   sing N N 57  
ASP CA  C    sing N N 58  
ASP CA  CB   sing N N 59  
ASP CA  HA   sing N N 60  
ASP C   O    doub N N 61  
ASP C   OXT  sing N N 62  
ASP CB  CG   sing N N 63  
ASP CB  HB2  sing N N 64  
ASP CB  HB3  sing N N 65  
ASP CG  OD1  doub N N 66  
ASP CG  OD2  sing N N 67  
ASP OD2 HD2  sing N N 68  
ASP OXT HXT  sing N N 69  
BE2 C   O    doub N N 70  
BE2 C   OXT  sing N N 71  
BE2 C   C1   sing N N 72  
BE2 OXT HXT  sing N N 73  
BE2 C1  CA   doub Y N 74  
BE2 C1  C6   sing Y N 75  
BE2 CA  C3   sing Y N 76  
BE2 CA  N    sing N N 77  
BE2 C3  C4   doub Y N 78  
BE2 C3  H3   sing N N 79  
BE2 N   H    sing N N 80  
BE2 N   H2   sing N N 81  
BE2 C4  C5   sing Y N 82  
BE2 C4  H4   sing N N 83  
BE2 C5  C6   doub Y N 84  
BE2 C5  H5   sing N N 85  
BE2 C6  H6   sing N N 86  
GLN N   CA   sing N N 87  
GLN N   H    sing N N 88  
GLN N   H2   sing N N 89  
GLN CA  C    sing N N 90  
GLN CA  CB   sing N N 91  
GLN CA  HA   sing N N 92  
GLN C   O    doub N N 93  
GLN C   OXT  sing N N 94  
GLN CB  CG   sing N N 95  
GLN CB  HB2  sing N N 96  
GLN CB  HB3  sing N N 97  
GLN CG  CD   sing N N 98  
GLN CG  HG2  sing N N 99  
GLN CG  HG3  sing N N 100 
GLN CD  OE1  doub N N 101 
GLN CD  NE2  sing N N 102 
GLN NE2 HE21 sing N N 103 
GLN NE2 HE22 sing N N 104 
GLN OXT HXT  sing N N 105 
GLU N   CA   sing N N 106 
GLU N   H    sing N N 107 
GLU N   H2   sing N N 108 
GLU CA  C    sing N N 109 
GLU CA  CB   sing N N 110 
GLU CA  HA   sing N N 111 
GLU C   O    doub N N 112 
GLU C   OXT  sing N N 113 
GLU CB  CG   sing N N 114 
GLU CB  HB2  sing N N 115 
GLU CB  HB3  sing N N 116 
GLU CG  CD   sing N N 117 
GLU CG  HG2  sing N N 118 
GLU CG  HG3  sing N N 119 
GLU CD  OE1  doub N N 120 
GLU CD  OE2  sing N N 121 
GLU OE2 HE2  sing N N 122 
GLU OXT HXT  sing N N 123 
GLY N   CA   sing N N 124 
GLY N   H    sing N N 125 
GLY N   H2   sing N N 126 
GLY CA  C    sing N N 127 
GLY CA  HA2  sing N N 128 
GLY CA  HA3  sing N N 129 
GLY C   O    doub N N 130 
GLY C   OXT  sing N N 131 
GLY OXT HXT  sing N N 132 
HIS N   CA   sing N N 133 
HIS N   H    sing N N 134 
HIS N   H2   sing N N 135 
HIS CA  C    sing N N 136 
HIS CA  CB   sing N N 137 
HIS CA  HA   sing N N 138 
HIS C   O    doub N N 139 
HIS C   OXT  sing N N 140 
HIS CB  CG   sing N N 141 
HIS CB  HB2  sing N N 142 
HIS CB  HB3  sing N N 143 
HIS CG  ND1  sing Y N 144 
HIS CG  CD2  doub Y N 145 
HIS ND1 CE1  doub Y N 146 
HIS ND1 HD1  sing N N 147 
HIS CD2 NE2  sing Y N 148 
HIS CD2 HD2  sing N N 149 
HIS CE1 NE2  sing Y N 150 
HIS CE1 HE1  sing N N 151 
HIS NE2 HE2  sing N N 152 
HIS OXT HXT  sing N N 153 
HOH O   H1   sing N N 154 
HOH O   H2   sing N N 155 
ILE N   CA   sing N N 156 
ILE N   H    sing N N 157 
ILE N   H2   sing N N 158 
ILE CA  C    sing N N 159 
ILE CA  CB   sing N N 160 
ILE CA  HA   sing N N 161 
ILE C   O    doub N N 162 
ILE C   OXT  sing N N 163 
ILE CB  CG1  sing N N 164 
ILE CB  CG2  sing N N 165 
ILE CB  HB   sing N N 166 
ILE CG1 CD1  sing N N 167 
ILE CG1 HG12 sing N N 168 
ILE CG1 HG13 sing N N 169 
ILE CG2 HG21 sing N N 170 
ILE CG2 HG22 sing N N 171 
ILE CG2 HG23 sing N N 172 
ILE CD1 HD11 sing N N 173 
ILE CD1 HD12 sing N N 174 
ILE CD1 HD13 sing N N 175 
ILE OXT HXT  sing N N 176 
LEU N   CA   sing N N 177 
LEU N   H    sing N N 178 
LEU N   H2   sing N N 179 
LEU CA  C    sing N N 180 
LEU CA  CB   sing N N 181 
LEU CA  HA   sing N N 182 
LEU C   O    doub N N 183 
LEU C   OXT  sing N N 184 
LEU CB  CG   sing N N 185 
LEU CB  HB2  sing N N 186 
LEU CB  HB3  sing N N 187 
LEU CG  CD1  sing N N 188 
LEU CG  CD2  sing N N 189 
LEU CG  HG   sing N N 190 
LEU CD1 HD11 sing N N 191 
LEU CD1 HD12 sing N N 192 
LEU CD1 HD13 sing N N 193 
LEU CD2 HD21 sing N N 194 
LEU CD2 HD22 sing N N 195 
LEU CD2 HD23 sing N N 196 
LEU OXT HXT  sing N N 197 
LYS N   CA   sing N N 198 
LYS N   H    sing N N 199 
LYS N   H2   sing N N 200 
LYS CA  C    sing N N 201 
LYS CA  CB   sing N N 202 
LYS CA  HA   sing N N 203 
LYS C   O    doub N N 204 
LYS C   OXT  sing N N 205 
LYS CB  CG   sing N N 206 
LYS CB  HB2  sing N N 207 
LYS CB  HB3  sing N N 208 
LYS CG  CD   sing N N 209 
LYS CG  HG2  sing N N 210 
LYS CG  HG3  sing N N 211 
LYS CD  CE   sing N N 212 
LYS CD  HD2  sing N N 213 
LYS CD  HD3  sing N N 214 
LYS CE  NZ   sing N N 215 
LYS CE  HE2  sing N N 216 
LYS CE  HE3  sing N N 217 
LYS NZ  HZ1  sing N N 218 
LYS NZ  HZ2  sing N N 219 
LYS NZ  HZ3  sing N N 220 
LYS OXT HXT  sing N N 221 
MET N   CA   sing N N 222 
MET N   H    sing N N 223 
MET N   H2   sing N N 224 
MET CA  C    sing N N 225 
MET CA  CB   sing N N 226 
MET CA  HA   sing N N 227 
MET C   O    doub N N 228 
MET C   OXT  sing N N 229 
MET CB  CG   sing N N 230 
MET CB  HB2  sing N N 231 
MET CB  HB3  sing N N 232 
MET CG  SD   sing N N 233 
MET CG  HG2  sing N N 234 
MET CG  HG3  sing N N 235 
MET SD  CE   sing N N 236 
MET CE  HE1  sing N N 237 
MET CE  HE2  sing N N 238 
MET CE  HE3  sing N N 239 
MET OXT HXT  sing N N 240 
NH2 N   HN1  sing N N 241 
NH2 N   HN2  sing N N 242 
PHE N   CA   sing N N 243 
PHE N   H    sing N N 244 
PHE N   H2   sing N N 245 
PHE CA  C    sing N N 246 
PHE CA  CB   sing N N 247 
PHE CA  HA   sing N N 248 
PHE C   O    doub N N 249 
PHE C   OXT  sing N N 250 
PHE CB  CG   sing N N 251 
PHE CB  HB2  sing N N 252 
PHE CB  HB3  sing N N 253 
PHE CG  CD1  doub Y N 254 
PHE CG  CD2  sing Y N 255 
PHE CD1 CE1  sing Y N 256 
PHE CD1 HD1  sing N N 257 
PHE CD2 CE2  doub Y N 258 
PHE CD2 HD2  sing N N 259 
PHE CE1 CZ   doub Y N 260 
PHE CE1 HE1  sing N N 261 
PHE CE2 CZ   sing Y N 262 
PHE CE2 HE2  sing N N 263 
PHE CZ  HZ   sing N N 264 
PHE OXT HXT  sing N N 265 
PRO N   CA   sing N N 266 
PRO N   CD   sing N N 267 
PRO N   H    sing N N 268 
PRO CA  C    sing N N 269 
PRO CA  CB   sing N N 270 
PRO CA  HA   sing N N 271 
PRO C   O    doub N N 272 
PRO C   OXT  sing N N 273 
PRO CB  CG   sing N N 274 
PRO CB  HB2  sing N N 275 
PRO CB  HB3  sing N N 276 
PRO CG  CD   sing N N 277 
PRO CG  HG2  sing N N 278 
PRO CG  HG3  sing N N 279 
PRO CD  HD2  sing N N 280 
PRO CD  HD3  sing N N 281 
PRO OXT HXT  sing N N 282 
PTR N   CA   sing N N 283 
PTR N   H    sing N N 284 
PTR N   H2   sing N N 285 
PTR CA  C    sing N N 286 
PTR CA  CB   sing N N 287 
PTR CA  HA   sing N N 288 
PTR C   O    doub N N 289 
PTR C   OXT  sing N N 290 
PTR OXT HXT  sing N N 291 
PTR CB  CG   sing N N 292 
PTR CB  HB2  sing N N 293 
PTR CB  HB3  sing N N 294 
PTR CG  CD1  doub Y N 295 
PTR CG  CD2  sing Y N 296 
PTR CD1 CE1  sing Y N 297 
PTR CD1 HD1  sing N N 298 
PTR CD2 CE2  doub Y N 299 
PTR CD2 HD2  sing N N 300 
PTR CE1 CZ   doub Y N 301 
PTR CE1 HE1  sing N N 302 
PTR CE2 CZ   sing Y N 303 
PTR CE2 HE2  sing N N 304 
PTR CZ  OH   sing N N 305 
PTR OH  P    sing N N 306 
PTR P   O1P  doub N N 307 
PTR P   O2P  sing N N 308 
PTR P   O3P  sing N N 309 
PTR O2P HO2P sing N N 310 
PTR O3P HO3P sing N N 311 
SER N   CA   sing N N 312 
SER N   H    sing N N 313 
SER N   H2   sing N N 314 
SER CA  C    sing N N 315 
SER CA  CB   sing N N 316 
SER CA  HA   sing N N 317 
SER C   O    doub N N 318 
SER C   OXT  sing N N 319 
SER CB  OG   sing N N 320 
SER CB  HB2  sing N N 321 
SER CB  HB3  sing N N 322 
SER OG  HG   sing N N 323 
SER OXT HXT  sing N N 324 
THR N   CA   sing N N 325 
THR N   H    sing N N 326 
THR N   H2   sing N N 327 
THR CA  C    sing N N 328 
THR CA  CB   sing N N 329 
THR CA  HA   sing N N 330 
THR C   O    doub N N 331 
THR C   OXT  sing N N 332 
THR CB  OG1  sing N N 333 
THR CB  CG2  sing N N 334 
THR CB  HB   sing N N 335 
THR OG1 HG1  sing N N 336 
THR CG2 HG21 sing N N 337 
THR CG2 HG22 sing N N 338 
THR CG2 HG23 sing N N 339 
THR OXT HXT  sing N N 340 
TRP N   CA   sing N N 341 
TRP N   H    sing N N 342 
TRP N   H2   sing N N 343 
TRP CA  C    sing N N 344 
TRP CA  CB   sing N N 345 
TRP CA  HA   sing N N 346 
TRP C   O    doub N N 347 
TRP C   OXT  sing N N 348 
TRP CB  CG   sing N N 349 
TRP CB  HB2  sing N N 350 
TRP CB  HB3  sing N N 351 
TRP CG  CD1  doub Y N 352 
TRP CG  CD2  sing Y N 353 
TRP CD1 NE1  sing Y N 354 
TRP CD1 HD1  sing N N 355 
TRP CD2 CE2  doub Y N 356 
TRP CD2 CE3  sing Y N 357 
TRP NE1 CE2  sing Y N 358 
TRP NE1 HE1  sing N N 359 
TRP CE2 CZ2  sing Y N 360 
TRP CE3 CZ3  doub Y N 361 
TRP CE3 HE3  sing N N 362 
TRP CZ2 CH2  doub Y N 363 
TRP CZ2 HZ2  sing N N 364 
TRP CZ3 CH2  sing Y N 365 
TRP CZ3 HZ3  sing N N 366 
TRP CH2 HH2  sing N N 367 
TRP OXT HXT  sing N N 368 
TYR N   CA   sing N N 369 
TYR N   H    sing N N 370 
TYR N   H2   sing N N 371 
TYR CA  C    sing N N 372 
TYR CA  CB   sing N N 373 
TYR CA  HA   sing N N 374 
TYR C   O    doub N N 375 
TYR C   OXT  sing N N 376 
TYR CB  CG   sing N N 377 
TYR CB  HB2  sing N N 378 
TYR CB  HB3  sing N N 379 
TYR CG  CD1  doub Y N 380 
TYR CG  CD2  sing Y N 381 
TYR CD1 CE1  sing Y N 382 
TYR CD1 HD1  sing N N 383 
TYR CD2 CE2  doub Y N 384 
TYR CD2 HD2  sing N N 385 
TYR CE1 CZ   doub Y N 386 
TYR CE1 HE1  sing N N 387 
TYR CE2 CZ   sing Y N 388 
TYR CE2 HE2  sing N N 389 
TYR CZ  OH   sing N N 390 
TYR OH  HH   sing N N 391 
TYR OXT HXT  sing N N 392 
VAL N   CA   sing N N 393 
VAL N   H    sing N N 394 
VAL N   H2   sing N N 395 
VAL CA  C    sing N N 396 
VAL CA  CB   sing N N 397 
VAL CA  HA   sing N N 398 
VAL C   O    doub N N 399 
VAL C   OXT  sing N N 400 
VAL CB  CG1  sing N N 401 
VAL CB  CG2  sing N N 402 
VAL CB  HB   sing N N 403 
VAL CG1 HG11 sing N N 404 
VAL CG1 HG12 sing N N 405 
VAL CG1 HG13 sing N N 406 
VAL CG2 HG21 sing N N 407 
VAL CG2 HG22 sing N N 408 
VAL CG2 HG23 sing N N 409 
VAL OXT HXT  sing N N 410 
# 
loop_
_pdbx_entity_nonpoly.entity_id 
_pdbx_entity_nonpoly.name 
_pdbx_entity_nonpoly.comp_id 
3 'ZINC ION' ZN  
4 water      HOH 
# 
_pdbx_initial_refinement_model.id               1 
_pdbx_initial_refinement_model.entity_id_list   ? 
_pdbx_initial_refinement_model.type             'experimental model' 
_pdbx_initial_refinement_model.source_name      PDB 
_pdbx_initial_refinement_model.accession_code   1LCJ 
_pdbx_initial_refinement_model.details          '1LCJ (LCK-SH2)' 
# 
